data_2KBI
#
_entry.id   2KBI
#
_entity_poly.entity_id   1
_entity_poly.type   'polypeptide(L)'
_entity_poly.pdbx_seq_one_letter_code
;GPGSENFSVATEESTEPLSEDDFDMFYEIWEKFDPEATQFIEYSVLSDFADALSEPLRIAKPNQISLINMDLPMVSGDRI
HCMDILFAFTKRVLGES
;
_entity_poly.pdbx_strand_id   A
#
# COMPACT_ATOMS: atom_id res chain seq x y z
N GLY A 1 42.79 18.62 2.23
CA GLY A 1 41.61 18.11 1.50
C GLY A 1 42.00 17.08 0.44
N PRO A 2 41.04 16.24 -0.01
CA PRO A 2 41.26 15.22 -1.03
C PRO A 2 41.44 15.80 -2.45
N GLY A 3 41.93 14.98 -3.37
CA GLY A 3 42.09 15.30 -4.81
C GLY A 3 40.86 14.94 -5.66
N SER A 4 40.96 15.16 -6.96
CA SER A 4 39.95 14.81 -7.99
C SER A 4 38.54 15.41 -7.75
N GLU A 5 38.47 16.56 -7.09
CA GLU A 5 37.29 17.38 -6.71
C GLU A 5 36.08 16.67 -6.07
N ASN A 6 35.38 15.80 -6.80
CA ASN A 6 34.27 14.97 -6.30
C ASN A 6 34.73 13.93 -5.25
N PHE A 7 35.97 13.44 -5.38
CA PHE A 7 36.71 12.43 -4.59
C PHE A 7 36.05 11.06 -4.29
N SER A 8 34.72 10.92 -4.38
CA SER A 8 33.97 9.69 -4.17
C SER A 8 33.95 8.77 -5.41
N VAL A 9 33.34 7.60 -5.26
CA VAL A 9 33.15 6.55 -6.29
C VAL A 9 31.67 6.10 -6.40
N ALA A 10 30.81 6.55 -5.49
CA ALA A 10 29.40 6.14 -5.35
C ALA A 10 28.48 7.32 -4.92
N THR A 11 27.21 7.01 -4.68
CA THR A 11 26.20 7.90 -4.06
C THR A 11 25.33 7.16 -3.04
N GLU A 12 24.45 7.88 -2.33
CA GLU A 12 23.56 7.38 -1.27
C GLU A 12 22.07 7.73 -1.47
N GLU A 13 21.75 8.53 -2.49
CA GLU A 13 20.39 8.94 -2.86
C GLU A 13 19.58 7.78 -3.48
N SER A 14 18.57 7.28 -2.76
CA SER A 14 17.68 6.20 -3.20
C SER A 14 16.78 6.57 -4.40
N THR A 15 16.27 5.56 -5.11
CA THR A 15 15.40 5.68 -6.29
C THR A 15 14.24 4.68 -6.23
N GLU A 16 13.06 5.13 -5.78
CA GLU A 16 11.82 4.35 -5.68
C GLU A 16 10.58 5.20 -6.05
N PRO A 17 9.43 4.59 -6.43
CA PRO A 17 8.24 5.34 -6.88
C PRO A 17 7.42 5.96 -5.74
N LEU A 18 7.56 5.46 -4.51
CA LEU A 18 6.84 5.95 -3.31
C LEU A 18 7.59 7.09 -2.60
N SER A 19 6.91 7.79 -1.69
CA SER A 19 7.47 8.78 -0.75
C SER A 19 6.85 8.67 0.66
N GLU A 20 7.39 9.44 1.62
CA GLU A 20 6.91 9.50 3.01
C GLU A 20 5.41 9.86 3.10
N ASP A 21 4.92 10.71 2.20
CA ASP A 21 3.52 11.15 2.13
C ASP A 21 2.54 10.00 1.84
N ASP A 22 2.96 8.98 1.08
CA ASP A 22 2.15 7.78 0.80
C ASP A 22 1.91 6.95 2.07
N PHE A 23 2.96 6.69 2.85
CA PHE A 23 2.89 5.98 4.13
C PHE A 23 2.11 6.77 5.19
N ASP A 24 2.33 8.08 5.28
CA ASP A 24 1.56 8.97 6.16
C ASP A 24 0.05 8.93 5.84
N MET A 25 -0.32 9.02 4.56
CA MET A 25 -1.70 8.83 4.07
C MET A 25 -2.26 7.45 4.42
N PHE A 26 -1.50 6.37 4.22
CA PHE A 26 -1.90 5.02 4.61
C PHE A 26 -2.26 4.93 6.10
N TYR A 27 -1.38 5.37 7.00
CA TYR A 27 -1.61 5.34 8.45
C TYR A 27 -2.75 6.29 8.91
N GLU A 28 -2.93 7.45 8.26
CA GLU A 28 -4.06 8.35 8.53
C GLU A 28 -5.41 7.68 8.25
N ILE A 29 -5.56 7.05 7.08
CA ILE A 29 -6.77 6.29 6.70
C ILE A 29 -6.93 5.00 7.52
N TRP A 30 -5.84 4.31 7.88
CA TRP A 30 -5.86 3.08 8.69
C TRP A 30 -6.61 3.24 10.03
N GLU A 31 -6.40 4.37 10.71
CA GLU A 31 -7.04 4.71 11.98
C GLU A 31 -8.58 4.76 11.93
N LYS A 32 -9.17 4.95 10.74
CA LYS A 32 -10.62 4.94 10.51
C LYS A 32 -11.26 3.55 10.61
N PHE A 33 -10.46 2.48 10.45
CA PHE A 33 -10.87 1.07 10.49
C PHE A 33 -10.24 0.29 11.66
N ASP A 34 -9.10 0.74 12.17
CA ASP A 34 -8.44 0.24 13.39
C ASP A 34 -8.12 1.42 14.35
N PRO A 35 -9.14 2.03 14.97
CA PRO A 35 -8.95 3.10 15.96
C PRO A 35 -8.34 2.59 17.28
N GLU A 36 -8.43 1.27 17.53
CA GLU A 36 -7.81 0.56 18.65
C GLU A 36 -6.29 0.33 18.47
N ALA A 37 -5.74 0.62 17.28
CA ALA A 37 -4.34 0.45 16.89
C ALA A 37 -3.81 -1.00 17.07
N THR A 38 -4.68 -2.01 16.99
CA THR A 38 -4.35 -3.45 17.09
C THR A 38 -3.45 -3.98 15.98
N GLN A 39 -3.32 -3.24 14.87
CA GLN A 39 -2.64 -3.59 13.62
C GLN A 39 -3.40 -4.66 12.79
N PHE A 40 -4.70 -4.89 13.05
CA PHE A 40 -5.54 -5.81 12.27
C PHE A 40 -6.87 -5.16 11.83
N ILE A 41 -7.41 -5.60 10.68
CA ILE A 41 -8.81 -5.40 10.26
C ILE A 41 -9.40 -6.69 9.66
N GLU A 42 -10.73 -6.78 9.58
CA GLU A 42 -11.44 -7.90 8.94
C GLU A 42 -11.45 -7.79 7.40
N TYR A 43 -11.49 -8.93 6.70
CA TYR A 43 -11.66 -8.96 5.23
C TYR A 43 -12.98 -8.31 4.77
N SER A 44 -14.00 -8.32 5.65
CA SER A 44 -15.31 -7.66 5.47
C SER A 44 -15.25 -6.13 5.40
N VAL A 45 -14.15 -5.50 5.83
CA VAL A 45 -13.91 -4.04 5.76
C VAL A 45 -12.63 -3.66 4.99
N LEU A 46 -11.81 -4.63 4.60
CA LEU A 46 -10.62 -4.45 3.77
C LEU A 46 -10.95 -3.77 2.42
N SER A 47 -12.11 -4.05 1.85
CA SER A 47 -12.60 -3.46 0.59
C SER A 47 -13.02 -1.99 0.74
N ASP A 48 -13.59 -1.63 1.89
CA ASP A 48 -13.85 -0.23 2.27
C ASP A 48 -12.54 0.53 2.55
N PHE A 49 -11.59 -0.08 3.28
CA PHE A 49 -10.24 0.48 3.49
C PHE A 49 -9.49 0.72 2.15
N ALA A 50 -9.47 -0.28 1.27
CA ALA A 50 -8.88 -0.20 -0.07
C ALA A 50 -9.45 0.95 -0.91
N ASP A 51 -10.73 1.28 -0.76
CA ASP A 51 -11.40 2.41 -1.44
C ASP A 51 -11.31 3.76 -0.66
N ALA A 52 -10.80 3.78 0.57
CA ALA A 52 -10.72 5.00 1.40
C ALA A 52 -9.40 5.77 1.22
N LEU A 53 -8.38 5.10 0.68
CA LEU A 53 -7.04 5.63 0.41
C LEU A 53 -7.04 6.61 -0.78
N SER A 54 -5.99 7.43 -0.86
CA SER A 54 -5.62 8.16 -2.09
C SER A 54 -4.78 7.26 -3.00
N GLU A 55 -4.74 7.59 -4.30
CA GLU A 55 -3.80 6.97 -5.25
C GLU A 55 -2.33 7.25 -4.85
N PRO A 56 -1.37 6.35 -5.15
CA PRO A 56 -1.54 5.07 -5.86
C PRO A 56 -1.98 3.90 -4.97
N LEU A 57 -1.97 4.03 -3.63
CA LEU A 57 -2.29 2.93 -2.71
C LEU A 57 -3.77 2.50 -2.75
N ARG A 58 -4.64 3.36 -3.23
CA ARG A 58 -6.05 3.11 -3.57
C ARG A 58 -6.23 1.91 -4.52
N ILE A 59 -7.29 1.14 -4.27
CA ILE A 59 -7.93 0.22 -5.22
C ILE A 59 -9.42 0.61 -5.29
N ALA A 60 -9.80 1.36 -6.32
CA ALA A 60 -11.13 1.94 -6.45
C ALA A 60 -12.24 0.87 -6.49
N LYS A 61 -13.27 1.02 -5.65
CA LYS A 61 -14.44 0.14 -5.57
C LYS A 61 -15.21 0.11 -6.91
N PRO A 62 -15.73 -1.07 -7.38
CA PRO A 62 -15.60 -2.40 -6.78
C PRO A 62 -14.18 -2.98 -6.89
N ASN A 63 -13.64 -3.45 -5.75
CA ASN A 63 -12.26 -3.93 -5.59
C ASN A 63 -12.15 -5.35 -5.02
N GLN A 64 -13.26 -6.00 -4.66
CA GLN A 64 -13.28 -7.35 -4.08
C GLN A 64 -12.58 -8.40 -4.96
N ILE A 65 -12.76 -8.33 -6.28
CA ILE A 65 -12.09 -9.21 -7.26
C ILE A 65 -10.56 -9.00 -7.24
N SER A 66 -10.10 -7.75 -7.16
CA SER A 66 -8.67 -7.41 -7.03
C SER A 66 -8.10 -8.02 -5.75
N LEU A 67 -8.74 -7.80 -4.59
CA LEU A 67 -8.35 -8.38 -3.29
C LEU A 67 -8.29 -9.92 -3.32
N ILE A 68 -9.27 -10.57 -3.94
CA ILE A 68 -9.30 -12.04 -4.13
C ILE A 68 -8.13 -12.54 -4.99
N ASN A 69 -7.70 -11.77 -5.99
CA ASN A 69 -6.55 -12.09 -6.85
C ASN A 69 -5.17 -11.76 -6.24
N MET A 70 -5.09 -10.96 -5.16
CA MET A 70 -3.85 -10.76 -4.39
C MET A 70 -3.50 -12.02 -3.59
N ASP A 71 -2.22 -12.15 -3.26
CA ASP A 71 -1.64 -13.18 -2.38
C ASP A 71 -1.73 -12.85 -0.87
N LEU A 72 -2.71 -12.02 -0.47
CA LEU A 72 -3.01 -11.62 0.90
C LEU A 72 -3.12 -12.82 1.87
N PRO A 73 -2.42 -12.80 3.02
CA PRO A 73 -2.58 -13.81 4.07
C PRO A 73 -3.86 -13.58 4.90
N MET A 74 -4.09 -14.42 5.91
CA MET A 74 -4.96 -14.16 7.06
C MET A 74 -4.28 -14.60 8.36
N VAL A 75 -4.58 -13.92 9.47
CA VAL A 75 -4.02 -14.21 10.81
C VAL A 75 -4.93 -15.09 11.69
N SER A 76 -6.20 -15.22 11.31
CA SER A 76 -7.28 -15.88 12.06
C SER A 76 -8.22 -16.74 11.19
N GLY A 77 -8.12 -16.64 9.86
CA GLY A 77 -9.13 -17.07 8.90
C GLY A 77 -10.21 -16.02 8.57
N ASP A 78 -10.14 -14.81 9.14
CA ASP A 78 -11.05 -13.68 8.82
C ASP A 78 -10.45 -12.26 8.94
N ARG A 79 -9.26 -12.09 9.55
CA ARG A 79 -8.52 -10.82 9.69
C ARG A 79 -7.16 -10.86 9.00
N ILE A 80 -6.61 -9.68 8.71
CA ILE A 80 -5.34 -9.45 8.00
C ILE A 80 -4.53 -8.36 8.73
N HIS A 81 -3.20 -8.52 8.75
CA HIS A 81 -2.25 -7.62 9.39
C HIS A 81 -1.90 -6.38 8.53
N CYS A 82 -1.78 -5.21 9.18
CA CYS A 82 -1.49 -3.90 8.61
C CYS A 82 -0.34 -3.88 7.59
N MET A 83 0.85 -4.36 7.97
CA MET A 83 2.04 -4.36 7.10
C MET A 83 1.86 -5.27 5.87
N ASP A 84 1.14 -6.38 6.00
CA ASP A 84 0.90 -7.32 4.90
C ASP A 84 -0.12 -6.79 3.89
N ILE A 85 -1.12 -6.05 4.35
CA ILE A 85 -2.04 -5.25 3.52
C ILE A 85 -1.23 -4.19 2.76
N LEU A 86 -0.44 -3.38 3.48
CA LEU A 86 0.44 -2.35 2.90
C LEU A 86 1.32 -2.92 1.78
N PHE A 87 2.07 -4.00 2.07
CA PHE A 87 2.88 -4.73 1.10
C PHE A 87 2.08 -5.16 -0.15
N ALA A 88 0.96 -5.85 0.01
CA ALA A 88 0.11 -6.26 -1.11
C ALA A 88 -0.40 -5.08 -1.95
N PHE A 89 -0.69 -3.93 -1.33
CA PHE A 89 -1.14 -2.71 -2.01
C PHE A 89 0.00 -1.97 -2.75
N THR A 90 1.23 -1.94 -2.21
CA THR A 90 2.40 -1.31 -2.85
C THR A 90 3.05 -2.17 -3.94
N LYS A 91 2.91 -3.50 -3.87
CA LYS A 91 3.42 -4.50 -4.83
C LYS A 91 3.09 -4.17 -6.30
N ARG A 92 1.87 -3.67 -6.54
CA ARG A 92 1.39 -3.12 -7.84
C ARG A 92 2.28 -1.97 -8.34
N VAL A 93 2.47 -0.96 -7.49
CA VAL A 93 3.25 0.29 -7.75
C VAL A 93 4.73 -0.03 -7.98
N LEU A 94 5.29 -0.94 -7.18
CA LEU A 94 6.66 -1.43 -7.28
C LEU A 94 6.91 -2.33 -8.50
N GLY A 95 5.86 -2.85 -9.14
CA GLY A 95 5.93 -3.70 -10.34
C GLY A 95 6.39 -5.15 -10.09
N GLU A 96 6.36 -5.61 -8.83
CA GLU A 96 6.84 -6.92 -8.40
C GLU A 96 5.82 -8.04 -8.71
N SER A 97 5.84 -8.54 -9.95
CA SER A 97 5.02 -9.66 -10.48
C SER A 97 5.86 -10.70 -11.23
N GLY A 1 25.29 15.66 5.00
CA GLY A 1 25.36 17.13 4.86
C GLY A 1 24.29 17.67 3.92
N PRO A 2 23.91 18.96 4.04
CA PRO A 2 22.85 19.57 3.23
C PRO A 2 23.25 19.91 1.78
N GLY A 3 24.54 19.95 1.45
CA GLY A 3 25.07 20.24 0.11
C GLY A 3 25.03 19.05 -0.86
N SER A 4 25.25 19.34 -2.15
CA SER A 4 25.26 18.36 -3.26
C SER A 4 26.56 17.54 -3.40
N GLU A 5 27.60 17.89 -2.64
CA GLU A 5 28.99 17.38 -2.67
C GLU A 5 29.73 17.62 -4.02
N ASN A 6 31.07 17.58 -3.99
CA ASN A 6 31.94 17.83 -5.14
C ASN A 6 31.85 16.76 -6.25
N PHE A 7 31.43 15.52 -5.91
CA PHE A 7 31.39 14.38 -6.83
C PHE A 7 30.17 13.46 -6.61
N SER A 8 29.85 12.67 -7.63
CA SER A 8 28.63 11.84 -7.76
C SER A 8 28.69 10.46 -7.06
N VAL A 9 29.65 10.25 -6.13
CA VAL A 9 30.00 8.96 -5.50
C VAL A 9 28.93 8.31 -4.59
N ALA A 10 27.78 8.96 -4.37
CA ALA A 10 26.67 8.45 -3.56
C ALA A 10 26.15 7.08 -4.05
N THR A 11 25.84 6.18 -3.11
CA THR A 11 25.52 4.76 -3.35
C THR A 11 24.17 4.54 -4.04
N GLU A 12 23.17 5.40 -3.76
CA GLU A 12 21.77 5.26 -4.21
C GLU A 12 21.14 6.59 -4.68
N GLU A 13 19.91 6.50 -5.24
CA GLU A 13 19.08 7.63 -5.67
C GLU A 13 17.58 7.32 -5.42
N SER A 14 16.78 8.36 -5.16
CA SER A 14 15.34 8.30 -4.81
C SER A 14 14.42 8.06 -6.03
N THR A 15 14.64 6.96 -6.75
CA THR A 15 13.93 6.55 -7.98
C THR A 15 12.55 5.89 -7.78
N GLU A 16 12.08 5.82 -6.52
CA GLU A 16 10.85 5.14 -6.11
C GLU A 16 9.56 5.81 -6.68
N PRO A 17 8.48 5.03 -6.96
CA PRO A 17 7.19 5.55 -7.42
C PRO A 17 6.31 6.11 -6.28
N LEU A 18 6.73 5.95 -5.03
CA LEU A 18 6.04 6.39 -3.80
C LEU A 18 6.96 7.28 -2.95
N SER A 19 6.38 8.05 -2.04
CA SER A 19 7.08 8.94 -1.09
C SER A 19 6.49 8.88 0.32
N GLU A 20 7.08 9.61 1.27
CA GLU A 20 6.71 9.62 2.70
C GLU A 20 5.22 9.94 2.94
N ASP A 21 4.65 10.83 2.13
CA ASP A 21 3.23 11.22 2.19
C ASP A 21 2.27 10.04 1.90
N ASP A 22 2.66 9.08 1.06
CA ASP A 22 1.84 7.90 0.72
C ASP A 22 1.76 6.91 1.90
N PHE A 23 2.90 6.67 2.56
CA PHE A 23 2.98 5.83 3.76
C PHE A 23 2.28 6.49 4.96
N ASP A 24 2.42 7.81 5.13
CA ASP A 24 1.70 8.60 6.13
C ASP A 24 0.18 8.54 5.90
N MET A 25 -0.29 8.72 4.66
CA MET A 25 -1.68 8.52 4.25
C MET A 25 -2.20 7.12 4.60
N PHE A 26 -1.44 6.06 4.30
CA PHE A 26 -1.82 4.68 4.64
C PHE A 26 -2.18 4.53 6.13
N TYR A 27 -1.26 4.90 7.04
CA TYR A 27 -1.50 4.79 8.49
C TYR A 27 -2.54 5.78 9.03
N GLU A 28 -2.70 6.96 8.44
CA GLU A 28 -3.77 7.91 8.78
C GLU A 28 -5.16 7.35 8.46
N ILE A 29 -5.35 6.79 7.26
CA ILE A 29 -6.59 6.14 6.82
C ILE A 29 -6.82 4.79 7.54
N TRP A 30 -5.76 4.06 7.89
CA TRP A 30 -5.81 2.79 8.64
C TRP A 30 -6.57 2.90 9.96
N GLU A 31 -6.30 3.96 10.73
CA GLU A 31 -6.90 4.23 12.04
C GLU A 31 -8.44 4.32 12.02
N LYS A 32 -9.01 4.69 10.86
CA LYS A 32 -10.45 4.79 10.61
C LYS A 32 -11.16 3.43 10.58
N PHE A 33 -10.40 2.35 10.37
CA PHE A 33 -10.86 0.94 10.33
C PHE A 33 -10.25 0.08 11.45
N ASP A 34 -9.17 0.54 12.08
CA ASP A 34 -8.53 -0.05 13.27
C ASP A 34 -8.57 0.94 14.46
N PRO A 35 -9.75 1.20 15.05
CA PRO A 35 -9.88 2.02 16.26
C PRO A 35 -9.34 1.32 17.52
N GLU A 36 -9.15 0.01 17.47
CA GLU A 36 -8.47 -0.81 18.48
C GLU A 36 -6.95 -0.58 18.52
N ALA A 37 -6.38 0.07 17.48
CA ALA A 37 -4.94 0.15 17.18
C ALA A 37 -4.20 -1.21 17.19
N THR A 38 -4.92 -2.32 17.00
CA THR A 38 -4.43 -3.70 17.15
C THR A 38 -3.54 -4.18 15.97
N GLN A 39 -3.40 -3.37 14.91
CA GLN A 39 -2.65 -3.63 13.68
C GLN A 39 -3.31 -4.68 12.76
N PHE A 40 -4.59 -5.00 13.00
CA PHE A 40 -5.41 -5.92 12.20
C PHE A 40 -6.76 -5.29 11.83
N ILE A 41 -7.33 -5.60 10.65
CA ILE A 41 -8.74 -5.33 10.28
C ILE A 41 -9.40 -6.56 9.66
N GLU A 42 -10.73 -6.62 9.66
CA GLU A 42 -11.52 -7.68 9.01
C GLU A 42 -11.54 -7.55 7.49
N TYR A 43 -11.61 -8.67 6.75
CA TYR A 43 -11.75 -8.66 5.28
C TYR A 43 -13.01 -7.90 4.82
N SER A 44 -14.07 -7.96 5.62
CA SER A 44 -15.37 -7.27 5.43
C SER A 44 -15.29 -5.74 5.47
N VAL A 45 -14.20 -5.14 5.96
CA VAL A 45 -13.93 -3.69 5.93
C VAL A 45 -12.64 -3.32 5.18
N LEU A 46 -11.77 -4.29 4.86
CA LEU A 46 -10.59 -4.10 4.04
C LEU A 46 -10.96 -3.55 2.64
N SER A 47 -12.06 -4.00 2.06
CA SER A 47 -12.61 -3.49 0.79
C SER A 47 -13.08 -2.03 0.84
N ASP A 48 -13.41 -1.49 2.02
CA ASP A 48 -13.73 -0.07 2.20
C ASP A 48 -12.49 0.76 2.58
N PHE A 49 -11.52 0.18 3.30
CA PHE A 49 -10.19 0.73 3.51
C PHE A 49 -9.43 0.94 2.18
N ALA A 50 -9.41 -0.09 1.33
CA ALA A 50 -8.84 -0.05 -0.02
C ALA A 50 -9.42 1.09 -0.89
N ASP A 51 -10.67 1.49 -0.66
CA ASP A 51 -11.36 2.60 -1.34
C ASP A 51 -11.31 3.95 -0.58
N ALA A 52 -10.75 4.00 0.63
CA ALA A 52 -10.64 5.22 1.44
C ALA A 52 -9.32 5.99 1.21
N LEU A 53 -8.31 5.30 0.68
CA LEU A 53 -7.00 5.82 0.30
C LEU A 53 -7.08 6.72 -0.96
N SER A 54 -5.98 7.40 -1.29
CA SER A 54 -5.76 8.00 -2.62
C SER A 54 -4.79 7.14 -3.44
N GLU A 55 -4.72 7.37 -4.75
CA GLU A 55 -3.80 6.68 -5.64
C GLU A 55 -2.32 7.01 -5.28
N PRO A 56 -1.32 6.15 -5.61
CA PRO A 56 -1.45 4.82 -6.22
C PRO A 56 -2.02 3.70 -5.32
N LEU A 57 -2.03 3.88 -3.99
CA LEU A 57 -2.38 2.82 -3.02
C LEU A 57 -3.87 2.41 -3.07
N ARG A 58 -4.75 3.33 -3.47
CA ARG A 58 -6.18 3.14 -3.73
C ARG A 58 -6.47 1.99 -4.71
N ILE A 59 -7.43 1.13 -4.35
CA ILE A 59 -8.11 0.18 -5.23
C ILE A 59 -9.60 0.56 -5.25
N ALA A 60 -9.99 1.40 -6.21
CA ALA A 60 -11.35 1.92 -6.33
C ALA A 60 -12.39 0.82 -6.60
N LYS A 61 -13.61 0.98 -6.06
CA LYS A 61 -14.71 0.01 -6.20
C LYS A 61 -15.23 -0.11 -7.65
N PRO A 62 -15.81 -1.27 -8.04
CA PRO A 62 -15.85 -2.53 -7.30
C PRO A 62 -14.45 -3.19 -7.24
N ASN A 63 -14.00 -3.56 -6.04
CA ASN A 63 -12.65 -4.06 -5.77
C ASN A 63 -12.59 -5.47 -5.16
N GLN A 64 -13.72 -6.16 -4.95
CA GLN A 64 -13.74 -7.52 -4.36
C GLN A 64 -12.89 -8.53 -5.15
N ILE A 65 -12.94 -8.49 -6.49
CA ILE A 65 -12.12 -9.34 -7.37
C ILE A 65 -10.64 -8.93 -7.29
N SER A 66 -10.36 -7.63 -7.35
CA SER A 66 -9.03 -7.03 -7.24
C SER A 66 -8.32 -7.44 -5.93
N LEU A 67 -9.03 -7.43 -4.81
CA LEU A 67 -8.53 -7.83 -3.48
C LEU A 67 -8.39 -9.35 -3.32
N ILE A 68 -9.24 -10.16 -3.95
CA ILE A 68 -9.05 -11.62 -4.07
C ILE A 68 -7.77 -11.94 -4.86
N ASN A 69 -7.41 -11.10 -5.84
CA ASN A 69 -6.16 -11.19 -6.61
C ASN A 69 -4.91 -10.58 -5.92
N MET A 70 -5.02 -9.97 -4.74
CA MET A 70 -3.87 -9.63 -3.89
C MET A 70 -3.31 -10.87 -3.16
N ASP A 71 -2.11 -10.73 -2.59
CA ASP A 71 -1.35 -11.80 -1.90
C ASP A 71 -1.67 -11.91 -0.39
N LEU A 72 -2.79 -11.32 0.06
CA LEU A 72 -3.15 -11.10 1.47
C LEU A 72 -3.23 -12.41 2.31
N PRO A 73 -2.59 -12.47 3.49
CA PRO A 73 -2.77 -13.55 4.47
C PRO A 73 -4.08 -13.38 5.27
N MET A 74 -4.35 -14.30 6.20
CA MET A 74 -5.32 -14.12 7.30
C MET A 74 -4.71 -14.65 8.61
N VAL A 75 -4.59 -13.78 9.63
CA VAL A 75 -3.80 -14.03 10.86
C VAL A 75 -4.45 -15.03 11.83
N SER A 76 -5.74 -15.31 11.67
CA SER A 76 -6.52 -16.29 12.46
C SER A 76 -7.59 -17.00 11.61
N GLY A 77 -8.25 -16.26 10.72
CA GLY A 77 -9.24 -16.78 9.75
C GLY A 77 -10.14 -15.73 9.10
N ASP A 78 -10.18 -14.50 9.63
CA ASP A 78 -11.03 -13.40 9.14
C ASP A 78 -10.41 -11.98 9.21
N ARG A 79 -9.24 -11.81 9.84
CA ARG A 79 -8.51 -10.53 9.96
C ARG A 79 -7.10 -10.57 9.34
N ILE A 80 -6.58 -9.41 8.97
CA ILE A 80 -5.39 -9.23 8.12
C ILE A 80 -4.50 -8.09 8.67
N HIS A 81 -3.19 -8.30 8.71
CA HIS A 81 -2.17 -7.40 9.28
C HIS A 81 -1.82 -6.18 8.39
N CYS A 82 -1.67 -5.01 9.01
CA CYS A 82 -1.41 -3.72 8.36
C CYS A 82 -0.24 -3.74 7.36
N MET A 83 0.92 -4.24 7.78
CA MET A 83 2.14 -4.25 6.96
C MET A 83 2.03 -5.23 5.78
N ASP A 84 1.37 -6.38 5.96
CA ASP A 84 1.13 -7.34 4.87
C ASP A 84 0.15 -6.80 3.82
N ILE A 85 -0.81 -5.96 4.22
CA ILE A 85 -1.69 -5.21 3.30
C ILE A 85 -0.88 -4.15 2.52
N LEU A 86 -0.07 -3.34 3.22
CA LEU A 86 0.85 -2.38 2.59
C LEU A 86 1.78 -3.07 1.58
N PHE A 87 2.43 -4.17 1.97
CA PHE A 87 3.27 -5.03 1.12
C PHE A 87 2.54 -5.47 -0.15
N ALA A 88 1.37 -6.11 -0.02
CA ALA A 88 0.55 -6.54 -1.16
C ALA A 88 0.19 -5.38 -2.12
N PHE A 89 -0.31 -4.26 -1.58
CA PHE A 89 -0.68 -3.06 -2.36
C PHE A 89 0.54 -2.44 -3.08
N THR A 90 1.61 -2.13 -2.36
CA THR A 90 2.81 -1.46 -2.90
C THR A 90 3.55 -2.30 -3.94
N LYS A 91 3.57 -3.65 -3.84
CA LYS A 91 4.15 -4.53 -4.88
C LYS A 91 3.50 -4.38 -6.26
N ARG A 92 2.21 -4.00 -6.34
CA ARG A 92 1.50 -3.67 -7.59
C ARG A 92 1.98 -2.34 -8.19
N VAL A 93 2.25 -1.35 -7.34
CA VAL A 93 2.81 -0.04 -7.72
C VAL A 93 4.27 -0.16 -8.20
N LEU A 94 5.09 -0.91 -7.44
CA LEU A 94 6.51 -1.20 -7.70
C LEU A 94 6.73 -2.17 -8.88
N GLY A 95 5.71 -2.92 -9.32
CA GLY A 95 5.78 -3.90 -10.40
C GLY A 95 6.44 -5.23 -10.02
N GLU A 96 6.58 -5.54 -8.72
CA GLU A 96 7.18 -6.77 -8.21
C GLU A 96 6.23 -7.99 -8.22
N SER A 97 4.91 -7.77 -8.36
CA SER A 97 3.90 -8.82 -8.60
C SER A 97 4.04 -9.48 -9.97
N GLY A 1 38.09 12.83 -27.97
CA GLY A 1 38.90 12.96 -26.73
C GLY A 1 38.25 12.24 -25.56
N PRO A 2 39.03 11.85 -24.53
CA PRO A 2 38.52 11.14 -23.35
C PRO A 2 37.70 12.05 -22.41
N GLY A 3 36.97 11.43 -21.47
CA GLY A 3 36.15 12.11 -20.47
C GLY A 3 36.92 12.89 -19.39
N SER A 4 38.24 12.69 -19.29
CA SER A 4 39.12 13.40 -18.34
C SER A 4 39.25 14.91 -18.57
N GLU A 5 38.84 15.40 -19.75
CA GLU A 5 38.91 16.81 -20.15
C GLU A 5 37.53 17.51 -20.22
N ASN A 6 36.46 16.74 -20.44
CA ASN A 6 35.09 17.22 -20.63
C ASN A 6 34.09 16.36 -19.81
N PHE A 7 33.73 16.83 -18.62
CA PHE A 7 32.87 16.12 -17.65
C PHE A 7 31.95 17.06 -16.85
N SER A 8 31.03 16.46 -16.07
CA SER A 8 30.20 17.11 -15.06
C SER A 8 30.01 16.18 -13.84
N VAL A 9 29.32 16.65 -12.79
CA VAL A 9 29.10 15.93 -11.52
C VAL A 9 27.60 15.91 -11.19
N ALA A 10 26.88 14.93 -11.73
CA ALA A 10 25.45 14.72 -11.50
C ALA A 10 25.10 14.14 -10.12
N THR A 11 26.09 13.60 -9.41
CA THR A 11 26.06 12.88 -8.11
C THR A 11 24.97 11.80 -7.98
N GLU A 12 24.81 11.21 -6.79
CA GLU A 12 23.85 10.15 -6.48
C GLU A 12 22.40 10.67 -6.45
N GLU A 13 21.43 9.81 -6.82
CA GLU A 13 20.00 10.12 -6.86
C GLU A 13 19.16 8.83 -6.66
N SER A 14 18.14 8.89 -5.78
CA SER A 14 17.21 7.78 -5.50
C SER A 14 16.25 7.50 -6.67
N THR A 15 15.72 6.27 -6.74
CA THR A 15 14.90 5.76 -7.87
C THR A 15 13.59 5.06 -7.46
N GLU A 16 13.24 5.07 -6.17
CA GLU A 16 12.01 4.47 -5.63
C GLU A 16 10.74 5.24 -6.05
N PRO A 17 9.62 4.56 -6.37
CA PRO A 17 8.36 5.21 -6.78
C PRO A 17 7.53 5.77 -5.61
N LEU A 18 7.88 5.47 -4.36
CA LEU A 18 7.14 5.80 -3.14
C LEU A 18 8.07 6.42 -2.07
N SER A 19 7.47 7.13 -1.11
CA SER A 19 8.13 7.76 0.03
C SER A 19 7.29 7.63 1.31
N GLU A 20 7.83 8.06 2.45
CA GLU A 20 7.12 8.05 3.75
C GLU A 20 5.85 8.93 3.77
N ASP A 21 5.71 9.90 2.86
CA ASP A 21 4.49 10.69 2.66
C ASP A 21 3.30 9.84 2.16
N ASP A 22 3.55 8.80 1.36
CA ASP A 22 2.53 7.84 0.93
C ASP A 22 2.11 6.91 2.08
N PHE A 23 3.08 6.47 2.90
CA PHE A 23 2.83 5.63 4.08
C PHE A 23 2.11 6.41 5.21
N ASP A 24 2.40 7.70 5.36
CA ASP A 24 1.65 8.61 6.23
C ASP A 24 0.16 8.69 5.84
N MET A 25 -0.15 8.84 4.54
CA MET A 25 -1.52 8.76 4.00
C MET A 25 -2.17 7.38 4.30
N PHE A 26 -1.44 6.28 4.14
CA PHE A 26 -1.91 4.94 4.51
C PHE A 26 -2.32 4.87 5.99
N TYR A 27 -1.41 5.21 6.92
CA TYR A 27 -1.68 5.18 8.37
C TYR A 27 -2.75 6.19 8.85
N GLU A 28 -2.88 7.35 8.21
CA GLU A 28 -3.96 8.32 8.48
C GLU A 28 -5.34 7.69 8.22
N ILE A 29 -5.52 7.08 7.05
CA ILE A 29 -6.77 6.40 6.65
C ILE A 29 -6.99 5.10 7.45
N TRP A 30 -5.93 4.37 7.80
CA TRP A 30 -5.95 3.09 8.54
C TRP A 30 -6.77 3.16 9.85
N GLU A 31 -6.55 4.19 10.67
CA GLU A 31 -7.21 4.33 11.99
C GLU A 31 -8.74 4.49 11.92
N LYS A 32 -9.31 4.80 10.74
CA LYS A 32 -10.75 4.82 10.47
C LYS A 32 -11.37 3.42 10.46
N PHE A 33 -10.56 2.38 10.26
CA PHE A 33 -10.93 0.95 10.20
C PHE A 33 -10.31 0.12 11.32
N ASP A 34 -9.27 0.63 11.98
CA ASP A 34 -8.63 0.08 13.17
C ASP A 34 -8.76 1.04 14.38
N PRO A 35 -9.94 1.11 15.03
CA PRO A 35 -10.15 1.92 16.23
C PRO A 35 -9.45 1.34 17.47
N GLU A 36 -9.06 0.06 17.44
CA GLU A 36 -8.28 -0.62 18.49
C GLU A 36 -6.78 -0.26 18.47
N ALA A 37 -6.29 0.37 17.39
CA ALA A 37 -4.87 0.51 17.01
C ALA A 37 -4.08 -0.81 17.01
N THR A 38 -4.77 -1.96 16.88
CA THR A 38 -4.20 -3.31 17.03
C THR A 38 -3.34 -3.77 15.84
N GLN A 39 -3.34 -3.00 14.73
CA GLN A 39 -2.65 -3.29 13.46
C GLN A 39 -3.20 -4.53 12.73
N PHE A 40 -4.49 -4.86 12.97
CA PHE A 40 -5.27 -5.87 12.25
C PHE A 40 -6.68 -5.32 11.91
N ILE A 41 -7.22 -5.65 10.73
CA ILE A 41 -8.64 -5.38 10.36
C ILE A 41 -9.28 -6.59 9.70
N GLU A 42 -10.61 -6.65 9.65
CA GLU A 42 -11.37 -7.72 9.01
C GLU A 42 -11.40 -7.58 7.47
N TYR A 43 -11.50 -8.71 6.75
CA TYR A 43 -11.62 -8.72 5.28
C TYR A 43 -12.86 -7.95 4.77
N SER A 44 -13.94 -7.97 5.56
CA SER A 44 -15.20 -7.25 5.31
C SER A 44 -15.10 -5.72 5.40
N VAL A 45 -14.01 -5.16 5.94
CA VAL A 45 -13.72 -3.71 5.96
C VAL A 45 -12.45 -3.33 5.19
N LEU A 46 -11.58 -4.29 4.89
CA LEU A 46 -10.40 -4.13 4.01
C LEU A 46 -10.79 -3.60 2.62
N SER A 47 -11.89 -4.10 2.05
CA SER A 47 -12.48 -3.61 0.79
C SER A 47 -12.91 -2.14 0.82
N ASP A 48 -13.48 -1.67 1.93
CA ASP A 48 -13.83 -0.25 2.12
C ASP A 48 -12.61 0.63 2.41
N PHE A 49 -11.62 0.11 3.16
CA PHE A 49 -10.30 0.74 3.38
C PHE A 49 -9.52 0.93 2.08
N ALA A 50 -9.47 -0.08 1.22
CA ALA A 50 -8.83 -0.04 -0.10
C ALA A 50 -9.37 1.09 -1.00
N ASP A 51 -10.64 1.46 -0.85
CA ASP A 51 -11.32 2.57 -1.54
C ASP A 51 -11.32 3.90 -0.75
N ALA A 52 -10.83 3.93 0.49
CA ALA A 52 -10.75 5.15 1.31
C ALA A 52 -9.43 5.94 1.13
N LEU A 53 -8.39 5.27 0.60
CA LEU A 53 -7.06 5.80 0.35
C LEU A 53 -7.03 6.77 -0.85
N SER A 54 -5.93 7.53 -0.98
CA SER A 54 -5.57 8.25 -2.21
C SER A 54 -4.71 7.37 -3.13
N GLU A 55 -4.65 7.71 -4.41
CA GLU A 55 -3.73 7.07 -5.36
C GLU A 55 -2.24 7.32 -4.96
N PRO A 56 -1.31 6.41 -5.31
CA PRO A 56 -1.51 5.17 -6.07
C PRO A 56 -1.93 3.95 -5.21
N LEU A 57 -1.94 4.06 -3.87
CA LEU A 57 -2.28 2.94 -2.96
C LEU A 57 -3.76 2.52 -3.02
N ARG A 58 -4.64 3.43 -3.45
CA ARG A 58 -6.06 3.24 -3.77
C ARG A 58 -6.33 2.06 -4.73
N ILE A 59 -7.29 1.21 -4.38
CA ILE A 59 -7.95 0.23 -5.26
C ILE A 59 -9.44 0.55 -5.28
N ALA A 60 -9.86 1.35 -6.27
CA ALA A 60 -11.23 1.81 -6.42
C ALA A 60 -12.25 0.67 -6.63
N LYS A 61 -13.47 0.82 -6.11
CA LYS A 61 -14.55 -0.19 -6.21
C LYS A 61 -15.04 -0.40 -7.66
N PRO A 62 -15.63 -1.57 -7.98
CA PRO A 62 -15.58 -2.83 -7.21
C PRO A 62 -14.15 -3.37 -7.08
N ASN A 63 -13.74 -3.76 -5.87
CA ASN A 63 -12.39 -4.27 -5.56
C ASN A 63 -12.37 -5.65 -4.87
N GLN A 64 -13.51 -6.26 -4.57
CA GLN A 64 -13.57 -7.58 -3.93
C GLN A 64 -12.83 -8.68 -4.71
N ILE A 65 -12.83 -8.62 -6.04
CA ILE A 65 -12.10 -9.54 -6.93
C ILE A 65 -10.60 -9.16 -6.96
N SER A 66 -10.28 -7.87 -6.98
CA SER A 66 -8.92 -7.32 -6.91
C SER A 66 -8.16 -7.81 -5.67
N LEU A 67 -8.81 -7.77 -4.50
CA LEU A 67 -8.24 -8.28 -3.24
C LEU A 67 -8.05 -9.81 -3.26
N ILE A 68 -8.96 -10.59 -3.86
CA ILE A 68 -8.81 -12.05 -4.04
C ILE A 68 -7.59 -12.38 -4.91
N ASN A 69 -7.26 -11.52 -5.89
CA ASN A 69 -6.08 -11.67 -6.74
C ASN A 69 -4.74 -11.25 -6.08
N MET A 70 -4.76 -10.58 -4.92
CA MET A 70 -3.56 -10.26 -4.13
C MET A 70 -3.10 -11.45 -3.27
N ASP A 71 -1.91 -11.32 -2.68
CA ASP A 71 -1.25 -12.29 -1.80
C ASP A 71 -1.71 -12.21 -0.31
N LEU A 72 -2.74 -11.42 -0.02
CA LEU A 72 -3.23 -11.10 1.34
C LEU A 72 -3.45 -12.35 2.22
N PRO A 73 -2.74 -12.48 3.37
CA PRO A 73 -2.91 -13.59 4.32
C PRO A 73 -4.19 -13.42 5.18
N MET A 74 -4.45 -14.39 6.06
CA MET A 74 -5.38 -14.25 7.21
C MET A 74 -4.72 -14.80 8.48
N VAL A 75 -4.67 -13.97 9.54
CA VAL A 75 -3.87 -14.24 10.76
C VAL A 75 -4.49 -15.25 11.72
N SER A 76 -5.78 -15.58 11.53
CA SER A 76 -6.53 -16.60 12.28
C SER A 76 -7.64 -17.23 11.43
N GLY A 77 -8.44 -16.41 10.73
CA GLY A 77 -9.47 -16.86 9.80
C GLY A 77 -10.34 -15.76 9.17
N ASP A 78 -10.31 -14.52 9.70
CA ASP A 78 -11.10 -13.38 9.21
C ASP A 78 -10.40 -12.00 9.25
N ARG A 79 -9.22 -11.89 9.90
CA ARG A 79 -8.44 -10.66 10.03
C ARG A 79 -7.07 -10.74 9.33
N ILE A 80 -6.52 -9.57 9.00
CA ILE A 80 -5.33 -9.36 8.14
C ILE A 80 -4.45 -8.24 8.73
N HIS A 81 -3.13 -8.47 8.75
CA HIS A 81 -2.11 -7.57 9.32
C HIS A 81 -1.83 -6.33 8.46
N CYS A 82 -1.70 -5.17 9.13
CA CYS A 82 -1.46 -3.84 8.55
C CYS A 82 -0.33 -3.80 7.50
N MET A 83 0.87 -4.25 7.86
CA MET A 83 2.05 -4.18 6.98
C MET A 83 1.89 -5.08 5.74
N ASP A 84 1.29 -6.26 5.88
CA ASP A 84 1.03 -7.19 4.75
C ASP A 84 0.02 -6.62 3.74
N ILE A 85 -0.95 -5.82 4.21
CA ILE A 85 -1.87 -5.05 3.35
C ILE A 85 -1.11 -3.97 2.59
N LEU A 86 -0.29 -3.16 3.28
CA LEU A 86 0.59 -2.17 2.64
C LEU A 86 1.50 -2.82 1.58
N PHE A 87 2.14 -3.95 1.89
CA PHE A 87 2.96 -4.74 0.97
C PHE A 87 2.17 -5.18 -0.27
N ALA A 88 1.02 -5.84 -0.11
CA ALA A 88 0.15 -6.25 -1.21
C ALA A 88 -0.28 -5.08 -2.12
N PHE A 89 -0.60 -3.92 -1.55
CA PHE A 89 -0.98 -2.72 -2.29
C PHE A 89 0.22 -2.09 -3.03
N THR A 90 1.36 -1.90 -2.36
CA THR A 90 2.57 -1.30 -2.96
C THR A 90 3.20 -2.14 -4.07
N LYS A 91 3.05 -3.47 -4.09
CA LYS A 91 3.52 -4.35 -5.18
C LYS A 91 2.91 -3.99 -6.55
N ARG A 92 1.68 -3.49 -6.60
CA ARG A 92 1.04 -2.92 -7.82
C ARG A 92 1.78 -1.69 -8.32
N VAL A 93 2.16 -0.77 -7.42
CA VAL A 93 2.93 0.45 -7.72
C VAL A 93 4.34 0.12 -8.21
N LEU A 94 4.99 -0.86 -7.57
CA LEU A 94 6.29 -1.42 -7.95
C LEU A 94 6.26 -2.25 -9.26
N GLY A 95 5.07 -2.59 -9.77
CA GLY A 95 4.86 -3.34 -11.02
C GLY A 95 5.10 -4.85 -10.89
N GLU A 96 5.21 -5.39 -9.67
CA GLU A 96 5.49 -6.80 -9.39
C GLU A 96 4.26 -7.72 -9.49
N SER A 97 3.06 -7.16 -9.53
CA SER A 97 1.74 -7.85 -9.56
C SER A 97 0.82 -7.28 -10.62
N GLY A 1 29.43 18.84 -12.76
CA GLY A 1 28.18 18.59 -13.50
C GLY A 1 27.04 19.51 -13.04
N PRO A 2 26.03 19.74 -13.88
CA PRO A 2 24.90 20.65 -13.58
C PRO A 2 23.87 20.05 -12.60
N GLY A 3 23.87 18.73 -12.41
CA GLY A 3 22.95 17.99 -11.49
C GLY A 3 21.53 17.77 -12.04
N SER A 4 21.12 18.49 -13.08
CA SER A 4 19.85 18.31 -13.82
C SER A 4 19.83 17.08 -14.74
N GLU A 5 21.00 16.50 -15.04
CA GLU A 5 21.21 15.31 -15.88
C GLU A 5 22.35 14.45 -15.34
N ASN A 6 22.22 13.13 -15.40
CA ASN A 6 23.26 12.14 -15.05
C ASN A 6 23.13 10.87 -15.91
N PHE A 7 24.27 10.23 -16.23
CA PHE A 7 24.34 9.06 -17.12
C PHE A 7 23.79 7.75 -16.50
N SER A 8 23.68 7.64 -15.18
CA SER A 8 23.36 6.38 -14.48
C SER A 8 22.01 5.72 -14.82
N VAL A 9 21.11 6.46 -15.48
CA VAL A 9 19.88 5.94 -16.09
C VAL A 9 20.11 4.86 -17.15
N ALA A 10 21.32 4.79 -17.70
CA ALA A 10 21.81 3.75 -18.61
C ALA A 10 22.11 2.39 -17.91
N THR A 11 22.19 2.39 -16.58
CA THR A 11 22.35 1.19 -15.74
C THR A 11 20.99 0.72 -15.23
N GLU A 12 20.27 1.57 -14.50
CA GLU A 12 18.90 1.32 -14.03
C GLU A 12 18.10 2.62 -13.84
N GLU A 13 16.78 2.53 -13.89
CA GLU A 13 15.85 3.65 -13.61
C GLU A 13 15.59 3.82 -12.10
N SER A 14 16.46 4.59 -11.42
CA SER A 14 16.41 4.90 -9.98
C SER A 14 15.21 5.76 -9.53
N THR A 15 14.41 6.25 -10.48
CA THR A 15 13.17 7.04 -10.30
C THR A 15 11.99 6.16 -9.85
N GLU A 16 12.09 5.60 -8.65
CA GLU A 16 11.06 4.74 -8.03
C GLU A 16 9.70 5.46 -7.82
N PRO A 17 8.56 4.75 -7.90
CA PRO A 17 7.22 5.36 -7.97
C PRO A 17 6.59 5.74 -6.60
N LEU A 18 7.24 5.44 -5.47
CA LEU A 18 6.71 5.64 -4.11
C LEU A 18 7.70 6.41 -3.21
N SER A 19 7.17 7.04 -2.16
CA SER A 19 7.88 7.84 -1.14
C SER A 19 7.29 7.63 0.26
N GLU A 20 7.96 8.14 1.30
CA GLU A 20 7.50 8.04 2.71
C GLU A 20 6.11 8.66 2.95
N ASP A 21 5.71 9.63 2.12
CA ASP A 21 4.37 10.24 2.12
C ASP A 21 3.24 9.23 1.83
N ASP A 22 3.52 8.18 1.04
CA ASP A 22 2.55 7.11 0.74
C ASP A 22 2.32 6.20 1.98
N PHE A 23 3.38 5.92 2.74
CA PHE A 23 3.31 5.20 4.03
C PHE A 23 2.51 6.05 5.06
N ASP A 24 2.82 7.34 5.17
CA ASP A 24 2.09 8.28 6.02
C ASP A 24 0.59 8.35 5.69
N MET A 25 0.24 8.44 4.40
CA MET A 25 -1.14 8.38 3.89
C MET A 25 -1.86 7.09 4.32
N PHE A 26 -1.24 5.92 4.12
CA PHE A 26 -1.81 4.63 4.53
C PHE A 26 -2.19 4.61 6.01
N TYR A 27 -1.24 4.92 6.90
CA TYR A 27 -1.45 4.87 8.35
C TYR A 27 -2.35 5.99 8.91
N GLU A 28 -2.54 7.11 8.19
CA GLU A 28 -3.58 8.11 8.50
C GLU A 28 -4.99 7.54 8.28
N ILE A 29 -5.25 6.97 7.10
CA ILE A 29 -6.56 6.36 6.76
C ILE A 29 -6.83 5.09 7.56
N TRP A 30 -5.80 4.33 7.95
CA TRP A 30 -5.88 3.09 8.74
C TRP A 30 -6.71 3.21 10.03
N GLU A 31 -6.55 4.29 10.79
CA GLU A 31 -7.22 4.52 12.09
C GLU A 31 -8.75 4.58 11.98
N LYS A 32 -9.30 4.85 10.80
CA LYS A 32 -10.75 4.86 10.51
C LYS A 32 -11.37 3.45 10.56
N PHE A 33 -10.56 2.41 10.38
CA PHE A 33 -10.94 0.98 10.36
C PHE A 33 -10.35 0.18 11.54
N ASP A 34 -9.28 0.68 12.15
CA ASP A 34 -8.67 0.17 13.38
C ASP A 34 -8.56 1.27 14.46
N PRO A 35 -9.70 1.68 15.07
CA PRO A 35 -9.73 2.67 16.15
C PRO A 35 -9.15 2.14 17.47
N GLU A 36 -9.10 0.81 17.63
CA GLU A 36 -8.48 0.12 18.76
C GLU A 36 -6.93 0.05 18.66
N ALA A 37 -6.36 0.44 17.51
CA ALA A 37 -4.93 0.44 17.18
C ALA A 37 -4.23 -0.93 17.32
N THR A 38 -4.98 -2.05 17.26
CA THR A 38 -4.43 -3.42 17.41
C THR A 38 -3.58 -3.89 16.23
N GLN A 39 -3.55 -3.16 15.11
CA GLN A 39 -2.82 -3.41 13.87
C GLN A 39 -3.45 -4.50 12.98
N PHE A 40 -4.72 -4.86 13.20
CA PHE A 40 -5.51 -5.80 12.37
C PHE A 40 -6.88 -5.22 11.98
N ILE A 41 -7.45 -5.68 10.85
CA ILE A 41 -8.85 -5.49 10.46
C ILE A 41 -9.44 -6.79 9.88
N GLU A 42 -10.77 -6.90 9.82
CA GLU A 42 -11.47 -8.01 9.16
C GLU A 42 -11.48 -7.86 7.62
N TYR A 43 -11.54 -8.98 6.89
CA TYR A 43 -11.62 -8.99 5.43
C TYR A 43 -12.87 -8.25 4.89
N SER A 44 -13.96 -8.27 5.65
CA SER A 44 -15.23 -7.60 5.39
C SER A 44 -15.15 -6.06 5.33
N VAL A 45 -14.09 -5.45 5.90
CA VAL A 45 -13.85 -3.99 5.88
C VAL A 45 -12.58 -3.58 5.14
N LEU A 46 -11.69 -4.52 4.79
CA LEU A 46 -10.52 -4.29 3.93
C LEU A 46 -10.93 -3.70 2.57
N SER A 47 -12.00 -4.23 1.94
CA SER A 47 -12.56 -3.71 0.69
C SER A 47 -13.02 -2.24 0.76
N ASP A 48 -13.50 -1.78 1.93
CA ASP A 48 -13.89 -0.38 2.14
C ASP A 48 -12.68 0.51 2.47
N PHE A 49 -11.69 0.02 3.23
CA PHE A 49 -10.40 0.66 3.46
C PHE A 49 -9.61 0.88 2.15
N ALA A 50 -9.58 -0.12 1.26
CA ALA A 50 -9.00 -0.04 -0.08
C ALA A 50 -9.56 1.12 -0.92
N ASP A 51 -10.81 1.53 -0.68
CA ASP A 51 -11.51 2.63 -1.33
C ASP A 51 -11.52 3.94 -0.51
N ALA A 52 -10.96 3.96 0.70
CA ALA A 52 -10.87 5.15 1.55
C ALA A 52 -9.58 5.97 1.32
N LEU A 53 -8.55 5.32 0.76
CA LEU A 53 -7.25 5.89 0.41
C LEU A 53 -7.31 6.84 -0.80
N SER A 54 -6.22 7.55 -1.07
CA SER A 54 -5.97 8.21 -2.38
C SER A 54 -4.97 7.41 -3.21
N GLU A 55 -4.89 7.72 -4.51
CA GLU A 55 -3.95 7.09 -5.43
C GLU A 55 -2.48 7.35 -5.01
N PRO A 56 -1.52 6.46 -5.32
CA PRO A 56 -1.68 5.21 -6.09
C PRO A 56 -2.12 3.98 -5.26
N LEU A 57 -2.14 4.06 -3.92
CA LEU A 57 -2.48 2.92 -3.05
C LEU A 57 -3.98 2.55 -3.10
N ARG A 58 -4.85 3.51 -3.44
CA ARG A 58 -6.29 3.36 -3.71
C ARG A 58 -6.60 2.25 -4.72
N ILE A 59 -7.56 1.38 -4.39
CA ILE A 59 -8.21 0.45 -5.33
C ILE A 59 -9.72 0.77 -5.36
N ALA A 60 -10.13 1.61 -6.31
CA ALA A 60 -11.52 2.05 -6.44
C ALA A 60 -12.50 0.89 -6.70
N LYS A 61 -13.70 0.97 -6.12
CA LYS A 61 -14.74 -0.07 -6.23
C LYS A 61 -15.29 -0.24 -7.67
N PRO A 62 -15.85 -1.41 -8.02
CA PRO A 62 -15.73 -2.70 -7.31
C PRO A 62 -14.27 -3.19 -7.26
N ASN A 63 -13.80 -3.63 -6.08
CA ASN A 63 -12.40 -3.97 -5.80
C ASN A 63 -12.16 -5.36 -5.18
N GLN A 64 -13.20 -6.13 -4.85
CA GLN A 64 -13.07 -7.46 -4.24
C GLN A 64 -12.26 -8.45 -5.10
N ILE A 65 -12.40 -8.38 -6.43
CA ILE A 65 -11.65 -9.19 -7.41
C ILE A 65 -10.15 -8.85 -7.35
N SER A 66 -9.81 -7.58 -7.14
CA SER A 66 -8.42 -7.16 -6.92
C SER A 66 -7.84 -7.80 -5.65
N LEU A 67 -8.56 -7.75 -4.51
CA LEU A 67 -8.13 -8.41 -3.26
C LEU A 67 -7.90 -9.92 -3.44
N ILE A 68 -8.79 -10.61 -4.17
CA ILE A 68 -8.68 -12.03 -4.54
C ILE A 68 -7.41 -12.32 -5.36
N ASN A 69 -7.00 -11.39 -6.24
CA ASN A 69 -5.77 -11.50 -7.03
C ASN A 69 -4.48 -11.11 -6.26
N MET A 70 -4.56 -10.39 -5.13
CA MET A 70 -3.42 -10.11 -4.24
C MET A 70 -3.01 -11.35 -3.42
N ASP A 71 -1.86 -11.25 -2.76
CA ASP A 71 -1.25 -12.30 -1.91
C ASP A 71 -1.65 -12.20 -0.42
N LEU A 72 -2.70 -11.41 -0.11
CA LEU A 72 -3.18 -11.08 1.24
C LEU A 72 -3.35 -12.33 2.16
N PRO A 73 -2.59 -12.46 3.26
CA PRO A 73 -2.73 -13.54 4.24
C PRO A 73 -3.92 -13.31 5.18
N MET A 74 -4.18 -14.24 6.11
CA MET A 74 -5.10 -14.06 7.24
C MET A 74 -4.49 -14.64 8.52
N VAL A 75 -4.45 -13.85 9.61
CA VAL A 75 -3.78 -14.20 10.88
C VAL A 75 -4.56 -15.20 11.74
N SER A 76 -5.89 -15.24 11.59
CA SER A 76 -6.82 -16.13 12.31
C SER A 76 -7.89 -16.78 11.42
N GLY A 77 -7.79 -16.60 10.09
CA GLY A 77 -8.73 -17.10 9.08
C GLY A 77 -9.82 -16.10 8.65
N ASP A 78 -9.80 -14.89 9.24
CA ASP A 78 -10.78 -13.82 8.99
C ASP A 78 -10.25 -12.37 9.12
N ARG A 79 -9.05 -12.17 9.69
CA ARG A 79 -8.42 -10.86 9.93
C ARG A 79 -7.03 -10.77 9.32
N ILE A 80 -6.57 -9.55 9.04
CA ILE A 80 -5.38 -9.24 8.22
C ILE A 80 -4.59 -8.08 8.84
N HIS A 81 -3.28 -8.26 8.99
CA HIS A 81 -2.33 -7.30 9.57
C HIS A 81 -2.06 -6.09 8.66
N CYS A 82 -1.90 -4.90 9.26
CA CYS A 82 -1.71 -3.62 8.57
C CYS A 82 -0.57 -3.63 7.53
N MET A 83 0.63 -4.06 7.91
CA MET A 83 1.80 -4.04 7.03
C MET A 83 1.66 -5.02 5.86
N ASP A 84 1.00 -6.17 6.05
CA ASP A 84 0.75 -7.15 4.99
C ASP A 84 -0.25 -6.65 3.93
N ILE A 85 -1.18 -5.76 4.31
CA ILE A 85 -2.04 -5.03 3.38
C ILE A 85 -1.23 -3.96 2.62
N LEU A 86 -0.45 -3.13 3.32
CA LEU A 86 0.46 -2.14 2.73
C LEU A 86 1.46 -2.76 1.74
N PHE A 87 2.03 -3.92 2.07
CA PHE A 87 2.90 -4.74 1.21
C PHE A 87 2.23 -5.07 -0.14
N ALA A 88 1.00 -5.60 -0.12
CA ALA A 88 0.21 -5.82 -1.34
C ALA A 88 -0.06 -4.51 -2.11
N PHE A 89 -0.57 -3.48 -1.43
CA PHE A 89 -0.96 -2.20 -2.05
C PHE A 89 0.23 -1.43 -2.66
N THR A 90 1.44 -1.52 -2.10
CA THR A 90 2.67 -0.96 -2.69
C THR A 90 3.21 -1.79 -3.85
N LYS A 91 3.21 -3.13 -3.74
CA LYS A 91 3.63 -4.04 -4.84
C LYS A 91 2.78 -3.90 -6.11
N ARG A 92 1.49 -3.56 -5.98
CA ARG A 92 0.61 -3.16 -7.10
C ARG A 92 1.17 -2.00 -7.93
N VAL A 93 1.84 -1.04 -7.28
CA VAL A 93 2.48 0.15 -7.90
C VAL A 93 3.87 -0.21 -8.45
N LEU A 94 4.70 -0.91 -7.65
CA LEU A 94 6.07 -1.30 -7.99
C LEU A 94 6.14 -2.27 -9.18
N GLY A 95 5.15 -3.17 -9.32
CA GLY A 95 4.93 -4.06 -10.46
C GLY A 95 5.81 -5.32 -10.53
N GLU A 96 6.78 -5.48 -9.63
CA GLU A 96 7.77 -6.57 -9.57
C GLU A 96 8.61 -6.77 -10.86
N SER A 97 8.72 -5.71 -11.69
CA SER A 97 9.43 -5.67 -12.98
C SER A 97 10.90 -6.08 -12.89
N GLY A 1 43.96 6.18 -27.40
CA GLY A 1 43.66 5.84 -25.99
C GLY A 1 42.29 6.36 -25.56
N PRO A 2 41.49 5.57 -24.81
CA PRO A 2 40.14 5.94 -24.37
C PRO A 2 40.14 7.00 -23.25
N GLY A 3 38.96 7.56 -22.99
CA GLY A 3 38.71 8.60 -21.96
C GLY A 3 37.26 8.66 -21.47
N SER A 4 36.50 7.56 -21.59
CA SER A 4 35.04 7.50 -21.48
C SER A 4 34.46 7.89 -20.12
N GLU A 5 35.29 7.99 -19.08
CA GLU A 5 34.99 8.63 -17.79
C GLU A 5 34.40 10.04 -17.94
N ASN A 6 34.94 10.81 -18.89
CA ASN A 6 34.57 12.21 -19.16
C ASN A 6 33.31 12.37 -20.06
N PHE A 7 32.88 11.29 -20.73
CA PHE A 7 31.78 11.31 -21.71
C PHE A 7 30.40 11.18 -21.07
N SER A 8 29.34 11.43 -21.86
CA SER A 8 27.92 11.43 -21.45
C SER A 8 27.31 10.06 -21.11
N VAL A 9 28.11 8.99 -21.13
CA VAL A 9 27.69 7.60 -20.87
C VAL A 9 27.23 7.30 -19.43
N ALA A 10 27.48 8.22 -18.50
CA ALA A 10 27.01 8.16 -17.11
C ALA A 10 25.47 8.32 -16.97
N THR A 11 24.91 7.89 -15.84
CA THR A 11 23.51 8.15 -15.46
C THR A 11 23.27 9.61 -15.04
N GLU A 12 22.00 10.02 -14.97
CA GLU A 12 21.56 11.37 -14.57
C GLU A 12 20.40 11.36 -13.53
N GLU A 13 19.95 10.18 -13.07
CA GLU A 13 18.80 10.02 -12.17
C GLU A 13 19.01 8.94 -11.07
N SER A 14 18.31 9.12 -9.95
CA SER A 14 18.25 8.22 -8.79
C SER A 14 16.84 8.33 -8.15
N THR A 15 15.89 7.51 -8.63
CA THR A 15 14.43 7.70 -8.41
C THR A 15 13.74 6.39 -8.00
N GLU A 16 12.66 6.49 -7.22
CA GLU A 16 11.77 5.40 -6.80
C GLU A 16 10.28 5.84 -6.86
N PRO A 17 9.30 4.92 -6.99
CA PRO A 17 7.91 5.25 -7.32
C PRO A 17 7.04 5.73 -6.14
N LEU A 18 7.54 5.67 -4.90
CA LEU A 18 6.81 6.01 -3.65
C LEU A 18 7.61 6.99 -2.77
N SER A 19 6.95 7.57 -1.76
CA SER A 19 7.52 8.50 -0.78
C SER A 19 7.00 8.21 0.64
N GLU A 20 7.62 8.80 1.66
CA GLU A 20 7.16 8.74 3.06
C GLU A 20 5.74 9.31 3.24
N ASP A 21 5.33 10.22 2.37
CA ASP A 21 3.97 10.77 2.29
C ASP A 21 2.89 9.69 2.02
N ASP A 22 3.22 8.63 1.27
CA ASP A 22 2.33 7.49 1.01
C ASP A 22 2.10 6.64 2.27
N PHE A 23 3.14 6.41 3.08
CA PHE A 23 3.04 5.74 4.38
C PHE A 23 2.23 6.58 5.38
N ASP A 24 2.47 7.90 5.44
CA ASP A 24 1.69 8.82 6.26
C ASP A 24 0.19 8.82 5.89
N MET A 25 -0.13 8.90 4.60
CA MET A 25 -1.48 8.75 4.05
C MET A 25 -2.11 7.41 4.42
N PHE A 26 -1.38 6.30 4.28
CA PHE A 26 -1.85 4.97 4.67
C PHE A 26 -2.30 4.92 6.14
N TYR A 27 -1.45 5.34 7.08
CA TYR A 27 -1.77 5.35 8.52
C TYR A 27 -2.84 6.39 8.92
N GLU A 28 -2.94 7.53 8.22
CA GLU A 28 -4.02 8.51 8.44
C GLU A 28 -5.42 7.95 8.09
N ILE A 29 -5.50 7.06 7.11
CA ILE A 29 -6.74 6.33 6.76
C ILE A 29 -6.93 5.06 7.62
N TRP A 30 -5.85 4.36 8.00
CA TRP A 30 -5.87 3.13 8.80
C TRP A 30 -6.69 3.23 10.09
N GLU A 31 -6.53 4.33 10.85
CA GLU A 31 -7.20 4.55 12.14
C GLU A 31 -8.74 4.59 12.04
N LYS A 32 -9.29 4.84 10.84
CA LYS A 32 -10.74 4.87 10.55
C LYS A 32 -11.36 3.47 10.51
N PHE A 33 -10.55 2.42 10.37
CA PHE A 33 -10.93 0.99 10.34
C PHE A 33 -10.33 0.18 11.51
N ASP A 34 -9.22 0.66 12.09
CA ASP A 34 -8.60 0.15 13.33
C ASP A 34 -8.39 1.28 14.35
N PRO A 35 -9.47 1.84 14.95
CA PRO A 35 -9.38 2.87 15.98
C PRO A 35 -8.82 2.34 17.30
N GLU A 36 -8.86 1.02 17.50
CA GLU A 36 -8.24 0.29 18.62
C GLU A 36 -6.72 0.14 18.47
N ALA A 37 -6.14 0.51 17.33
CA ALA A 37 -4.71 0.43 16.98
C ALA A 37 -4.10 -0.99 17.13
N THR A 38 -4.91 -2.04 16.99
CA THR A 38 -4.49 -3.46 17.10
C THR A 38 -3.49 -3.90 16.01
N GLN A 39 -3.39 -3.15 14.90
CA GLN A 39 -2.64 -3.47 13.68
C GLN A 39 -3.31 -4.58 12.83
N PHE A 40 -4.61 -4.86 13.03
CA PHE A 40 -5.37 -5.81 12.21
C PHE A 40 -6.77 -5.29 11.85
N ILE A 41 -7.28 -5.63 10.65
CA ILE A 41 -8.70 -5.42 10.24
C ILE A 41 -9.27 -6.68 9.58
N GLU A 42 -10.61 -6.79 9.55
CA GLU A 42 -11.33 -7.91 8.91
C GLU A 42 -11.34 -7.79 7.38
N TYR A 43 -11.35 -8.93 6.67
CA TYR A 43 -11.50 -8.98 5.21
C TYR A 43 -12.83 -8.35 4.75
N SER A 44 -13.85 -8.40 5.61
CA SER A 44 -15.19 -7.77 5.43
C SER A 44 -15.18 -6.24 5.40
N VAL A 45 -14.11 -5.58 5.86
CA VAL A 45 -13.92 -4.11 5.79
C VAL A 45 -12.67 -3.68 5.00
N LEU A 46 -11.78 -4.63 4.68
CA LEU A 46 -10.61 -4.43 3.81
C LEU A 46 -10.97 -3.82 2.45
N SER A 47 -12.13 -4.20 1.89
CA SER A 47 -12.66 -3.66 0.62
C SER A 47 -12.94 -2.16 0.67
N ASP A 48 -13.49 -1.67 1.79
CA ASP A 48 -13.75 -0.23 1.97
C ASP A 48 -12.48 0.55 2.35
N PHE A 49 -11.61 -0.04 3.19
CA PHE A 49 -10.27 0.51 3.46
C PHE A 49 -9.45 0.69 2.18
N ALA A 50 -9.40 -0.35 1.32
CA ALA A 50 -8.72 -0.34 0.03
C ALA A 50 -9.15 0.78 -0.91
N ASP A 51 -10.34 1.37 -0.74
CA ASP A 51 -10.83 2.50 -1.55
C ASP A 51 -10.80 3.86 -0.82
N ALA A 52 -10.60 3.87 0.49
CA ALA A 52 -10.57 5.07 1.32
C ALA A 52 -9.22 5.83 1.24
N LEU A 53 -8.17 5.12 0.80
CA LEU A 53 -6.83 5.62 0.51
C LEU A 53 -6.82 6.55 -0.73
N SER A 54 -5.70 7.25 -0.93
CA SER A 54 -5.40 7.93 -2.20
C SER A 54 -4.76 6.97 -3.20
N GLU A 55 -4.87 7.26 -4.50
CA GLU A 55 -4.03 6.65 -5.54
C GLU A 55 -2.56 7.08 -5.35
N PRO A 56 -1.56 6.25 -5.71
CA PRO A 56 -1.69 4.93 -6.37
C PRO A 56 -1.98 3.75 -5.42
N LEU A 57 -1.96 3.93 -4.08
CA LEU A 57 -2.16 2.83 -3.13
C LEU A 57 -3.58 2.24 -3.19
N ARG A 58 -4.62 3.06 -3.35
CA ARG A 58 -6.02 2.62 -3.37
C ARG A 58 -6.32 1.70 -4.56
N ILE A 59 -7.35 0.86 -4.40
CA ILE A 59 -7.87 -0.09 -5.38
C ILE A 59 -9.34 0.25 -5.64
N ALA A 60 -9.60 0.87 -6.80
CA ALA A 60 -10.88 1.48 -7.16
C ALA A 60 -12.08 0.53 -7.01
N LYS A 61 -12.93 0.78 -5.99
CA LYS A 61 -14.13 0.00 -5.68
C LYS A 61 -15.16 0.01 -6.84
N PRO A 62 -15.85 -1.11 -7.16
CA PRO A 62 -15.83 -2.43 -6.51
C PRO A 62 -14.49 -3.17 -6.70
N ASN A 63 -13.92 -3.64 -5.58
CA ASN A 63 -12.57 -4.21 -5.48
C ASN A 63 -12.51 -5.58 -4.79
N GLN A 64 -13.64 -6.17 -4.38
CA GLN A 64 -13.69 -7.49 -3.74
C GLN A 64 -13.02 -8.62 -4.56
N ILE A 65 -13.15 -8.56 -5.89
CA ILE A 65 -12.47 -9.45 -6.85
C ILE A 65 -10.96 -9.16 -6.89
N SER A 66 -10.58 -7.87 -6.89
CA SER A 66 -9.19 -7.40 -6.86
C SER A 66 -8.43 -7.91 -5.62
N LEU A 67 -9.05 -7.85 -4.43
CA LEU A 67 -8.50 -8.42 -3.19
C LEU A 67 -8.23 -9.93 -3.33
N ILE A 68 -9.19 -10.69 -3.85
CA ILE A 68 -9.09 -12.15 -4.06
C ILE A 68 -7.97 -12.49 -5.09
N ASN A 69 -7.70 -11.62 -6.06
CA ASN A 69 -6.63 -11.80 -7.04
C ASN A 69 -5.23 -11.41 -6.53
N MET A 70 -5.12 -10.60 -5.48
CA MET A 70 -3.87 -10.32 -4.77
C MET A 70 -3.46 -11.46 -3.82
N ASP A 71 -2.22 -11.42 -3.34
CA ASP A 71 -1.60 -12.44 -2.47
C ASP A 71 -2.03 -12.36 -0.98
N LEU A 72 -3.00 -11.48 -0.65
CA LEU A 72 -3.47 -11.16 0.70
C LEU A 72 -3.79 -12.42 1.56
N PRO A 73 -3.04 -12.66 2.66
CA PRO A 73 -3.29 -13.76 3.61
C PRO A 73 -4.42 -13.41 4.60
N MET A 74 -4.65 -14.27 5.59
CA MET A 74 -5.25 -13.92 6.88
C MET A 74 -4.33 -14.39 8.03
N VAL A 75 -4.41 -13.73 9.19
CA VAL A 75 -3.71 -14.12 10.44
C VAL A 75 -4.55 -15.01 11.36
N SER A 76 -5.88 -14.98 11.21
CA SER A 76 -6.87 -15.67 12.05
C SER A 76 -7.87 -16.53 11.27
N GLY A 77 -7.85 -16.44 9.93
CA GLY A 77 -8.89 -16.89 9.01
C GLY A 77 -9.94 -15.82 8.67
N ASP A 78 -9.92 -14.66 9.34
CA ASP A 78 -10.87 -13.54 9.11
C ASP A 78 -10.23 -12.15 9.07
N ARG A 79 -9.10 -11.93 9.76
CA ARG A 79 -8.37 -10.65 9.81
C ARG A 79 -7.02 -10.70 9.10
N ILE A 80 -6.47 -9.54 8.76
CA ILE A 80 -5.20 -9.36 8.05
C ILE A 80 -4.37 -8.25 8.73
N HIS A 81 -3.05 -8.43 8.81
CA HIS A 81 -2.11 -7.50 9.43
C HIS A 81 -1.83 -6.24 8.59
N CYS A 82 -1.72 -5.10 9.27
CA CYS A 82 -1.47 -3.76 8.74
C CYS A 82 -0.33 -3.72 7.69
N MET A 83 0.87 -4.17 8.06
CA MET A 83 2.04 -4.12 7.17
C MET A 83 1.92 -5.07 5.96
N ASP A 84 1.22 -6.19 6.10
CA ASP A 84 0.98 -7.14 5.00
C ASP A 84 -0.04 -6.60 3.98
N ILE A 85 -1.08 -5.90 4.45
CA ILE A 85 -2.00 -5.12 3.61
C ILE A 85 -1.23 -4.03 2.86
N LEU A 86 -0.44 -3.22 3.58
CA LEU A 86 0.44 -2.20 3.01
C LEU A 86 1.34 -2.78 1.91
N PHE A 87 2.09 -3.85 2.20
CA PHE A 87 2.95 -4.54 1.25
C PHE A 87 2.22 -4.98 -0.03
N ALA A 88 1.06 -5.67 0.09
CA ALA A 88 0.25 -6.06 -1.06
C ALA A 88 -0.19 -4.84 -1.91
N PHE A 89 -0.58 -3.74 -1.27
CA PHE A 89 -1.01 -2.52 -1.95
C PHE A 89 0.17 -1.77 -2.63
N THR A 90 1.38 -1.74 -2.04
CA THR A 90 2.58 -1.10 -2.63
C THR A 90 3.24 -1.95 -3.71
N LYS A 91 3.21 -3.28 -3.60
CA LYS A 91 3.73 -4.27 -4.58
C LYS A 91 3.23 -3.99 -5.99
N ARG A 92 1.95 -3.63 -6.14
CA ARG A 92 1.33 -3.11 -7.38
C ARG A 92 2.16 -1.98 -8.01
N VAL A 93 2.36 -0.91 -7.25
CA VAL A 93 3.06 0.33 -7.65
C VAL A 93 4.55 0.08 -7.94
N LEU A 94 5.18 -0.83 -7.18
CA LEU A 94 6.56 -1.30 -7.35
C LEU A 94 6.79 -2.19 -8.59
N GLY A 95 5.73 -2.61 -9.29
CA GLY A 95 5.78 -3.33 -10.58
C GLY A 95 5.19 -4.74 -10.58
N GLU A 96 4.46 -5.14 -9.53
CA GLU A 96 3.85 -6.46 -9.28
C GLU A 96 4.86 -7.63 -9.05
N SER A 97 6.16 -7.38 -9.17
CA SER A 97 7.28 -8.31 -8.90
C SER A 97 7.23 -8.94 -7.51
N GLY A 1 42.12 6.35 -30.14
CA GLY A 1 41.37 5.41 -31.02
C GLY A 1 39.86 5.63 -30.95
N PRO A 2 39.10 5.14 -31.95
CA PRO A 2 37.63 5.30 -32.04
C PRO A 2 36.90 4.48 -30.96
N GLY A 3 36.62 5.11 -29.81
CA GLY A 3 35.96 4.50 -28.65
C GLY A 3 35.02 5.45 -27.88
N SER A 4 34.70 6.62 -28.44
CA SER A 4 33.89 7.67 -27.80
C SER A 4 32.49 7.20 -27.40
N GLU A 5 32.06 7.55 -26.19
CA GLU A 5 30.74 7.20 -25.60
C GLU A 5 30.06 8.36 -24.85
N ASN A 6 30.65 9.56 -24.88
CA ASN A 6 30.19 10.75 -24.15
C ASN A 6 28.79 11.25 -24.54
N PHE A 7 28.29 10.86 -25.73
CA PHE A 7 26.94 11.14 -26.22
C PHE A 7 25.81 10.46 -25.41
N SER A 8 26.11 9.46 -24.58
CA SER A 8 25.14 8.75 -23.71
C SER A 8 24.72 9.59 -22.50
N VAL A 9 23.77 10.50 -22.69
CA VAL A 9 23.13 11.33 -21.64
C VAL A 9 22.32 10.45 -20.67
N ALA A 10 22.75 10.37 -19.42
CA ALA A 10 22.09 9.61 -18.34
C ALA A 10 20.78 10.27 -17.83
N THR A 11 20.19 9.67 -16.79
CA THR A 11 18.97 10.13 -16.11
C THR A 11 19.13 10.13 -14.57
N GLU A 12 18.26 10.87 -13.89
CA GLU A 12 18.19 10.94 -12.41
C GLU A 12 17.46 9.70 -11.81
N GLU A 13 17.89 9.24 -10.63
CA GLU A 13 17.37 8.03 -9.96
C GLU A 13 16.26 8.27 -8.92
N SER A 14 15.96 9.55 -8.61
CA SER A 14 14.99 9.99 -7.60
C SER A 14 13.52 9.83 -8.02
N THR A 15 13.25 9.39 -9.25
CA THR A 15 11.95 9.25 -9.93
C THR A 15 11.08 8.08 -9.43
N GLU A 16 11.25 7.63 -8.19
CA GLU A 16 10.55 6.48 -7.58
C GLU A 16 9.01 6.65 -7.57
N PRO A 17 8.22 5.55 -7.69
CA PRO A 17 6.76 5.60 -7.81
C PRO A 17 6.01 5.81 -6.48
N LEU A 18 6.71 5.74 -5.35
CA LEU A 18 6.21 5.96 -3.98
C LEU A 18 7.15 6.88 -3.18
N SER A 19 6.61 7.54 -2.15
CA SER A 19 7.32 8.40 -1.21
C SER A 19 6.77 8.26 0.22
N GLU A 20 7.40 8.92 1.19
CA GLU A 20 6.99 8.93 2.61
C GLU A 20 5.53 9.39 2.80
N ASP A 21 5.04 10.32 1.96
CA ASP A 21 3.66 10.82 1.98
C ASP A 21 2.61 9.72 1.72
N ASP A 22 2.93 8.71 0.90
CA ASP A 22 2.04 7.57 0.61
C ASP A 22 1.88 6.63 1.82
N PHE A 23 2.96 6.40 2.57
CA PHE A 23 2.96 5.61 3.80
C PHE A 23 2.32 6.38 4.97
N ASP A 24 2.55 7.69 5.06
CA ASP A 24 1.86 8.58 6.00
C ASP A 24 0.33 8.56 5.78
N MET A 25 -0.11 8.67 4.52
CA MET A 25 -1.52 8.49 4.11
C MET A 25 -2.07 7.13 4.56
N PHE A 26 -1.35 6.02 4.34
CA PHE A 26 -1.77 4.69 4.76
C PHE A 26 -2.11 4.65 6.25
N TYR A 27 -1.16 5.02 7.13
CA TYR A 27 -1.36 5.00 8.59
C TYR A 27 -2.37 6.06 9.10
N GLU A 28 -2.54 7.19 8.41
CA GLU A 28 -3.61 8.16 8.68
C GLU A 28 -5.00 7.56 8.45
N ILE A 29 -5.24 7.02 7.24
CA ILE A 29 -6.52 6.41 6.85
C ILE A 29 -6.81 5.13 7.66
N TRP A 30 -5.79 4.36 8.03
CA TRP A 30 -5.88 3.14 8.86
C TRP A 30 -6.67 3.33 10.16
N GLU A 31 -6.44 4.44 10.87
CA GLU A 31 -7.07 4.76 12.16
C GLU A 31 -8.62 4.77 12.10
N LYS A 32 -9.20 5.08 10.94
CA LYS A 32 -10.66 5.05 10.69
C LYS A 32 -11.26 3.64 10.71
N PHE A 33 -10.44 2.61 10.53
CA PHE A 33 -10.83 1.18 10.48
C PHE A 33 -10.29 0.35 11.65
N ASP A 34 -9.30 0.88 12.38
CA ASP A 34 -8.69 0.27 13.57
C ASP A 34 -8.79 1.21 14.80
N PRO A 35 -9.98 1.37 15.40
CA PRO A 35 -10.17 2.17 16.62
C PRO A 35 -9.56 1.52 17.87
N GLU A 36 -9.30 0.21 17.85
CA GLU A 36 -8.61 -0.55 18.90
C GLU A 36 -7.08 -0.34 18.90
N ALA A 37 -6.52 0.25 17.83
CA ALA A 37 -5.08 0.32 17.53
C ALA A 37 -4.38 -1.07 17.54
N THR A 38 -5.14 -2.15 17.31
CA THR A 38 -4.67 -3.55 17.40
C THR A 38 -3.72 -3.96 16.27
N GLN A 39 -3.58 -3.15 15.21
CA GLN A 39 -2.75 -3.36 14.00
C GLN A 39 -3.34 -4.42 13.03
N PHE A 40 -4.61 -4.79 13.20
CA PHE A 40 -5.37 -5.72 12.35
C PHE A 40 -6.72 -5.11 11.94
N ILE A 41 -7.27 -5.52 10.79
CA ILE A 41 -8.68 -5.29 10.37
C ILE A 41 -9.28 -6.56 9.75
N GLU A 42 -10.59 -6.59 9.57
CA GLU A 42 -11.33 -7.71 8.97
C GLU A 42 -11.43 -7.58 7.44
N TYR A 43 -11.48 -8.70 6.71
CA TYR A 43 -11.59 -8.71 5.24
C TYR A 43 -12.88 -8.05 4.73
N SER A 44 -13.95 -8.06 5.55
CA SER A 44 -15.23 -7.38 5.31
C SER A 44 -15.16 -5.83 5.37
N VAL A 45 -14.07 -5.26 5.91
CA VAL A 45 -13.80 -3.80 5.92
C VAL A 45 -12.52 -3.42 5.17
N LEU A 46 -11.67 -4.38 4.82
CA LEU A 46 -10.51 -4.21 3.94
C LEU A 46 -10.89 -3.59 2.59
N SER A 47 -12.02 -3.99 2.02
CA SER A 47 -12.58 -3.43 0.78
C SER A 47 -13.03 -1.97 0.88
N ASP A 48 -13.46 -1.52 2.07
CA ASP A 48 -13.77 -0.11 2.34
C ASP A 48 -12.50 0.70 2.62
N PHE A 49 -11.52 0.15 3.33
CA PHE A 49 -10.18 0.73 3.51
C PHE A 49 -9.45 0.92 2.18
N ALA A 50 -9.42 -0.12 1.33
CA ALA A 50 -8.84 -0.08 -0.02
C ALA A 50 -9.40 1.05 -0.91
N ASP A 51 -10.69 1.41 -0.74
CA ASP A 51 -11.35 2.49 -1.46
C ASP A 51 -11.17 3.88 -0.81
N ALA A 52 -10.76 3.94 0.46
CA ALA A 52 -10.69 5.19 1.25
C ALA A 52 -9.36 5.94 1.10
N LEU A 53 -8.31 5.24 0.65
CA LEU A 53 -6.99 5.79 0.32
C LEU A 53 -7.03 6.58 -1.00
N SER A 54 -5.92 7.24 -1.35
CA SER A 54 -5.72 7.87 -2.68
C SER A 54 -4.76 7.04 -3.56
N GLU A 55 -4.72 7.35 -4.84
CA GLU A 55 -3.81 6.73 -5.82
C GLU A 55 -2.34 7.08 -5.53
N PRO A 56 -1.35 6.24 -5.91
CA PRO A 56 -1.51 4.95 -6.62
C PRO A 56 -1.87 3.74 -5.73
N LEU A 57 -1.81 3.86 -4.40
CA LEU A 57 -2.03 2.74 -3.48
C LEU A 57 -3.49 2.22 -3.45
N ARG A 58 -4.49 3.11 -3.54
CA ARG A 58 -5.91 2.74 -3.43
C ARG A 58 -6.42 1.85 -4.57
N ILE A 59 -7.53 1.16 -4.32
CA ILE A 59 -8.22 0.26 -5.26
C ILE A 59 -9.71 0.62 -5.24
N ALA A 60 -10.16 1.39 -6.23
CA ALA A 60 -11.54 1.85 -6.33
C ALA A 60 -12.55 0.69 -6.45
N LYS A 61 -13.71 0.80 -5.79
CA LYS A 61 -14.80 -0.18 -5.85
C LYS A 61 -15.34 -0.37 -7.30
N PRO A 62 -15.83 -1.58 -7.66
CA PRO A 62 -15.73 -2.83 -6.90
C PRO A 62 -14.29 -3.36 -6.86
N ASN A 63 -13.82 -3.76 -5.69
CA ASN A 63 -12.44 -4.18 -5.42
C ASN A 63 -12.30 -5.56 -4.72
N GLN A 64 -13.41 -6.23 -4.37
CA GLN A 64 -13.36 -7.57 -3.75
C GLN A 64 -12.59 -8.58 -4.61
N ILE A 65 -12.79 -8.58 -5.93
CA ILE A 65 -12.07 -9.43 -6.88
C ILE A 65 -10.59 -9.02 -6.97
N SER A 66 -10.33 -7.72 -7.01
CA SER A 66 -8.98 -7.12 -7.00
C SER A 66 -8.16 -7.59 -5.80
N LEU A 67 -8.73 -7.52 -4.60
CA LEU A 67 -8.15 -8.02 -3.34
C LEU A 67 -7.90 -9.53 -3.38
N ILE A 68 -8.88 -10.33 -3.83
CA ILE A 68 -8.75 -11.79 -3.97
C ILE A 68 -7.58 -12.20 -4.89
N ASN A 69 -7.27 -11.41 -5.91
CA ASN A 69 -6.13 -11.63 -6.81
C ASN A 69 -4.74 -11.23 -6.24
N MET A 70 -4.67 -10.55 -5.09
CA MET A 70 -3.41 -10.17 -4.42
C MET A 70 -2.78 -11.35 -3.66
N ASP A 71 -1.56 -11.13 -3.16
CA ASP A 71 -0.81 -12.02 -2.27
C ASP A 71 -1.27 -11.95 -0.79
N LEU A 72 -2.38 -11.26 -0.49
CA LEU A 72 -2.93 -11.00 0.85
C LEU A 72 -3.10 -12.29 1.69
N PRO A 73 -2.44 -12.39 2.86
CA PRO A 73 -2.63 -13.48 3.82
C PRO A 73 -3.91 -13.28 4.68
N MET A 74 -4.12 -14.16 5.66
CA MET A 74 -4.98 -13.93 6.83
C MET A 74 -4.26 -14.41 8.11
N VAL A 75 -4.66 -13.87 9.27
CA VAL A 75 -4.10 -14.21 10.60
C VAL A 75 -5.03 -15.03 11.49
N SER A 76 -6.33 -15.08 11.15
CA SER A 76 -7.41 -15.76 11.89
C SER A 76 -8.36 -16.61 11.03
N GLY A 77 -8.23 -16.53 9.70
CA GLY A 77 -9.23 -16.97 8.71
C GLY A 77 -10.26 -15.89 8.35
N ASP A 78 -10.21 -14.70 8.96
CA ASP A 78 -11.07 -13.55 8.63
C ASP A 78 -10.39 -12.17 8.69
N ARG A 79 -9.21 -12.05 9.32
CA ARG A 79 -8.50 -10.78 9.58
C ARG A 79 -7.11 -10.74 8.96
N ILE A 80 -6.55 -9.53 8.81
CA ILE A 80 -5.25 -9.25 8.16
C ILE A 80 -4.50 -8.14 8.92
N HIS A 81 -3.17 -8.28 9.01
CA HIS A 81 -2.24 -7.33 9.61
C HIS A 81 -1.94 -6.12 8.71
N CYS A 82 -1.76 -4.93 9.32
CA CYS A 82 -1.53 -3.65 8.63
C CYS A 82 -0.38 -3.68 7.60
N MET A 83 0.81 -4.14 8.01
CA MET A 83 2.00 -4.16 7.15
C MET A 83 1.88 -5.16 6.00
N ASP A 84 1.15 -6.26 6.19
CA ASP A 84 0.93 -7.27 5.15
C ASP A 84 -0.06 -6.79 4.08
N ILE A 85 -1.03 -5.95 4.45
CA ILE A 85 -1.88 -5.19 3.51
C ILE A 85 -1.02 -4.16 2.74
N LEU A 86 -0.19 -3.36 3.44
CA LEU A 86 0.75 -2.41 2.82
C LEU A 86 1.68 -3.10 1.82
N PHE A 87 2.28 -4.23 2.19
CA PHE A 87 3.13 -5.08 1.35
C PHE A 87 2.41 -5.54 0.06
N ALA A 88 1.17 -6.03 0.17
CA ALA A 88 0.33 -6.38 -0.99
C ALA A 88 0.04 -5.17 -1.91
N PHE A 89 -0.36 -4.03 -1.35
CA PHE A 89 -0.71 -2.81 -2.10
C PHE A 89 0.51 -2.19 -2.81
N THR A 90 1.64 -2.05 -2.12
CA THR A 90 2.89 -1.48 -2.67
C THR A 90 3.46 -2.30 -3.81
N LYS A 91 3.42 -3.65 -3.76
CA LYS A 91 3.84 -4.54 -4.86
C LYS A 91 3.17 -4.19 -6.20
N ARG A 92 1.87 -3.91 -6.21
CA ARG A 92 1.13 -3.51 -7.41
C ARG A 92 1.64 -2.19 -8.01
N VAL A 93 1.95 -1.20 -7.17
CA VAL A 93 2.53 0.09 -7.59
C VAL A 93 3.95 -0.07 -8.12
N LEU A 94 4.78 -0.89 -7.44
CA LEU A 94 6.16 -1.21 -7.80
C LEU A 94 6.31 -2.08 -9.09
N GLY A 95 5.20 -2.61 -9.62
CA GLY A 95 5.13 -3.29 -10.93
C GLY A 95 5.07 -4.82 -10.86
N GLU A 96 4.93 -5.41 -9.66
CA GLU A 96 4.78 -6.85 -9.36
C GLU A 96 5.96 -7.77 -9.75
N SER A 97 7.02 -7.24 -10.36
CA SER A 97 8.21 -7.96 -10.87
C SER A 97 9.50 -7.15 -10.67
N GLY A 1 8.00 1.23 -37.92
CA GLY A 1 8.39 -0.18 -37.68
C GLY A 1 7.43 -0.89 -36.74
N PRO A 2 7.75 -2.15 -36.35
CA PRO A 2 6.91 -2.99 -35.46
C PRO A 2 6.57 -2.39 -34.08
N GLY A 3 7.42 -1.50 -33.55
CA GLY A 3 7.27 -0.85 -32.25
C GLY A 3 8.39 0.16 -31.96
N SER A 4 8.35 0.78 -30.77
CA SER A 4 9.38 1.71 -30.25
C SER A 4 9.56 1.56 -28.73
N GLU A 5 10.59 2.21 -28.18
CA GLU A 5 10.92 2.24 -26.75
C GLU A 5 9.97 3.13 -25.92
N ASN A 6 10.03 3.00 -24.59
CA ASN A 6 9.37 3.89 -23.64
C ASN A 6 10.17 5.21 -23.49
N PHE A 7 10.06 6.10 -24.48
CA PHE A 7 10.79 7.37 -24.56
C PHE A 7 10.29 8.39 -23.50
N SER A 8 11.01 8.48 -22.37
CA SER A 8 10.74 9.40 -21.26
C SER A 8 12.04 9.93 -20.64
N VAL A 9 12.03 11.17 -20.14
CA VAL A 9 13.17 11.78 -19.41
C VAL A 9 13.31 11.22 -17.99
N ALA A 10 12.18 10.92 -17.36
CA ALA A 10 12.09 10.25 -16.06
C ALA A 10 12.66 8.81 -16.12
N THR A 11 13.47 8.44 -15.13
CA THR A 11 14.14 7.13 -15.05
C THR A 11 14.39 6.71 -13.59
N GLU A 12 14.59 5.41 -13.35
CA GLU A 12 14.88 4.83 -12.03
C GLU A 12 16.18 5.37 -11.39
N GLU A 13 17.10 5.89 -12.20
CA GLU A 13 18.33 6.56 -11.75
C GLU A 13 18.10 7.95 -11.14
N SER A 14 16.89 8.51 -11.29
CA SER A 14 16.55 9.91 -10.97
C SER A 14 15.24 10.12 -10.20
N THR A 15 14.35 9.13 -10.15
CA THR A 15 13.07 9.17 -9.42
C THR A 15 12.55 7.77 -9.03
N GLU A 16 11.52 7.72 -8.18
CA GLU A 16 10.80 6.53 -7.72
C GLU A 16 9.27 6.81 -7.63
N PRO A 17 8.40 5.79 -7.75
CA PRO A 17 6.94 5.98 -7.84
C PRO A 17 6.24 6.24 -6.49
N LEU A 18 6.94 6.13 -5.36
CA LEU A 18 6.41 6.33 -4.00
C LEU A 18 7.32 7.25 -3.15
N SER A 19 6.74 7.88 -2.13
CA SER A 19 7.38 8.79 -1.17
C SER A 19 6.86 8.59 0.26
N GLU A 20 7.45 9.27 1.25
CA GLU A 20 7.04 9.22 2.68
C GLU A 20 5.56 9.60 2.90
N ASP A 21 5.04 10.52 2.08
CA ASP A 21 3.64 10.97 2.09
C ASP A 21 2.62 9.83 1.83
N ASP A 22 3.00 8.81 1.04
CA ASP A 22 2.15 7.63 0.78
C ASP A 22 1.99 6.75 2.04
N PHE A 23 3.05 6.54 2.80
CA PHE A 23 3.01 5.83 4.08
C PHE A 23 2.24 6.63 5.15
N ASP A 24 2.47 7.95 5.23
CA ASP A 24 1.71 8.87 6.11
C ASP A 24 0.20 8.80 5.83
N MET A 25 -0.20 8.88 4.56
CA MET A 25 -1.58 8.68 4.08
C MET A 25 -2.14 7.31 4.50
N PHE A 26 -1.40 6.22 4.26
CA PHE A 26 -1.81 4.87 4.66
C PHE A 26 -2.14 4.78 6.16
N TYR A 27 -1.20 5.15 7.04
CA TYR A 27 -1.40 5.07 8.50
C TYR A 27 -2.45 6.05 9.04
N GLU A 28 -2.69 7.20 8.38
CA GLU A 28 -3.80 8.10 8.69
C GLU A 28 -5.17 7.47 8.39
N ILE A 29 -5.35 6.87 7.20
CA ILE A 29 -6.62 6.21 6.84
C ILE A 29 -6.79 4.86 7.58
N TRP A 30 -5.70 4.20 8.00
CA TRP A 30 -5.70 2.95 8.76
C TRP A 30 -6.50 3.03 10.08
N GLU A 31 -6.26 4.07 10.89
CA GLU A 31 -6.89 4.21 12.22
C GLU A 31 -8.43 4.37 12.17
N LYS A 32 -8.99 4.72 11.01
CA LYS A 32 -10.43 4.85 10.76
C LYS A 32 -11.16 3.48 10.73
N PHE A 33 -10.40 2.41 10.44
CA PHE A 33 -10.86 1.02 10.41
C PHE A 33 -10.25 0.16 11.53
N ASP A 34 -9.13 0.58 12.11
CA ASP A 34 -8.47 0.01 13.29
C ASP A 34 -8.41 1.03 14.46
N PRO A 35 -9.55 1.36 15.11
CA PRO A 35 -9.59 2.29 16.24
C PRO A 35 -8.96 1.70 17.53
N GLU A 36 -8.84 0.38 17.61
CA GLU A 36 -8.15 -0.34 18.69
C GLU A 36 -6.60 -0.33 18.55
N ALA A 37 -6.08 0.13 17.40
CA ALA A 37 -4.67 0.19 17.01
C ALA A 37 -3.90 -1.16 17.07
N THR A 38 -4.59 -2.30 17.09
CA THR A 38 -3.99 -3.66 17.19
C THR A 38 -3.21 -4.10 15.94
N GLN A 39 -3.26 -3.34 14.83
CA GLN A 39 -2.61 -3.59 13.54
C GLN A 39 -3.26 -4.72 12.72
N PHE A 40 -4.55 -5.01 12.95
CA PHE A 40 -5.37 -5.89 12.12
C PHE A 40 -6.74 -5.27 11.76
N ILE A 41 -7.31 -5.64 10.61
CA ILE A 41 -8.72 -5.40 10.24
C ILE A 41 -9.35 -6.65 9.62
N GLU A 42 -10.69 -6.73 9.60
CA GLU A 42 -11.44 -7.82 8.96
C GLU A 42 -11.52 -7.65 7.44
N TYR A 43 -11.62 -8.77 6.70
CA TYR A 43 -11.83 -8.76 5.25
C TYR A 43 -13.14 -8.03 4.86
N SER A 44 -14.14 -8.07 5.76
CA SER A 44 -15.43 -7.37 5.67
C SER A 44 -15.33 -5.84 5.64
N VAL A 45 -14.19 -5.25 6.04
CA VAL A 45 -13.90 -3.80 5.96
C VAL A 45 -12.65 -3.46 5.14
N LEU A 46 -11.81 -4.45 4.81
CA LEU A 46 -10.66 -4.32 3.92
C LEU A 46 -11.04 -3.68 2.57
N SER A 47 -12.18 -4.05 1.99
CA SER A 47 -12.67 -3.50 0.71
C SER A 47 -13.05 -2.02 0.78
N ASP A 48 -13.60 -1.56 1.90
CA ASP A 48 -13.91 -0.14 2.12
C ASP A 48 -12.63 0.67 2.45
N PHE A 49 -11.72 0.11 3.25
CA PHE A 49 -10.38 0.66 3.49
C PHE A 49 -9.59 0.83 2.19
N ALA A 50 -9.49 -0.22 1.38
CA ALA A 50 -8.80 -0.25 0.09
C ALA A 50 -9.26 0.86 -0.89
N ASP A 51 -10.53 1.29 -0.83
CA ASP A 51 -11.07 2.37 -1.66
C ASP A 51 -10.84 3.78 -1.08
N ALA A 52 -10.72 3.89 0.25
CA ALA A 52 -10.72 5.15 1.01
C ALA A 52 -9.36 5.86 1.04
N LEU A 53 -8.28 5.14 0.71
CA LEU A 53 -6.93 5.66 0.56
C LEU A 53 -6.82 6.57 -0.69
N SER A 54 -5.70 7.28 -0.85
CA SER A 54 -5.35 7.97 -2.11
C SER A 54 -4.75 7.00 -3.13
N GLU A 55 -4.93 7.30 -4.42
CA GLU A 55 -4.15 6.70 -5.51
C GLU A 55 -2.66 7.10 -5.39
N PRO A 56 -1.70 6.27 -5.86
CA PRO A 56 -1.88 5.00 -6.57
C PRO A 56 -2.13 3.75 -5.68
N LEU A 57 -1.94 3.82 -4.36
CA LEU A 57 -2.13 2.68 -3.44
C LEU A 57 -3.56 2.12 -3.45
N ARG A 58 -4.58 3.00 -3.42
CA ARG A 58 -5.99 2.62 -3.33
C ARG A 58 -6.45 1.77 -4.53
N ILE A 59 -7.45 0.92 -4.31
CA ILE A 59 -8.05 0.01 -5.28
C ILE A 59 -9.53 0.40 -5.43
N ALA A 60 -9.85 1.16 -6.48
CA ALA A 60 -11.17 1.74 -6.70
C ALA A 60 -12.29 0.67 -6.78
N LYS A 61 -13.42 0.92 -6.11
CA LYS A 61 -14.60 0.04 -6.13
C LYS A 61 -15.16 -0.16 -7.56
N PRO A 62 -15.78 -1.34 -7.86
CA PRO A 62 -15.77 -2.56 -7.05
C PRO A 62 -14.38 -3.23 -7.07
N ASN A 63 -13.91 -3.64 -5.88
CA ASN A 63 -12.53 -4.11 -5.66
C ASN A 63 -12.42 -5.52 -5.05
N GLN A 64 -13.53 -6.21 -4.74
CA GLN A 64 -13.50 -7.54 -4.11
C GLN A 64 -12.68 -8.58 -4.90
N ILE A 65 -12.83 -8.61 -6.23
CA ILE A 65 -12.04 -9.46 -7.14
C ILE A 65 -10.56 -9.04 -7.11
N SER A 66 -10.29 -7.74 -7.24
CA SER A 66 -8.95 -7.11 -7.22
C SER A 66 -8.16 -7.42 -5.94
N LEU A 67 -8.86 -7.52 -4.80
CA LEU A 67 -8.34 -7.92 -3.48
C LEU A 67 -8.14 -9.44 -3.36
N ILE A 68 -9.09 -10.26 -3.83
CA ILE A 68 -8.99 -11.74 -3.85
C ILE A 68 -7.78 -12.21 -4.68
N ASN A 69 -7.38 -11.46 -5.70
CA ASN A 69 -6.18 -11.71 -6.51
C ASN A 69 -4.84 -11.39 -5.80
N MET A 70 -4.84 -10.75 -4.62
CA MET A 70 -3.63 -10.54 -3.79
C MET A 70 -3.22 -11.82 -3.02
N ASP A 71 -2.01 -11.79 -2.47
CA ASP A 71 -1.38 -12.87 -1.68
C ASP A 71 -1.69 -12.78 -0.17
N LEU A 72 -2.64 -11.92 0.24
CA LEU A 72 -2.91 -11.56 1.64
C LEU A 72 -3.24 -12.76 2.55
N PRO A 73 -2.76 -12.78 3.81
CA PRO A 73 -3.07 -13.83 4.79
C PRO A 73 -4.47 -13.69 5.39
N MET A 74 -4.88 -14.69 6.18
CA MET A 74 -5.99 -14.63 7.14
C MET A 74 -5.49 -15.11 8.50
N VAL A 75 -5.00 -14.18 9.33
CA VAL A 75 -4.18 -14.47 10.53
C VAL A 75 -4.92 -15.23 11.65
N SER A 76 -6.25 -15.13 11.67
CA SER A 76 -7.17 -15.79 12.61
C SER A 76 -8.44 -16.35 11.93
N GLY A 77 -8.49 -16.35 10.60
CA GLY A 77 -9.58 -16.88 9.77
C GLY A 77 -10.44 -15.81 9.09
N ASP A 78 -10.40 -14.55 9.56
CA ASP A 78 -11.21 -13.43 9.04
C ASP A 78 -10.46 -12.08 8.94
N ARG A 79 -9.24 -11.98 9.47
CA ARG A 79 -8.47 -10.72 9.62
C ARG A 79 -7.12 -10.74 8.92
N ILE A 80 -6.62 -9.56 8.57
CA ILE A 80 -5.38 -9.32 7.80
C ILE A 80 -4.51 -8.26 8.51
N HIS A 81 -3.20 -8.52 8.59
CA HIS A 81 -2.20 -7.65 9.20
C HIS A 81 -1.90 -6.37 8.39
N CYS A 82 -1.78 -5.23 9.09
CA CYS A 82 -1.50 -3.88 8.59
C CYS A 82 -0.39 -3.83 7.52
N MET A 83 0.82 -4.28 7.87
CA MET A 83 1.98 -4.21 6.99
C MET A 83 1.83 -5.07 5.73
N ASP A 84 1.22 -6.26 5.82
CA ASP A 84 0.98 -7.15 4.68
C ASP A 84 0.01 -6.53 3.66
N ILE A 85 -1.01 -5.80 4.12
CA ILE A 85 -1.91 -5.00 3.28
C ILE A 85 -1.14 -3.90 2.54
N LEU A 86 -0.35 -3.07 3.26
CA LEU A 86 0.54 -2.06 2.67
C LEU A 86 1.48 -2.66 1.61
N PHE A 87 2.14 -3.77 1.92
CA PHE A 87 3.05 -4.50 1.03
C PHE A 87 2.35 -4.94 -0.26
N ALA A 88 1.19 -5.59 -0.16
CA ALA A 88 0.40 -6.02 -1.33
C ALA A 88 -0.04 -4.84 -2.23
N PHE A 89 -0.45 -3.71 -1.65
CA PHE A 89 -0.83 -2.50 -2.38
C PHE A 89 0.39 -1.88 -3.09
N THR A 90 1.47 -1.62 -2.36
CA THR A 90 2.68 -0.96 -2.89
C THR A 90 3.44 -1.80 -3.94
N LYS A 91 3.41 -3.13 -3.86
CA LYS A 91 3.96 -4.03 -4.90
C LYS A 91 3.45 -3.71 -6.30
N ARG A 92 2.12 -3.52 -6.46
CA ARG A 92 1.47 -3.18 -7.74
C ARG A 92 1.89 -1.80 -8.28
N VAL A 93 2.16 -0.83 -7.39
CA VAL A 93 2.70 0.51 -7.73
C VAL A 93 4.17 0.41 -8.17
N LEU A 94 4.99 -0.28 -7.39
CA LEU A 94 6.43 -0.49 -7.62
C LEU A 94 6.75 -1.33 -8.87
N GLY A 95 5.81 -2.18 -9.32
CA GLY A 95 6.01 -3.15 -10.40
C GLY A 95 6.92 -4.34 -10.01
N GLU A 96 6.99 -4.65 -8.71
CA GLU A 96 7.85 -5.69 -8.14
C GLU A 96 7.55 -7.08 -8.73
N SER A 97 8.58 -7.79 -9.20
CA SER A 97 8.51 -9.07 -9.94
C SER A 97 9.47 -10.13 -9.37
N GLY A 1 27.16 -4.33 -36.00
CA GLY A 1 26.08 -5.26 -35.62
C GLY A 1 25.18 -4.67 -34.54
N PRO A 2 24.41 -5.50 -33.80
CA PRO A 2 23.57 -5.09 -32.67
C PRO A 2 24.30 -4.32 -31.54
N GLY A 3 23.53 -3.73 -30.63
CA GLY A 3 24.00 -3.07 -29.42
C GLY A 3 24.39 -4.05 -28.32
N SER A 4 25.68 -4.38 -28.21
CA SER A 4 26.24 -5.40 -27.31
C SER A 4 26.05 -5.14 -25.80
N GLU A 5 25.74 -3.90 -25.39
CA GLU A 5 25.46 -3.50 -24.01
C GLU A 5 24.26 -2.54 -23.92
N ASN A 6 23.17 -2.99 -23.29
CA ASN A 6 21.89 -2.26 -23.18
C ASN A 6 21.98 -1.00 -22.29
N PHE A 7 22.75 -1.05 -21.20
CA PHE A 7 22.70 -0.09 -20.10
C PHE A 7 23.26 1.31 -20.45
N SER A 8 22.79 2.33 -19.72
CA SER A 8 23.07 3.76 -19.99
C SER A 8 23.36 4.61 -18.73
N VAL A 9 23.29 4.01 -17.54
CA VAL A 9 23.44 4.63 -16.18
C VAL A 9 22.68 5.97 -15.98
N ALA A 10 21.57 6.16 -16.69
CA ALA A 10 20.70 7.34 -16.61
C ALA A 10 19.99 7.51 -15.23
N THR A 11 19.31 8.64 -15.04
CA THR A 11 18.59 9.02 -13.80
C THR A 11 17.50 8.02 -13.38
N GLU A 12 16.98 7.23 -14.31
CA GLU A 12 16.03 6.12 -14.05
C GLU A 12 16.60 5.03 -13.11
N GLU A 13 17.92 4.95 -12.94
CA GLU A 13 18.61 4.08 -11.98
C GLU A 13 18.44 4.52 -10.51
N SER A 14 18.04 5.79 -10.29
CA SER A 14 18.03 6.47 -8.99
C SER A 14 16.68 7.06 -8.57
N THR A 15 15.67 7.04 -9.45
CA THR A 15 14.29 7.45 -9.16
C THR A 15 13.53 6.43 -8.29
N GLU A 16 12.38 6.81 -7.74
CA GLU A 16 11.49 5.96 -6.93
C GLU A 16 10.00 6.39 -7.05
N PRO A 17 9.03 5.44 -7.09
CA PRO A 17 7.62 5.74 -7.36
C PRO A 17 6.79 6.16 -6.13
N LEU A 18 7.34 6.04 -4.91
CA LEU A 18 6.67 6.30 -3.62
C LEU A 18 7.51 7.23 -2.73
N SER A 19 6.87 7.87 -1.74
CA SER A 19 7.47 8.78 -0.77
C SER A 19 6.84 8.64 0.63
N GLU A 20 7.38 9.34 1.63
CA GLU A 20 6.91 9.37 3.02
C GLU A 20 5.42 9.75 3.12
N ASP A 21 4.95 10.64 2.24
CA ASP A 21 3.55 11.10 2.13
C ASP A 21 2.56 9.96 1.82
N ASP A 22 2.96 8.94 1.05
CA ASP A 22 2.12 7.77 0.75
C ASP A 22 1.92 6.88 1.98
N PHE A 23 2.99 6.62 2.74
CA PHE A 23 2.93 5.87 4.00
C PHE A 23 2.15 6.63 5.09
N ASP A 24 2.37 7.95 5.21
CA ASP A 24 1.59 8.82 6.10
C ASP A 24 0.08 8.76 5.77
N MET A 25 -0.29 8.86 4.49
CA MET A 25 -1.66 8.69 4.00
C MET A 25 -2.23 7.29 4.34
N PHE A 26 -1.47 6.22 4.12
CA PHE A 26 -1.87 4.86 4.52
C PHE A 26 -2.25 4.79 6.01
N TYR A 27 -1.37 5.25 6.92
CA TYR A 27 -1.64 5.24 8.36
C TYR A 27 -2.78 6.18 8.79
N GLU A 28 -2.92 7.36 8.17
CA GLU A 28 -4.01 8.31 8.45
C GLU A 28 -5.40 7.75 8.09
N ILE A 29 -5.49 6.91 7.06
CA ILE A 29 -6.71 6.19 6.69
C ILE A 29 -6.88 4.90 7.52
N TRP A 30 -5.79 4.18 7.84
CA TRP A 30 -5.79 2.94 8.64
C TRP A 30 -6.53 3.07 9.98
N GLU A 31 -6.27 4.13 10.75
CA GLU A 31 -6.88 4.38 12.06
C GLU A 31 -8.41 4.54 12.03
N LYS A 32 -9.01 4.78 10.85
CA LYS A 32 -10.47 4.83 10.65
C LYS A 32 -11.13 3.44 10.70
N PHE A 33 -10.36 2.37 10.48
CA PHE A 33 -10.79 0.97 10.47
C PHE A 33 -10.15 0.14 11.61
N ASP A 34 -9.02 0.58 12.15
CA ASP A 34 -8.36 0.06 13.36
C ASP A 34 -8.13 1.19 14.39
N PRO A 35 -9.20 1.76 14.98
CA PRO A 35 -9.08 2.79 16.02
C PRO A 35 -8.51 2.24 17.34
N GLU A 36 -8.59 0.92 17.53
CA GLU A 36 -7.98 0.17 18.64
C GLU A 36 -6.45 -0.02 18.49
N ALA A 37 -5.88 0.34 17.34
CA ALA A 37 -4.46 0.23 16.99
C ALA A 37 -3.89 -1.21 17.14
N THR A 38 -4.74 -2.23 16.99
CA THR A 38 -4.36 -3.66 17.09
C THR A 38 -3.39 -4.15 16.01
N GLN A 39 -3.25 -3.39 14.92
CA GLN A 39 -2.48 -3.70 13.69
C GLN A 39 -3.18 -4.73 12.78
N PHE A 40 -4.49 -4.98 12.97
CA PHE A 40 -5.31 -5.83 12.09
C PHE A 40 -6.65 -5.15 11.72
N ILE A 41 -7.26 -5.58 10.61
CA ILE A 41 -8.66 -5.32 10.24
C ILE A 41 -9.36 -6.58 9.71
N GLU A 42 -10.69 -6.57 9.68
CA GLU A 42 -11.53 -7.64 9.13
C GLU A 42 -11.64 -7.53 7.59
N TYR A 43 -11.74 -8.66 6.88
CA TYR A 43 -11.91 -8.67 5.42
C TYR A 43 -13.16 -7.93 4.94
N SER A 44 -14.22 -7.94 5.75
CA SER A 44 -15.50 -7.24 5.55
C SER A 44 -15.40 -5.71 5.57
N VAL A 45 -14.29 -5.13 6.05
CA VAL A 45 -13.99 -3.68 5.99
C VAL A 45 -12.70 -3.36 5.22
N LEU A 46 -11.85 -4.34 4.93
CA LEU A 46 -10.65 -4.19 4.09
C LEU A 46 -10.98 -3.66 2.70
N SER A 47 -12.07 -4.14 2.08
CA SER A 47 -12.58 -3.64 0.79
C SER A 47 -13.04 -2.18 0.82
N ASP A 48 -13.47 -1.64 1.96
CA ASP A 48 -13.78 -0.22 2.13
C ASP A 48 -12.53 0.62 2.48
N PHE A 49 -11.58 0.06 3.25
CA PHE A 49 -10.25 0.63 3.50
C PHE A 49 -9.47 0.81 2.18
N ALA A 50 -9.43 -0.22 1.34
CA ALA A 50 -8.84 -0.20 0.00
C ALA A 50 -9.40 0.92 -0.91
N ASP A 51 -10.65 1.32 -0.70
CA ASP A 51 -11.34 2.40 -1.41
C ASP A 51 -11.29 3.77 -0.68
N ALA A 52 -10.77 3.84 0.55
CA ALA A 52 -10.70 5.07 1.35
C ALA A 52 -9.38 5.83 1.17
N LEU A 53 -8.35 5.15 0.66
CA LEU A 53 -7.02 5.68 0.37
C LEU A 53 -7.01 6.66 -0.82
N SER A 54 -5.94 7.43 -0.95
CA SER A 54 -5.59 8.15 -2.18
C SER A 54 -4.82 7.24 -3.15
N GLU A 55 -4.83 7.56 -4.44
CA GLU A 55 -3.93 6.93 -5.41
C GLU A 55 -2.44 7.19 -5.04
N PRO A 56 -1.50 6.28 -5.37
CA PRO A 56 -1.69 5.00 -6.08
C PRO A 56 -2.09 3.80 -5.19
N LEU A 57 -2.09 3.94 -3.85
CA LEU A 57 -2.41 2.83 -2.94
C LEU A 57 -3.91 2.42 -2.99
N ARG A 58 -4.78 3.35 -3.39
CA ARG A 58 -6.21 3.15 -3.73
C ARG A 58 -6.44 1.99 -4.70
N ILE A 59 -7.35 1.09 -4.33
CA ILE A 59 -7.99 0.10 -5.21
C ILE A 59 -9.48 0.41 -5.26
N ALA A 60 -9.91 1.22 -6.21
CA ALA A 60 -11.29 1.71 -6.31
C ALA A 60 -12.31 0.57 -6.55
N LYS A 61 -13.52 0.71 -6.00
CA LYS A 61 -14.62 -0.28 -6.14
C LYS A 61 -15.10 -0.41 -7.61
N PRO A 62 -15.59 -1.60 -8.02
CA PRO A 62 -15.59 -2.87 -7.29
C PRO A 62 -14.16 -3.46 -7.19
N ASN A 63 -13.73 -3.79 -5.97
CA ASN A 63 -12.37 -4.25 -5.65
C ASN A 63 -12.31 -5.66 -5.00
N GLN A 64 -13.43 -6.31 -4.73
CA GLN A 64 -13.45 -7.67 -4.19
C GLN A 64 -12.66 -8.67 -5.07
N ILE A 65 -12.77 -8.57 -6.40
CA ILE A 65 -12.00 -9.40 -7.35
C ILE A 65 -10.51 -9.02 -7.31
N SER A 66 -10.20 -7.73 -7.27
CA SER A 66 -8.84 -7.19 -7.14
C SER A 66 -8.12 -7.70 -5.88
N LEU A 67 -8.82 -7.73 -4.75
CA LEU A 67 -8.33 -8.24 -3.47
C LEU A 67 -8.22 -9.78 -3.44
N ILE A 68 -9.13 -10.52 -4.07
CA ILE A 68 -9.04 -11.98 -4.29
C ILE A 68 -7.79 -12.37 -5.10
N ASN A 69 -7.36 -11.52 -6.04
CA ASN A 69 -6.14 -11.70 -6.82
C ASN A 69 -4.83 -11.40 -6.04
N MET A 70 -4.90 -10.80 -4.85
CA MET A 70 -3.75 -10.65 -3.93
C MET A 70 -3.48 -11.92 -3.11
N ASP A 71 -2.45 -11.89 -2.26
CA ASP A 71 -2.02 -12.98 -1.37
C ASP A 71 -2.19 -12.63 0.13
N LEU A 72 -3.15 -11.74 0.44
CA LEU A 72 -3.44 -11.19 1.78
C LEU A 72 -3.63 -12.30 2.85
N PRO A 73 -2.78 -12.37 3.89
CA PRO A 73 -2.81 -13.44 4.90
C PRO A 73 -3.98 -13.29 5.88
N MET A 74 -4.99 -14.17 5.77
CA MET A 74 -6.06 -14.31 6.76
C MET A 74 -5.53 -15.02 8.02
N VAL A 75 -5.07 -14.24 9.00
CA VAL A 75 -4.20 -14.70 10.12
C VAL A 75 -4.85 -15.72 11.08
N SER A 76 -6.17 -15.60 11.30
CA SER A 76 -6.95 -16.43 12.24
C SER A 76 -8.32 -16.88 11.71
N GLY A 77 -8.63 -16.55 10.45
CA GLY A 77 -9.89 -16.87 9.78
C GLY A 77 -10.28 -15.84 8.72
N ASP A 78 -10.44 -14.58 9.12
CA ASP A 78 -10.87 -13.45 8.27
C ASP A 78 -10.27 -12.08 8.68
N ARG A 79 -9.25 -12.04 9.56
CA ARG A 79 -8.47 -10.81 9.86
C ARG A 79 -7.13 -10.78 9.13
N ILE A 80 -6.62 -9.59 8.84
CA ILE A 80 -5.44 -9.35 7.99
C ILE A 80 -4.56 -8.24 8.59
N HIS A 81 -3.25 -8.48 8.65
CA HIS A 81 -2.22 -7.63 9.29
C HIS A 81 -1.81 -6.42 8.44
N CYS A 82 -1.61 -5.25 9.09
CA CYS A 82 -1.34 -3.96 8.45
C CYS A 82 -0.16 -3.96 7.45
N MET A 83 0.99 -4.53 7.85
CA MET A 83 2.21 -4.52 7.02
C MET A 83 2.06 -5.39 5.76
N ASP A 84 1.38 -6.53 5.86
CA ASP A 84 1.15 -7.43 4.73
C ASP A 84 0.15 -6.85 3.72
N ILE A 85 -0.82 -6.05 4.19
CA ILE A 85 -1.69 -5.23 3.34
C ILE A 85 -0.89 -4.14 2.63
N LEU A 86 -0.07 -3.37 3.36
CA LEU A 86 0.83 -2.37 2.80
C LEU A 86 1.78 -2.96 1.74
N PHE A 87 2.39 -4.11 2.01
CA PHE A 87 3.21 -4.88 1.08
C PHE A 87 2.45 -5.20 -0.21
N ALA A 88 1.27 -5.81 -0.12
CA ALA A 88 0.44 -6.10 -1.30
C ALA A 88 0.06 -4.84 -2.09
N PHE A 89 -0.34 -3.76 -1.40
CA PHE A 89 -0.78 -2.51 -2.03
C PHE A 89 0.36 -1.75 -2.72
N THR A 90 1.57 -1.72 -2.14
CA THR A 90 2.76 -1.05 -2.73
C THR A 90 3.42 -1.84 -3.85
N LYS A 91 3.41 -3.18 -3.82
CA LYS A 91 3.98 -4.06 -4.87
C LYS A 91 3.34 -3.86 -6.24
N ARG A 92 2.07 -3.45 -6.29
CA ARG A 92 1.39 -2.91 -7.49
C ARG A 92 2.17 -1.74 -8.10
N VAL A 93 2.39 -0.70 -7.29
CA VAL A 93 3.05 0.58 -7.65
C VAL A 93 4.51 0.37 -8.07
N LEU A 94 5.22 -0.50 -7.35
CA LEU A 94 6.60 -0.91 -7.62
C LEU A 94 6.77 -1.80 -8.87
N GLY A 95 5.66 -2.26 -9.47
CA GLY A 95 5.63 -3.07 -10.70
C GLY A 95 5.87 -4.57 -10.48
N GLU A 96 5.91 -5.03 -9.22
CA GLU A 96 6.13 -6.43 -8.83
C GLU A 96 4.86 -7.30 -8.93
N SER A 97 3.67 -6.68 -8.96
CA SER A 97 2.34 -7.30 -9.07
C SER A 97 1.53 -6.75 -10.24
N GLY A 1 29.24 24.22 -2.22
CA GLY A 1 29.93 22.94 -1.95
C GLY A 1 30.94 22.58 -3.03
N PRO A 2 31.51 21.35 -3.01
CA PRO A 2 32.52 20.88 -3.98
C PRO A 2 32.09 20.90 -5.46
N GLY A 3 30.79 20.91 -5.76
CA GLY A 3 30.22 20.94 -7.13
C GLY A 3 29.93 19.56 -7.74
N SER A 4 30.33 18.48 -7.05
CA SER A 4 29.95 17.09 -7.40
C SER A 4 28.45 16.85 -7.19
N GLU A 5 27.86 15.91 -7.94
CA GLU A 5 26.51 15.40 -7.70
C GLU A 5 26.35 14.71 -6.33
N ASN A 6 27.45 14.31 -5.69
CA ASN A 6 27.46 13.80 -4.30
C ASN A 6 27.00 14.86 -3.28
N PHE A 7 27.31 16.14 -3.52
CA PHE A 7 26.84 17.26 -2.70
C PHE A 7 25.33 17.51 -2.89
N SER A 8 24.83 17.32 -4.12
CA SER A 8 23.42 17.49 -4.53
C SER A 8 22.43 16.49 -3.91
N VAL A 9 22.93 15.45 -3.22
CA VAL A 9 22.14 14.43 -2.49
C VAL A 9 21.29 15.02 -1.35
N ALA A 10 21.65 16.23 -0.91
CA ALA A 10 20.89 17.05 0.04
C ALA A 10 19.51 17.54 -0.47
N THR A 11 19.20 17.30 -1.75
CA THR A 11 17.97 17.70 -2.46
C THR A 11 17.38 16.51 -3.23
N GLU A 12 16.05 16.50 -3.43
CA GLU A 12 15.22 15.47 -4.07
C GLU A 12 15.15 14.12 -3.30
N GLU A 13 16.28 13.62 -2.80
CA GLU A 13 16.43 12.58 -1.75
C GLU A 13 15.86 11.18 -2.05
N SER A 14 15.28 10.94 -3.25
CA SER A 14 14.70 9.65 -3.65
C SER A 14 14.81 9.40 -5.17
N THR A 15 14.70 8.13 -5.56
CA THR A 15 14.63 7.62 -6.95
C THR A 15 13.46 6.65 -7.17
N GLU A 16 12.61 6.45 -6.14
CA GLU A 16 11.55 5.42 -6.09
C GLU A 16 10.16 5.95 -6.53
N PRO A 17 9.23 5.06 -6.95
CA PRO A 17 7.87 5.44 -7.34
C PRO A 17 6.91 5.73 -6.17
N LEU A 18 7.35 5.51 -4.92
CA LEU A 18 6.64 5.82 -3.66
C LEU A 18 7.53 6.71 -2.76
N SER A 19 6.89 7.47 -1.86
CA SER A 19 7.55 8.36 -0.89
C SER A 19 6.87 8.30 0.49
N GLU A 20 7.45 8.97 1.49
CA GLU A 20 6.95 9.04 2.87
C GLU A 20 5.49 9.54 2.96
N ASP A 21 5.10 10.45 2.07
CA ASP A 21 3.73 11.00 1.97
C ASP A 21 2.66 9.91 1.68
N ASP A 22 3.01 8.87 0.91
CA ASP A 22 2.12 7.76 0.59
C ASP A 22 1.87 6.87 1.83
N PHE A 23 2.94 6.53 2.55
CA PHE A 23 2.89 5.76 3.80
C PHE A 23 2.20 6.53 4.94
N ASP A 24 2.42 7.85 5.03
CA ASP A 24 1.70 8.74 5.95
C ASP A 24 0.18 8.74 5.68
N MET A 25 -0.22 8.90 4.42
CA MET A 25 -1.62 8.76 3.96
C MET A 25 -2.20 7.38 4.31
N PHE A 26 -1.47 6.29 4.08
CA PHE A 26 -1.91 4.94 4.45
C PHE A 26 -2.26 4.82 5.94
N TYR A 27 -1.32 5.15 6.83
CA TYR A 27 -1.53 5.07 8.28
C TYR A 27 -2.54 6.10 8.83
N GLU A 28 -2.69 7.28 8.23
CA GLU A 28 -3.76 8.23 8.59
C GLU A 28 -5.16 7.64 8.32
N ILE A 29 -5.37 7.04 7.15
CA ILE A 29 -6.63 6.37 6.79
C ILE A 29 -6.84 5.06 7.59
N TRP A 30 -5.76 4.30 7.89
CA TRP A 30 -5.81 3.04 8.65
C TRP A 30 -6.54 3.17 10.00
N GLU A 31 -6.25 4.21 10.78
CA GLU A 31 -6.84 4.42 12.11
C GLU A 31 -8.37 4.61 12.11
N LYS A 32 -8.99 4.91 10.96
CA LYS A 32 -10.45 4.97 10.79
C LYS A 32 -11.11 3.58 10.83
N PHE A 33 -10.36 2.52 10.51
CA PHE A 33 -10.79 1.12 10.50
C PHE A 33 -10.18 0.29 11.64
N ASP A 34 -9.06 0.75 12.21
CA ASP A 34 -8.41 0.20 13.40
C ASP A 34 -8.20 1.30 14.47
N PRO A 35 -9.28 1.77 15.14
CA PRO A 35 -9.19 2.78 16.20
C PRO A 35 -8.58 2.22 17.50
N GLU A 36 -8.55 0.89 17.68
CA GLU A 36 -7.88 0.18 18.77
C GLU A 36 -6.36 0.02 18.57
N ALA A 37 -5.85 0.38 17.38
CA ALA A 37 -4.44 0.31 16.94
C ALA A 37 -3.79 -1.09 17.05
N THR A 38 -4.58 -2.17 17.06
CA THR A 38 -4.10 -3.56 17.19
C THR A 38 -3.32 -4.08 15.97
N GLN A 39 -3.34 -3.34 14.85
CA GLN A 39 -2.70 -3.65 13.56
C GLN A 39 -3.42 -4.76 12.75
N PHE A 40 -4.69 -5.04 13.05
CA PHE A 40 -5.53 -5.96 12.26
C PHE A 40 -6.91 -5.38 11.91
N ILE A 41 -7.47 -5.79 10.76
CA ILE A 41 -8.88 -5.55 10.36
C ILE A 41 -9.48 -6.80 9.71
N GLU A 42 -10.82 -6.86 9.62
CA GLU A 42 -11.56 -7.93 8.92
C GLU A 42 -11.61 -7.70 7.39
N TYR A 43 -11.68 -8.78 6.61
CA TYR A 43 -11.78 -8.74 5.14
C TYR A 43 -13.01 -7.94 4.65
N SER A 44 -14.13 -8.03 5.41
CA SER A 44 -15.38 -7.31 5.18
C SER A 44 -15.28 -5.78 5.35
N VAL A 45 -14.20 -5.25 5.92
CA VAL A 45 -13.91 -3.79 5.97
C VAL A 45 -12.60 -3.41 5.28
N LEU A 46 -11.70 -4.37 5.00
CA LEU A 46 -10.52 -4.19 4.14
C LEU A 46 -10.92 -3.65 2.75
N SER A 47 -11.98 -4.18 2.15
CA SER A 47 -12.54 -3.69 0.88
C SER A 47 -13.07 -2.25 0.93
N ASP A 48 -13.46 -1.74 2.10
CA ASP A 48 -13.87 -0.34 2.30
C ASP A 48 -12.66 0.57 2.60
N PHE A 49 -11.69 0.09 3.39
CA PHE A 49 -10.38 0.71 3.60
C PHE A 49 -9.61 0.90 2.28
N ALA A 50 -9.60 -0.12 1.43
CA ALA A 50 -9.01 -0.10 0.08
C ALA A 50 -9.54 1.05 -0.80
N ASP A 51 -10.80 1.46 -0.59
CA ASP A 51 -11.47 2.58 -1.28
C ASP A 51 -11.44 3.91 -0.51
N ALA A 52 -10.89 3.95 0.72
CA ALA A 52 -10.78 5.16 1.53
C ALA A 52 -9.44 5.92 1.32
N LEU A 53 -8.43 5.21 0.81
CA LEU A 53 -7.10 5.72 0.47
C LEU A 53 -7.11 6.68 -0.73
N SER A 54 -6.01 7.41 -0.92
CA SER A 54 -5.70 8.13 -2.16
C SER A 54 -4.85 7.25 -3.10
N GLU A 55 -4.83 7.57 -4.40
CA GLU A 55 -3.95 6.93 -5.38
C GLU A 55 -2.46 7.21 -5.03
N PRO A 56 -1.51 6.30 -5.38
CA PRO A 56 -1.73 5.04 -6.09
C PRO A 56 -2.13 3.85 -5.20
N LEU A 57 -2.08 3.99 -3.87
CA LEU A 57 -2.37 2.89 -2.92
C LEU A 57 -3.84 2.44 -2.94
N ARG A 58 -4.75 3.35 -3.28
CA ARG A 58 -6.18 3.12 -3.60
C ARG A 58 -6.42 1.89 -4.48
N ILE A 59 -7.49 1.16 -4.19
CA ILE A 59 -8.15 0.18 -5.07
C ILE A 59 -9.63 0.53 -5.13
N ALA A 60 -10.03 1.33 -6.12
CA ALA A 60 -11.40 1.81 -6.26
C ALA A 60 -12.42 0.67 -6.49
N LYS A 61 -13.62 0.81 -5.91
CA LYS A 61 -14.71 -0.20 -6.02
C LYS A 61 -15.22 -0.35 -7.48
N PRO A 62 -15.68 -1.55 -7.89
CA PRO A 62 -15.59 -2.82 -7.16
C PRO A 62 -14.16 -3.35 -7.11
N ASN A 63 -13.69 -3.74 -5.91
CA ASN A 63 -12.30 -4.14 -5.64
C ASN A 63 -12.15 -5.56 -5.09
N GLN A 64 -13.24 -6.27 -4.77
CA GLN A 64 -13.23 -7.64 -4.27
C GLN A 64 -12.43 -8.62 -5.16
N ILE A 65 -12.58 -8.52 -6.49
CA ILE A 65 -11.84 -9.34 -7.48
C ILE A 65 -10.33 -9.03 -7.41
N SER A 66 -9.96 -7.75 -7.28
CA SER A 66 -8.55 -7.33 -7.10
C SER A 66 -7.95 -7.93 -5.81
N LEU A 67 -8.66 -7.80 -4.69
CA LEU A 67 -8.27 -8.33 -3.38
C LEU A 67 -8.18 -9.86 -3.35
N ILE A 68 -9.04 -10.56 -4.10
CA ILE A 68 -8.97 -12.02 -4.34
C ILE A 68 -7.72 -12.40 -5.14
N ASN A 69 -7.31 -11.58 -6.12
CA ASN A 69 -6.07 -11.78 -6.89
C ASN A 69 -4.78 -11.44 -6.10
N MET A 70 -4.86 -10.71 -4.99
CA MET A 70 -3.75 -10.54 -4.04
C MET A 70 -3.50 -11.82 -3.20
N ASP A 71 -2.40 -11.83 -2.45
CA ASP A 71 -1.92 -12.97 -1.64
C ASP A 71 -2.06 -12.71 -0.12
N LEU A 72 -3.01 -11.85 0.28
CA LEU A 72 -3.27 -11.35 1.64
C LEU A 72 -3.29 -12.50 2.69
N PRO A 73 -2.31 -12.58 3.61
CA PRO A 73 -2.21 -13.61 4.66
C PRO A 73 -3.16 -13.33 5.83
N MET A 74 -4.25 -14.09 5.95
CA MET A 74 -5.11 -14.07 7.13
C MET A 74 -4.37 -14.54 8.40
N VAL A 75 -4.74 -14.00 9.56
CA VAL A 75 -4.22 -14.34 10.91
C VAL A 75 -5.24 -15.07 11.80
N SER A 76 -6.55 -14.93 11.52
CA SER A 76 -7.66 -15.50 12.29
C SER A 76 -8.74 -16.17 11.42
N GLY A 77 -8.48 -16.34 10.12
CA GLY A 77 -9.37 -16.92 9.12
C GLY A 77 -10.18 -15.90 8.31
N ASP A 78 -10.43 -14.71 8.87
CA ASP A 78 -11.11 -13.58 8.22
C ASP A 78 -10.50 -12.20 8.54
N ARG A 79 -9.42 -12.15 9.35
CA ARG A 79 -8.69 -10.93 9.74
C ARG A 79 -7.26 -10.94 9.21
N ILE A 80 -6.71 -9.77 8.90
CA ILE A 80 -5.49 -9.57 8.11
C ILE A 80 -4.63 -8.45 8.73
N HIS A 81 -3.31 -8.64 8.76
CA HIS A 81 -2.33 -7.73 9.38
C HIS A 81 -1.96 -6.51 8.50
N CYS A 82 -1.86 -5.34 9.13
CA CYS A 82 -1.60 -4.02 8.54
C CYS A 82 -0.42 -3.99 7.54
N MET A 83 0.78 -4.40 7.96
CA MET A 83 1.99 -4.36 7.12
C MET A 83 1.87 -5.28 5.89
N ASP A 84 1.19 -6.42 6.01
CA ASP A 84 0.98 -7.35 4.90
C ASP A 84 -0.06 -6.83 3.88
N ILE A 85 -1.08 -6.09 4.34
CA ILE A 85 -2.01 -5.33 3.48
C ILE A 85 -1.24 -4.26 2.71
N LEU A 86 -0.43 -3.45 3.39
CA LEU A 86 0.45 -2.45 2.77
C LEU A 86 1.36 -3.06 1.71
N PHE A 87 2.07 -4.14 2.03
CA PHE A 87 2.98 -4.88 1.14
C PHE A 87 2.25 -5.40 -0.12
N ALA A 88 1.04 -5.95 0.03
CA ALA A 88 0.20 -6.35 -1.09
C ALA A 88 -0.24 -5.16 -1.97
N PHE A 89 -0.59 -4.02 -1.36
CA PHE A 89 -1.05 -2.81 -2.07
C PHE A 89 0.07 -2.12 -2.86
N THR A 90 1.29 -2.01 -2.31
CA THR A 90 2.43 -1.30 -2.93
C THR A 90 3.08 -2.03 -4.12
N LYS A 91 2.97 -3.36 -4.18
CA LYS A 91 3.57 -4.22 -5.24
C LYS A 91 3.23 -3.78 -6.67
N ARG A 92 1.99 -3.32 -6.90
CA ARG A 92 1.52 -2.72 -8.17
C ARG A 92 2.39 -1.54 -8.60
N VAL A 93 2.58 -0.60 -7.68
CA VAL A 93 3.31 0.66 -7.84
C VAL A 93 4.82 0.44 -8.01
N LEU A 94 5.36 -0.52 -7.25
CA LEU A 94 6.76 -1.00 -7.35
C LEU A 94 7.05 -1.81 -8.63
N GLY A 95 6.04 -2.21 -9.39
CA GLY A 95 6.17 -2.99 -10.63
C GLY A 95 6.43 -4.48 -10.42
N GLU A 96 6.15 -5.02 -9.22
CA GLU A 96 6.49 -6.37 -8.78
C GLU A 96 5.26 -7.30 -8.82
N SER A 97 5.01 -7.95 -9.97
CA SER A 97 3.96 -8.96 -10.18
C SER A 97 4.15 -10.26 -9.37
N GLY A 1 10.45 36.15 -1.70
CA GLY A 1 9.05 36.31 -2.17
C GLY A 1 8.34 34.97 -2.34
N PRO A 2 7.38 34.86 -3.28
CA PRO A 2 6.66 33.62 -3.63
C PRO A 2 7.57 32.44 -4.01
N GLY A 3 6.97 31.25 -4.20
CA GLY A 3 7.68 30.00 -4.56
C GLY A 3 8.46 30.03 -5.87
N SER A 4 8.21 31.01 -6.74
CA SER A 4 8.98 31.31 -7.97
C SER A 4 10.43 31.78 -7.71
N GLU A 5 10.79 32.08 -6.46
CA GLU A 5 12.16 32.40 -6.01
C GLU A 5 13.17 31.27 -6.29
N ASN A 6 12.70 30.01 -6.24
CA ASN A 6 13.49 28.79 -6.49
C ASN A 6 14.09 28.73 -7.90
N PHE A 7 15.43 28.69 -7.99
CA PHE A 7 16.19 28.34 -9.20
C PHE A 7 16.09 26.84 -9.59
N SER A 8 15.39 26.02 -8.79
CA SER A 8 15.31 24.55 -8.82
C SER A 8 14.79 23.92 -10.12
N VAL A 9 14.28 24.73 -11.05
CA VAL A 9 13.85 24.35 -12.41
C VAL A 9 14.95 23.74 -13.29
N ALA A 10 16.21 23.86 -12.86
CA ALA A 10 17.39 23.24 -13.45
C ALA A 10 17.49 21.70 -13.26
N THR A 11 16.59 21.11 -12.47
CA THR A 11 16.60 19.68 -12.05
C THR A 11 15.33 18.92 -12.43
N GLU A 12 15.29 17.61 -12.12
CA GLU A 12 14.22 16.67 -12.49
C GLU A 12 13.75 15.85 -11.28
N GLU A 13 12.43 15.65 -11.16
CA GLU A 13 11.78 14.99 -10.00
C GLU A 13 11.93 13.45 -9.97
N SER A 14 12.37 12.85 -11.08
CA SER A 14 12.52 11.40 -11.34
C SER A 14 11.20 10.57 -11.34
N THR A 15 10.11 11.16 -10.84
CA THR A 15 8.70 10.71 -10.91
C THR A 15 8.52 9.21 -10.56
N GLU A 16 8.94 8.83 -9.34
CA GLU A 16 8.61 7.52 -8.75
C GLU A 16 7.10 7.44 -8.39
N PRO A 17 6.50 6.23 -8.35
CA PRO A 17 5.07 6.06 -8.09
C PRO A 17 4.67 6.28 -6.62
N LEU A 18 5.61 6.17 -5.67
CA LEU A 18 5.40 6.27 -4.22
C LEU A 18 6.46 7.18 -3.55
N SER A 19 6.08 7.79 -2.43
CA SER A 19 6.93 8.61 -1.55
C SER A 19 6.56 8.42 -0.07
N GLU A 20 7.28 9.06 0.84
CA GLU A 20 7.06 9.02 2.29
C GLU A 20 5.63 9.42 2.70
N ASP A 21 5.03 10.37 1.99
CA ASP A 21 3.65 10.84 2.18
C ASP A 21 2.59 9.75 1.94
N ASP A 22 2.84 8.78 1.06
CA ASP A 22 1.92 7.65 0.81
C ASP A 22 1.89 6.66 1.98
N PHE A 23 3.04 6.42 2.62
CA PHE A 23 3.15 5.58 3.82
C PHE A 23 2.46 6.24 5.02
N ASP A 24 2.59 7.56 5.19
CA ASP A 24 1.85 8.34 6.18
C ASP A 24 0.33 8.29 5.93
N MET A 25 -0.12 8.49 4.68
CA MET A 25 -1.51 8.37 4.25
C MET A 25 -2.11 7.00 4.60
N PHE A 26 -1.38 5.90 4.36
CA PHE A 26 -1.83 4.54 4.72
C PHE A 26 -2.28 4.47 6.19
N TYR A 27 -1.41 4.86 7.12
CA TYR A 27 -1.71 4.81 8.56
C TYR A 27 -2.67 5.90 9.05
N GLU A 28 -2.78 7.05 8.38
CA GLU A 28 -3.82 8.05 8.64
C GLU A 28 -5.23 7.51 8.34
N ILE A 29 -5.39 6.80 7.22
CA ILE A 29 -6.64 6.12 6.82
C ILE A 29 -6.87 4.82 7.62
N TRP A 30 -5.82 4.15 8.09
CA TRP A 30 -5.89 2.90 8.86
C TRP A 30 -6.71 3.03 10.15
N GLU A 31 -6.52 4.10 10.92
CA GLU A 31 -7.21 4.33 12.21
C GLU A 31 -8.74 4.50 12.07
N LYS A 32 -9.25 4.76 10.86
CA LYS A 32 -10.68 4.83 10.52
C LYS A 32 -11.37 3.45 10.54
N PHE A 33 -10.59 2.36 10.45
CA PHE A 33 -11.03 0.96 10.45
C PHE A 33 -10.43 0.12 11.59
N ASP A 34 -9.31 0.56 12.17
CA ASP A 34 -8.69 0.02 13.39
C ASP A 34 -8.51 1.13 14.45
N PRO A 35 -9.62 1.67 15.02
CA PRO A 35 -9.57 2.67 16.09
C PRO A 35 -9.05 2.08 17.41
N GLU A 36 -9.11 0.76 17.57
CA GLU A 36 -8.51 -0.01 18.66
C GLU A 36 -6.97 -0.11 18.57
N ALA A 37 -6.37 0.27 17.44
CA ALA A 37 -4.94 0.20 17.13
C ALA A 37 -4.33 -1.21 17.31
N THR A 38 -5.12 -2.27 17.11
CA THR A 38 -4.67 -3.68 17.18
C THR A 38 -3.63 -4.05 16.12
N GLN A 39 -3.50 -3.24 15.06
CA GLN A 39 -2.67 -3.44 13.86
C GLN A 39 -3.21 -4.50 12.89
N PHE A 40 -4.48 -4.89 13.03
CA PHE A 40 -5.20 -5.72 12.03
C PHE A 40 -6.63 -5.17 11.77
N ILE A 41 -7.22 -5.53 10.63
CA ILE A 41 -8.64 -5.30 10.29
C ILE A 41 -9.28 -6.58 9.73
N GLU A 42 -10.61 -6.65 9.71
CA GLU A 42 -11.35 -7.76 9.08
C GLU A 42 -11.39 -7.63 7.55
N TYR A 43 -11.48 -8.76 6.83
CA TYR A 43 -11.73 -8.77 5.39
C TYR A 43 -13.05 -8.08 5.00
N SER A 44 -14.03 -8.09 5.91
CA SER A 44 -15.33 -7.40 5.82
C SER A 44 -15.26 -5.87 5.76
N VAL A 45 -14.12 -5.27 6.14
CA VAL A 45 -13.87 -3.81 6.05
C VAL A 45 -12.64 -3.44 5.20
N LEU A 46 -11.79 -4.42 4.85
CA LEU A 46 -10.65 -4.28 3.94
C LEU A 46 -11.06 -3.64 2.60
N SER A 47 -12.19 -4.05 2.02
CA SER A 47 -12.73 -3.49 0.76
C SER A 47 -13.21 -2.04 0.87
N ASP A 48 -13.52 -1.54 2.07
CA ASP A 48 -13.84 -0.13 2.31
C ASP A 48 -12.58 0.69 2.65
N PHE A 49 -11.61 0.10 3.37
CA PHE A 49 -10.26 0.65 3.57
C PHE A 49 -9.54 0.86 2.24
N ALA A 50 -9.53 -0.14 1.36
CA ALA A 50 -8.94 -0.08 0.02
C ALA A 50 -9.53 1.05 -0.86
N ASP A 51 -10.78 1.46 -0.60
CA ASP A 51 -11.48 2.57 -1.26
C ASP A 51 -11.42 3.92 -0.50
N ALA A 52 -10.80 3.97 0.69
CA ALA A 52 -10.68 5.19 1.51
C ALA A 52 -9.34 5.94 1.30
N LEU A 53 -8.35 5.26 0.72
CA LEU A 53 -7.04 5.78 0.32
C LEU A 53 -7.11 6.68 -0.93
N SER A 54 -6.00 7.35 -1.26
CA SER A 54 -5.79 8.01 -2.55
C SER A 54 -4.87 7.16 -3.44
N GLU A 55 -4.86 7.45 -4.74
CA GLU A 55 -4.02 6.75 -5.73
C GLU A 55 -2.51 6.96 -5.44
N PRO A 56 -1.62 6.00 -5.79
CA PRO A 56 -1.91 4.71 -6.43
C PRO A 56 -2.33 3.58 -5.47
N LEU A 57 -2.22 3.77 -4.14
CA LEU A 57 -2.57 2.74 -3.13
C LEU A 57 -4.06 2.39 -3.11
N ARG A 58 -4.92 3.34 -3.51
CA ARG A 58 -6.37 3.20 -3.77
C ARG A 58 -6.67 2.05 -4.74
N ILE A 59 -7.53 1.12 -4.32
CA ILE A 59 -8.23 0.15 -5.18
C ILE A 59 -9.71 0.52 -5.17
N ALA A 60 -10.10 1.40 -6.10
CA ALA A 60 -11.45 1.95 -6.17
C ALA A 60 -12.53 0.88 -6.47
N LYS A 61 -13.72 1.05 -5.91
CA LYS A 61 -14.86 0.11 -6.09
C LYS A 61 -15.34 0.03 -7.55
N PRO A 62 -15.85 -1.14 -8.01
CA PRO A 62 -15.84 -2.43 -7.32
C PRO A 62 -14.42 -3.04 -7.26
N ASN A 63 -13.98 -3.44 -6.06
CA ASN A 63 -12.63 -3.93 -5.76
C ASN A 63 -12.58 -5.38 -5.24
N GLN A 64 -13.71 -6.10 -5.25
CA GLN A 64 -13.82 -7.50 -4.84
C GLN A 64 -12.74 -8.39 -5.49
N ILE A 65 -12.80 -8.52 -6.82
CA ILE A 65 -11.93 -9.42 -7.60
C ILE A 65 -10.48 -8.90 -7.57
N SER A 66 -10.32 -7.58 -7.46
CA SER A 66 -9.04 -6.89 -7.32
C SER A 66 -8.30 -7.31 -6.05
N LEU A 67 -8.98 -7.30 -4.89
CA LEU A 67 -8.47 -7.74 -3.60
C LEU A 67 -8.27 -9.26 -3.52
N ILE A 68 -9.14 -10.06 -4.16
CA ILE A 68 -8.94 -11.52 -4.30
C ILE A 68 -7.63 -11.85 -5.03
N ASN A 69 -7.22 -11.03 -6.00
CA ASN A 69 -5.95 -11.15 -6.73
C ASN A 69 -4.70 -10.64 -5.95
N MET A 70 -4.84 -10.04 -4.76
CA MET A 70 -3.70 -9.68 -3.90
C MET A 70 -3.10 -10.93 -3.23
N ASP A 71 -1.90 -10.77 -2.67
CA ASP A 71 -1.12 -11.83 -2.00
C ASP A 71 -1.54 -12.14 -0.53
N LEU A 72 -2.58 -11.44 -0.03
CA LEU A 72 -2.97 -11.35 1.38
C LEU A 72 -3.26 -12.72 2.04
N PRO A 73 -2.55 -13.09 3.13
CA PRO A 73 -2.97 -14.15 4.04
C PRO A 73 -4.07 -13.65 5.00
N MET A 74 -4.46 -14.48 5.98
CA MET A 74 -5.20 -14.06 7.18
C MET A 74 -4.53 -14.61 8.45
N VAL A 75 -4.49 -13.81 9.51
CA VAL A 75 -3.87 -14.19 10.81
C VAL A 75 -4.79 -15.03 11.70
N SER A 76 -6.10 -15.00 11.45
CA SER A 76 -7.16 -15.71 12.18
C SER A 76 -8.08 -16.56 11.29
N GLY A 77 -7.93 -16.44 9.96
CA GLY A 77 -8.90 -16.87 8.94
C GLY A 77 -9.85 -15.75 8.46
N ASP A 78 -9.90 -14.60 9.14
CA ASP A 78 -10.75 -13.45 8.76
C ASP A 78 -10.16 -12.03 8.99
N ARG A 79 -9.06 -11.89 9.74
CA ARG A 79 -8.31 -10.62 9.94
C ARG A 79 -6.96 -10.62 9.23
N ILE A 80 -6.49 -9.42 8.85
CA ILE A 80 -5.29 -9.18 8.02
C ILE A 80 -4.46 -8.03 8.62
N HIS A 81 -3.16 -8.25 8.75
CA HIS A 81 -2.17 -7.34 9.38
C HIS A 81 -1.82 -6.12 8.50
N CYS A 82 -1.64 -4.96 9.14
CA CYS A 82 -1.35 -3.67 8.50
C CYS A 82 -0.16 -3.71 7.52
N MET A 83 1.02 -4.19 7.96
CA MET A 83 2.23 -4.25 7.13
C MET A 83 2.10 -5.21 5.94
N ASP A 84 1.34 -6.30 6.08
CA ASP A 84 1.11 -7.27 5.00
C ASP A 84 0.21 -6.68 3.90
N ILE A 85 -0.82 -5.93 4.28
CA ILE A 85 -1.66 -5.15 3.37
C ILE A 85 -0.84 -4.07 2.65
N LEU A 86 -0.09 -3.25 3.41
CA LEU A 86 0.81 -2.22 2.87
C LEU A 86 1.78 -2.82 1.84
N PHE A 87 2.53 -3.86 2.22
CA PHE A 87 3.46 -4.57 1.35
C PHE A 87 2.81 -5.10 0.06
N ALA A 88 1.68 -5.81 0.16
CA ALA A 88 0.93 -6.30 -1.01
C ALA A 88 0.52 -5.17 -1.97
N PHE A 89 0.00 -4.05 -1.45
CA PHE A 89 -0.38 -2.88 -2.23
C PHE A 89 0.85 -2.22 -2.90
N THR A 90 1.94 -1.97 -2.16
CA THR A 90 3.12 -1.28 -2.70
C THR A 90 3.84 -2.14 -3.74
N LYS A 91 4.03 -3.43 -3.49
CA LYS A 91 4.54 -4.44 -4.42
C LYS A 91 3.84 -4.40 -5.78
N ARG A 92 2.51 -4.44 -5.78
CA ARG A 92 1.64 -4.37 -6.97
C ARG A 92 1.77 -3.04 -7.73
N VAL A 93 1.77 -1.91 -7.01
CA VAL A 93 2.03 -0.56 -7.57
C VAL A 93 3.40 -0.45 -8.23
N LEU A 94 4.46 -0.94 -7.56
CA LEU A 94 5.85 -0.97 -8.05
C LEU A 94 6.07 -1.97 -9.21
N GLY A 95 5.12 -2.89 -9.46
CA GLY A 95 5.23 -3.96 -10.46
C GLY A 95 6.28 -5.04 -10.12
N GLU A 96 6.67 -5.12 -8.84
CA GLU A 96 7.75 -6.00 -8.35
C GLU A 96 7.24 -7.43 -8.06
N SER A 97 6.87 -8.17 -9.12
CA SER A 97 6.34 -9.55 -9.09
C SER A 97 7.26 -10.54 -8.36
N GLY A 1 34.10 1.12 -33.37
CA GLY A 1 33.98 1.50 -31.95
C GLY A 1 34.56 0.44 -31.03
N PRO A 2 35.59 0.75 -30.21
CA PRO A 2 36.21 -0.18 -29.25
C PRO A 2 35.21 -0.83 -28.26
N GLY A 3 35.60 -1.98 -27.71
CA GLY A 3 34.84 -2.79 -26.75
C GLY A 3 35.31 -2.67 -25.29
N SER A 4 36.12 -1.66 -24.97
CA SER A 4 36.79 -1.45 -23.67
C SER A 4 35.84 -1.46 -22.48
N GLU A 5 36.28 -2.03 -21.35
CA GLU A 5 35.51 -2.14 -20.10
C GLU A 5 35.23 -0.78 -19.43
N ASN A 6 34.34 -0.79 -18.43
CA ASN A 6 33.96 0.36 -17.60
C ASN A 6 33.49 -0.09 -16.20
N PHE A 7 33.25 0.88 -15.29
CA PHE A 7 32.49 0.68 -14.05
C PHE A 7 31.00 0.32 -14.30
N SER A 8 30.21 0.17 -13.24
CA SER A 8 28.74 0.03 -13.32
C SER A 8 28.10 1.33 -13.84
N VAL A 9 27.80 1.36 -15.15
CA VAL A 9 27.24 2.51 -15.87
C VAL A 9 25.76 2.82 -15.55
N ALA A 10 25.08 1.93 -14.85
CA ALA A 10 23.68 2.07 -14.44
C ALA A 10 23.46 3.22 -13.44
N THR A 11 22.24 3.79 -13.44
CA THR A 11 21.82 4.88 -12.53
C THR A 11 21.81 4.40 -11.07
N GLU A 12 22.49 5.11 -10.17
CA GLU A 12 22.61 4.77 -8.74
C GLU A 12 21.31 4.95 -7.92
N GLU A 13 20.28 5.57 -8.50
CA GLU A 13 18.96 5.81 -7.89
C GLU A 13 17.83 5.30 -8.81
N SER A 14 17.04 4.35 -8.33
CA SER A 14 15.96 3.67 -9.08
C SER A 14 14.69 4.51 -9.32
N THR A 15 14.65 5.76 -8.81
CA THR A 15 13.53 6.72 -8.89
C THR A 15 12.15 6.11 -8.66
N GLU A 16 12.00 5.47 -7.49
CA GLU A 16 10.79 4.71 -7.08
C GLU A 16 9.53 5.60 -6.96
N PRO A 17 8.32 5.04 -7.17
CA PRO A 17 7.06 5.80 -7.21
C PRO A 17 6.52 6.21 -5.82
N LEU A 18 7.14 5.78 -4.72
CA LEU A 18 6.67 5.96 -3.34
C LEU A 18 7.72 6.62 -2.43
N SER A 19 7.24 7.30 -1.38
CA SER A 19 8.05 7.94 -0.33
C SER A 19 7.35 7.84 1.05
N GLU A 20 7.97 8.39 2.10
CA GLU A 20 7.49 8.39 3.49
C GLU A 20 6.08 8.99 3.64
N ASP A 21 5.75 10.02 2.85
CA ASP A 21 4.42 10.66 2.83
C ASP A 21 3.29 9.72 2.38
N ASP A 22 3.58 8.74 1.51
CA ASP A 22 2.60 7.72 1.08
C ASP A 22 2.31 6.70 2.20
N PHE A 23 3.33 6.33 2.98
CA PHE A 23 3.17 5.47 4.16
C PHE A 23 2.40 6.22 5.27
N ASP A 24 2.70 7.50 5.51
CA ASP A 24 1.95 8.37 6.42
C ASP A 24 0.47 8.50 6.01
N MET A 25 0.18 8.67 4.72
CA MET A 25 -1.17 8.65 4.15
C MET A 25 -1.89 7.31 4.40
N PHE A 26 -1.23 6.17 4.15
CA PHE A 26 -1.77 4.84 4.47
C PHE A 26 -2.17 4.73 5.95
N TYR A 27 -1.27 5.08 6.88
CA TYR A 27 -1.55 5.03 8.32
C TYR A 27 -2.66 5.99 8.78
N GLU A 28 -2.77 7.19 8.18
CA GLU A 28 -3.85 8.15 8.45
C GLU A 28 -5.24 7.57 8.12
N ILE A 29 -5.39 6.90 6.97
CA ILE A 29 -6.63 6.21 6.58
C ILE A 29 -6.84 4.91 7.38
N TRP A 30 -5.77 4.17 7.71
CA TRP A 30 -5.81 2.91 8.47
C TRP A 30 -6.57 3.03 9.80
N GLU A 31 -6.25 4.05 10.60
CA GLU A 31 -6.86 4.25 11.93
C GLU A 31 -8.38 4.49 11.93
N LYS A 32 -8.97 4.82 10.76
CA LYS A 32 -10.44 4.91 10.58
C LYS A 32 -11.12 3.54 10.65
N PHE A 33 -10.40 2.49 10.29
CA PHE A 33 -10.84 1.07 10.33
C PHE A 33 -10.22 0.29 11.50
N ASP A 34 -9.11 0.77 12.06
CA ASP A 34 -8.44 0.24 13.25
C ASP A 34 -8.30 1.33 14.34
N PRO A 35 -9.39 1.67 15.06
CA PRO A 35 -9.36 2.65 16.16
C PRO A 35 -8.63 2.12 17.41
N GLU A 36 -8.44 0.80 17.51
CA GLU A 36 -7.67 0.13 18.57
C GLU A 36 -6.13 0.22 18.35
N ALA A 37 -5.68 0.62 17.17
CA ALA A 37 -4.30 0.54 16.68
C ALA A 37 -3.69 -0.89 16.80
N THR A 38 -4.53 -1.92 16.82
CA THR A 38 -4.13 -3.34 16.97
C THR A 38 -3.37 -3.90 15.76
N GLN A 39 -3.32 -3.16 14.64
CA GLN A 39 -2.66 -3.51 13.37
C GLN A 39 -3.29 -4.74 12.68
N PHE A 40 -4.59 -4.97 12.91
CA PHE A 40 -5.43 -5.95 12.22
C PHE A 40 -6.79 -5.32 11.84
N ILE A 41 -7.35 -5.72 10.68
CA ILE A 41 -8.75 -5.45 10.28
C ILE A 41 -9.41 -6.71 9.70
N GLU A 42 -10.75 -6.74 9.63
CA GLU A 42 -11.51 -7.84 9.00
C GLU A 42 -11.55 -7.72 7.47
N TYR A 43 -11.66 -8.84 6.75
CA TYR A 43 -11.77 -8.85 5.28
C TYR A 43 -13.01 -8.09 4.77
N SER A 44 -14.11 -8.12 5.54
CA SER A 44 -15.37 -7.41 5.29
C SER A 44 -15.27 -5.88 5.29
N VAL A 45 -14.17 -5.31 5.81
CA VAL A 45 -13.88 -3.86 5.78
C VAL A 45 -12.59 -3.52 5.02
N LEU A 46 -11.72 -4.49 4.74
CA LEU A 46 -10.51 -4.32 3.92
C LEU A 46 -10.86 -3.78 2.52
N SER A 47 -11.92 -4.28 1.89
CA SER A 47 -12.41 -3.80 0.59
C SER A 47 -12.93 -2.35 0.61
N ASP A 48 -13.41 -1.85 1.74
CA ASP A 48 -13.80 -0.44 1.90
C ASP A 48 -12.58 0.45 2.27
N PHE A 49 -11.63 -0.07 3.05
CA PHE A 49 -10.33 0.56 3.31
C PHE A 49 -9.51 0.77 2.02
N ALA A 50 -9.46 -0.25 1.17
CA ALA A 50 -8.83 -0.21 -0.15
C ALA A 50 -9.37 0.92 -1.07
N ASP A 51 -10.63 1.30 -0.87
CA ASP A 51 -11.33 2.40 -1.55
C ASP A 51 -11.36 3.72 -0.75
N ALA A 52 -10.86 3.76 0.49
CA ALA A 52 -10.81 4.97 1.32
C ALA A 52 -9.52 5.77 1.11
N LEU A 53 -8.47 5.11 0.61
CA LEU A 53 -7.17 5.69 0.27
C LEU A 53 -7.25 6.65 -0.94
N SER A 54 -6.24 7.50 -1.09
CA SER A 54 -5.99 8.23 -2.34
C SER A 54 -5.04 7.43 -3.25
N GLU A 55 -5.01 7.77 -4.53
CA GLU A 55 -4.04 7.22 -5.49
C GLU A 55 -2.57 7.57 -5.08
N PRO A 56 -1.58 6.75 -5.44
CA PRO A 56 -1.69 5.52 -6.24
C PRO A 56 -2.04 4.25 -5.43
N LEU A 57 -2.00 4.28 -4.09
CA LEU A 57 -2.27 3.11 -3.23
C LEU A 57 -3.70 2.56 -3.36
N ARG A 58 -4.66 3.45 -3.63
CA ARG A 58 -6.09 3.20 -3.90
C ARG A 58 -6.34 2.02 -4.85
N ILE A 59 -7.24 1.11 -4.45
CA ILE A 59 -7.86 0.09 -5.32
C ILE A 59 -9.36 0.38 -5.38
N ALA A 60 -9.77 1.23 -6.32
CA ALA A 60 -11.15 1.70 -6.44
C ALA A 60 -12.15 0.57 -6.75
N LYS A 61 -13.38 0.69 -6.26
CA LYS A 61 -14.46 -0.31 -6.43
C LYS A 61 -14.90 -0.47 -7.90
N PRO A 62 -15.38 -1.65 -8.32
CA PRO A 62 -15.36 -2.91 -7.58
C PRO A 62 -13.93 -3.49 -7.47
N ASN A 63 -13.53 -3.89 -6.26
CA ASN A 63 -12.16 -4.35 -5.95
C ASN A 63 -12.09 -5.75 -5.32
N GLN A 64 -13.23 -6.45 -5.12
CA GLN A 64 -13.24 -7.79 -4.52
C GLN A 64 -12.35 -8.79 -5.28
N ILE A 65 -12.37 -8.76 -6.62
CA ILE A 65 -11.54 -9.61 -7.48
C ILE A 65 -10.06 -9.20 -7.40
N SER A 66 -9.78 -7.90 -7.43
CA SER A 66 -8.45 -7.31 -7.25
C SER A 66 -7.78 -7.77 -5.94
N LEU A 67 -8.52 -7.73 -4.83
CA LEU A 67 -8.07 -8.16 -3.50
C LEU A 67 -7.95 -9.68 -3.36
N ILE A 68 -8.85 -10.48 -3.96
CA ILE A 68 -8.72 -11.95 -4.06
C ILE A 68 -7.42 -12.37 -4.76
N ASN A 69 -7.00 -11.62 -5.79
CA ASN A 69 -5.75 -11.87 -6.52
C ASN A 69 -4.46 -11.44 -5.78
N MET A 70 -4.54 -10.69 -4.68
CA MET A 70 -3.38 -10.37 -3.82
C MET A 70 -2.98 -11.56 -2.93
N ASP A 71 -1.78 -11.48 -2.35
CA ASP A 71 -1.16 -12.48 -1.47
C ASP A 71 -1.60 -12.38 0.02
N LEU A 72 -2.64 -11.58 0.30
CA LEU A 72 -3.13 -11.24 1.65
C LEU A 72 -3.37 -12.50 2.54
N PRO A 73 -2.71 -12.60 3.71
CA PRO A 73 -2.91 -13.71 4.66
C PRO A 73 -4.23 -13.58 5.45
N MET A 74 -4.54 -14.56 6.31
CA MET A 74 -5.61 -14.47 7.31
C MET A 74 -5.13 -14.99 8.67
N VAL A 75 -4.87 -14.07 9.61
CA VAL A 75 -4.26 -14.37 10.92
C VAL A 75 -5.19 -15.10 11.90
N SER A 76 -6.51 -14.98 11.72
CA SER A 76 -7.58 -15.57 12.55
C SER A 76 -8.66 -16.30 11.72
N GLY A 77 -8.48 -16.40 10.40
CA GLY A 77 -9.44 -16.96 9.44
C GLY A 77 -10.42 -15.93 8.86
N ASP A 78 -10.42 -14.69 9.38
CA ASP A 78 -11.25 -13.57 8.93
C ASP A 78 -10.60 -12.17 9.04
N ARG A 79 -9.36 -12.09 9.58
CA ARG A 79 -8.61 -10.84 9.85
C ARG A 79 -7.22 -10.85 9.23
N ILE A 80 -6.68 -9.68 8.92
CA ILE A 80 -5.48 -9.48 8.08
C ILE A 80 -4.58 -8.39 8.67
N HIS A 81 -3.26 -8.64 8.70
CA HIS A 81 -2.24 -7.78 9.30
C HIS A 81 -1.88 -6.54 8.46
N CYS A 82 -1.72 -5.39 9.14
CA CYS A 82 -1.42 -4.06 8.59
C CYS A 82 -0.25 -4.05 7.60
N MET A 83 0.93 -4.54 8.00
CA MET A 83 2.14 -4.51 7.17
C MET A 83 2.01 -5.34 5.89
N ASP A 84 1.33 -6.49 5.96
CA ASP A 84 1.07 -7.35 4.79
C ASP A 84 0.11 -6.70 3.78
N ILE A 85 -0.90 -5.96 4.27
CA ILE A 85 -1.79 -5.13 3.44
C ILE A 85 -1.02 -4.00 2.78
N LEU A 86 -0.19 -3.27 3.55
CA LEU A 86 0.69 -2.23 3.02
C LEU A 86 1.60 -2.78 1.91
N PHE A 87 2.30 -3.90 2.17
CA PHE A 87 3.19 -4.58 1.23
C PHE A 87 2.48 -5.01 -0.07
N ALA A 88 1.25 -5.54 0.01
CA ALA A 88 0.42 -5.83 -1.15
C ALA A 88 0.02 -4.55 -1.93
N PHE A 89 -0.40 -3.48 -1.24
CA PHE A 89 -0.85 -2.23 -1.87
C PHE A 89 0.31 -1.45 -2.51
N THR A 90 1.53 -1.46 -1.91
CA THR A 90 2.74 -0.89 -2.56
C THR A 90 3.18 -1.69 -3.77
N LYS A 91 3.10 -3.03 -3.75
CA LYS A 91 3.30 -3.89 -4.95
C LYS A 91 2.34 -3.55 -6.09
N ARG A 92 1.08 -3.23 -5.78
CA ARG A 92 0.05 -2.69 -6.70
C ARG A 92 0.43 -1.33 -7.31
N VAL A 93 1.29 -0.54 -6.67
CA VAL A 93 1.86 0.71 -7.23
C VAL A 93 3.11 0.44 -8.07
N LEU A 94 4.01 -0.42 -7.58
CA LEU A 94 5.26 -0.85 -8.23
C LEU A 94 5.02 -1.66 -9.53
N GLY A 95 3.81 -2.17 -9.74
CA GLY A 95 3.40 -2.92 -10.95
C GLY A 95 3.59 -4.43 -10.85
N GLU A 96 3.84 -4.98 -9.65
CA GLU A 96 4.05 -6.41 -9.39
C GLU A 96 2.74 -7.22 -9.27
N SER A 97 1.58 -6.58 -9.54
CA SER A 97 0.21 -7.14 -9.56
C SER A 97 0.07 -8.47 -10.30
N GLY A 1 41.32 0.65 -26.48
CA GLY A 1 41.56 1.94 -27.15
C GLY A 1 40.26 2.74 -27.34
N PRO A 2 40.28 3.80 -28.17
CA PRO A 2 39.13 4.68 -28.42
C PRO A 2 37.83 4.01 -28.92
N GLY A 3 37.92 2.82 -29.52
CA GLY A 3 36.78 2.03 -30.04
C GLY A 3 36.03 1.25 -28.95
N SER A 4 35.47 1.94 -27.96
CA SER A 4 34.64 1.42 -26.86
C SER A 4 33.22 1.01 -27.32
N GLU A 5 33.15 0.04 -28.23
CA GLU A 5 31.90 -0.52 -28.81
C GLU A 5 31.07 -1.39 -27.84
N ASN A 6 31.57 -1.61 -26.62
CA ASN A 6 30.89 -2.33 -25.53
C ASN A 6 29.54 -1.72 -25.09
N PHE A 7 28.75 -2.49 -24.34
CA PHE A 7 27.48 -2.05 -23.73
C PHE A 7 27.72 -0.97 -22.64
N SER A 8 26.66 -0.21 -22.32
CA SER A 8 26.69 0.91 -21.36
C SER A 8 26.93 0.48 -19.92
N VAL A 9 27.43 1.41 -19.09
CA VAL A 9 27.67 1.22 -17.65
C VAL A 9 26.44 1.40 -16.75
N ALA A 10 25.35 1.95 -17.32
CA ALA A 10 24.08 2.22 -16.64
C ALA A 10 23.25 0.94 -16.37
N THR A 11 22.24 1.05 -15.49
CA THR A 11 21.30 -0.02 -15.11
C THR A 11 19.86 0.50 -14.99
N GLU A 12 19.65 1.53 -14.17
CA GLU A 12 18.34 2.15 -13.90
C GLU A 12 18.41 3.69 -13.77
N GLU A 13 17.26 4.36 -13.78
CA GLU A 13 17.15 5.83 -13.69
C GLU A 13 17.18 6.38 -12.25
N SER A 14 17.21 5.50 -11.24
CA SER A 14 17.28 5.80 -9.80
C SER A 14 16.12 6.71 -9.32
N THR A 15 14.94 6.52 -9.92
CA THR A 15 13.72 7.34 -9.76
C THR A 15 12.57 6.45 -9.28
N GLU A 16 12.35 6.41 -7.96
CA GLU A 16 11.34 5.56 -7.32
C GLU A 16 9.91 6.09 -7.56
N PRO A 17 8.89 5.20 -7.72
CA PRO A 17 7.50 5.57 -7.99
C PRO A 17 6.68 5.96 -6.74
N LEU A 18 7.23 5.79 -5.54
CA LEU A 18 6.61 6.09 -4.24
C LEU A 18 7.53 6.98 -3.36
N SER A 19 6.94 7.66 -2.37
CA SER A 19 7.61 8.49 -1.36
C SER A 19 7.04 8.24 0.05
N GLU A 20 7.70 8.78 1.08
CA GLU A 20 7.35 8.56 2.50
C GLU A 20 5.90 8.97 2.85
N ASP A 21 5.38 10.03 2.22
CA ASP A 21 4.00 10.51 2.41
C ASP A 21 2.91 9.54 1.90
N ASP A 22 3.24 8.59 1.01
CA ASP A 22 2.32 7.51 0.62
C ASP A 22 2.09 6.51 1.76
N PHE A 23 3.16 6.17 2.50
CA PHE A 23 3.08 5.33 3.69
C PHE A 23 2.34 6.05 4.83
N ASP A 24 2.63 7.34 5.04
CA ASP A 24 1.93 8.19 6.01
C ASP A 24 0.42 8.28 5.72
N MET A 25 0.02 8.43 4.45
CA MET A 25 -1.38 8.39 3.99
C MET A 25 -2.05 7.06 4.34
N PHE A 26 -1.39 5.92 4.08
CA PHE A 26 -1.90 4.60 4.50
C PHE A 26 -2.17 4.54 6.01
N TYR A 27 -1.16 4.86 6.85
CA TYR A 27 -1.29 4.83 8.31
C TYR A 27 -2.32 5.83 8.86
N GLU A 28 -2.53 6.98 8.21
CA GLU A 28 -3.60 7.93 8.56
C GLU A 28 -4.99 7.34 8.31
N ILE A 29 -5.25 6.82 7.11
CA ILE A 29 -6.55 6.22 6.75
C ILE A 29 -6.83 4.93 7.53
N TRP A 30 -5.79 4.17 7.92
CA TRP A 30 -5.89 2.93 8.71
C TRP A 30 -6.66 3.10 10.03
N GLU A 31 -6.51 4.27 10.69
CA GLU A 31 -7.18 4.60 11.97
C GLU A 31 -8.72 4.60 11.87
N LYS A 32 -9.30 4.78 10.66
CA LYS A 32 -10.74 4.75 10.41
C LYS A 32 -11.36 3.36 10.52
N PHE A 33 -10.54 2.30 10.38
CA PHE A 33 -10.94 0.89 10.39
C PHE A 33 -10.35 0.09 11.56
N ASP A 34 -9.22 0.55 12.11
CA ASP A 34 -8.58 0.04 13.33
C ASP A 34 -8.33 1.19 14.34
N PRO A 35 -9.39 1.79 14.93
CA PRO A 35 -9.25 2.84 15.95
C PRO A 35 -8.69 2.32 17.28
N GLU A 36 -8.75 1.00 17.50
CA GLU A 36 -8.13 0.28 18.63
C GLU A 36 -6.61 0.08 18.47
N ALA A 37 -6.03 0.42 17.30
CA ALA A 37 -4.62 0.31 16.93
C ALA A 37 -4.02 -1.12 17.08
N THR A 38 -4.86 -2.17 17.00
CA THR A 38 -4.48 -3.58 17.10
C THR A 38 -3.56 -4.08 15.98
N GLN A 39 -3.46 -3.33 14.87
CA GLN A 39 -2.78 -3.67 13.61
C GLN A 39 -3.50 -4.75 12.80
N PHE A 40 -4.79 -5.03 13.06
CA PHE A 40 -5.62 -5.95 12.27
C PHE A 40 -6.97 -5.32 11.86
N ILE A 41 -7.52 -5.75 10.72
CA ILE A 41 -8.92 -5.55 10.30
C ILE A 41 -9.52 -6.83 9.70
N GLU A 42 -10.85 -6.92 9.61
CA GLU A 42 -11.57 -8.02 8.96
C GLU A 42 -11.64 -7.87 7.44
N TYR A 43 -11.72 -9.00 6.72
CA TYR A 43 -11.76 -9.02 5.25
C TYR A 43 -12.96 -8.23 4.67
N SER A 44 -14.09 -8.24 5.38
CA SER A 44 -15.34 -7.54 5.04
C SER A 44 -15.23 -6.01 5.07
N VAL A 45 -14.23 -5.44 5.75
CA VAL A 45 -13.96 -3.98 5.80
C VAL A 45 -12.67 -3.58 5.08
N LEU A 46 -11.79 -4.54 4.77
CA LEU A 46 -10.63 -4.35 3.89
C LEU A 46 -11.06 -3.82 2.51
N SER A 47 -12.18 -4.29 1.98
CA SER A 47 -12.81 -3.81 0.73
C SER A 47 -13.12 -2.30 0.75
N ASP A 48 -13.57 -1.77 1.89
CA ASP A 48 -13.88 -0.35 2.06
C ASP A 48 -12.64 0.49 2.40
N PHE A 49 -11.70 -0.05 3.17
CA PHE A 49 -10.38 0.53 3.41
C PHE A 49 -9.57 0.73 2.12
N ALA A 50 -9.55 -0.28 1.25
CA ALA A 50 -8.94 -0.21 -0.09
C ALA A 50 -9.52 0.92 -0.96
N ASP A 51 -10.76 1.33 -0.72
CA ASP A 51 -11.47 2.45 -1.37
C ASP A 51 -11.46 3.77 -0.56
N ALA A 52 -10.82 3.80 0.62
CA ALA A 52 -10.70 5.00 1.46
C ALA A 52 -9.37 5.76 1.26
N LEU A 53 -8.37 5.08 0.71
CA LEU A 53 -7.03 5.59 0.42
C LEU A 53 -6.99 6.60 -0.75
N SER A 54 -5.88 7.34 -0.85
CA SER A 54 -5.51 8.09 -2.05
C SER A 54 -4.78 7.20 -3.07
N GLU A 55 -4.82 7.58 -4.35
CA GLU A 55 -3.96 6.98 -5.39
C GLU A 55 -2.46 7.18 -5.06
N PRO A 56 -1.55 6.31 -5.54
CA PRO A 56 -1.80 5.10 -6.36
C PRO A 56 -2.18 3.84 -5.56
N LEU A 57 -2.07 3.84 -4.23
CA LEU A 57 -2.40 2.68 -3.36
C LEU A 57 -3.90 2.31 -3.40
N ARG A 58 -4.77 3.30 -3.61
CA ARG A 58 -6.23 3.17 -3.83
C ARG A 58 -6.59 2.08 -4.83
N ILE A 59 -7.50 1.19 -4.42
CA ILE A 59 -8.21 0.23 -5.28
C ILE A 59 -9.69 0.59 -5.28
N ALA A 60 -10.09 1.47 -6.21
CA ALA A 60 -11.44 2.02 -6.27
C ALA A 60 -12.53 0.93 -6.43
N LYS A 61 -13.63 1.05 -5.66
CA LYS A 61 -14.78 0.12 -5.75
C LYS A 61 -15.48 0.17 -7.13
N PRO A 62 -16.11 -0.95 -7.57
CA PRO A 62 -16.09 -2.28 -6.94
C PRO A 62 -14.71 -2.96 -7.08
N ASN A 63 -14.24 -3.59 -6.00
CA ASN A 63 -12.88 -4.13 -5.86
C ASN A 63 -12.81 -5.57 -5.30
N GLN A 64 -13.94 -6.26 -5.12
CA GLN A 64 -13.97 -7.62 -4.55
C GLN A 64 -13.07 -8.64 -5.29
N ILE A 65 -12.98 -8.55 -6.62
CA ILE A 65 -12.08 -9.37 -7.47
C ILE A 65 -10.62 -8.95 -7.28
N SER A 66 -10.36 -7.64 -7.21
CA SER A 66 -9.03 -7.05 -6.96
C SER A 66 -8.41 -7.58 -5.68
N LEU A 67 -9.18 -7.59 -4.59
CA LEU A 67 -8.76 -8.10 -3.29
C LEU A 67 -8.46 -9.60 -3.29
N ILE A 68 -9.28 -10.42 -3.97
CA ILE A 68 -9.02 -11.86 -4.18
C ILE A 68 -7.68 -12.09 -4.91
N ASN A 69 -7.30 -11.20 -5.82
CA ASN A 69 -6.02 -11.23 -6.54
C ASN A 69 -4.81 -10.69 -5.75
N MET A 70 -4.97 -10.12 -4.54
CA MET A 70 -3.86 -9.77 -3.64
C MET A 70 -3.27 -11.01 -2.94
N ASP A 71 -2.04 -10.86 -2.45
CA ASP A 71 -1.31 -11.86 -1.64
C ASP A 71 -1.35 -11.47 -0.15
N LEU A 72 -2.43 -11.85 0.53
CA LEU A 72 -2.74 -11.47 1.93
C LEU A 72 -2.84 -12.72 2.84
N PRO A 73 -2.23 -12.72 4.03
CA PRO A 73 -2.44 -13.76 5.04
C PRO A 73 -3.81 -13.58 5.74
N MET A 74 -4.21 -14.55 6.57
CA MET A 74 -5.34 -14.44 7.50
C MET A 74 -4.93 -14.97 8.88
N VAL A 75 -4.62 -14.06 9.82
CA VAL A 75 -4.01 -14.38 11.12
C VAL A 75 -4.92 -15.20 12.05
N SER A 76 -6.24 -15.11 11.88
CA SER A 76 -7.29 -15.81 12.64
C SER A 76 -8.31 -16.55 11.75
N GLY A 77 -8.11 -16.55 10.44
CA GLY A 77 -9.01 -17.12 9.41
C GLY A 77 -9.99 -16.10 8.80
N ASP A 78 -10.07 -14.88 9.34
CA ASP A 78 -10.94 -13.80 8.89
C ASP A 78 -10.37 -12.36 9.02
N ARG A 79 -9.17 -12.20 9.61
CA ARG A 79 -8.51 -10.92 9.88
C ARG A 79 -7.09 -10.86 9.31
N ILE A 80 -6.64 -9.67 8.94
CA ILE A 80 -5.46 -9.43 8.08
C ILE A 80 -4.59 -8.31 8.69
N HIS A 81 -3.29 -8.54 8.77
CA HIS A 81 -2.31 -7.63 9.36
C HIS A 81 -2.00 -6.37 8.52
N CYS A 82 -1.87 -5.22 9.20
CA CYS A 82 -1.58 -3.88 8.68
C CYS A 82 -0.48 -3.83 7.61
N MET A 83 0.75 -4.22 7.97
CA MET A 83 1.92 -4.11 7.09
C MET A 83 1.82 -4.98 5.83
N ASP A 84 1.22 -6.17 5.93
CA ASP A 84 1.04 -7.08 4.78
C ASP A 84 0.08 -6.51 3.72
N ILE A 85 -0.97 -5.78 4.16
CA ILE A 85 -1.87 -5.04 3.27
C ILE A 85 -1.15 -3.91 2.55
N LEU A 86 -0.38 -3.08 3.28
CA LEU A 86 0.48 -2.03 2.70
C LEU A 86 1.43 -2.63 1.63
N PHE A 87 2.18 -3.67 1.99
CA PHE A 87 3.13 -4.38 1.12
C PHE A 87 2.46 -4.92 -0.16
N ALA A 88 1.29 -5.57 -0.05
CA ALA A 88 0.51 -6.04 -1.20
C ALA A 88 0.07 -4.89 -2.13
N PHE A 89 -0.34 -3.74 -1.59
CA PHE A 89 -0.75 -2.57 -2.38
C PHE A 89 0.45 -1.88 -3.06
N THR A 90 1.55 -1.61 -2.34
CA THR A 90 2.74 -0.94 -2.88
C THR A 90 3.47 -1.77 -3.94
N LYS A 91 3.47 -3.11 -3.84
CA LYS A 91 4.00 -4.04 -4.87
C LYS A 91 3.53 -3.72 -6.29
N ARG A 92 2.23 -3.45 -6.46
CA ARG A 92 1.63 -3.05 -7.75
C ARG A 92 2.32 -1.82 -8.34
N VAL A 93 2.48 -0.77 -7.53
CA VAL A 93 3.10 0.52 -7.88
C VAL A 93 4.60 0.37 -8.15
N LEU A 94 5.30 -0.43 -7.33
CA LEU A 94 6.73 -0.76 -7.45
C LEU A 94 7.09 -1.64 -8.68
N GLY A 95 6.09 -2.15 -9.41
CA GLY A 95 6.26 -2.89 -10.66
C GLY A 95 6.29 -4.43 -10.52
N GLU A 96 5.84 -4.98 -9.39
CA GLU A 96 5.71 -6.44 -9.15
C GLU A 96 4.68 -7.12 -10.09
N SER A 97 3.74 -6.33 -10.64
CA SER A 97 2.62 -6.75 -11.52
C SER A 97 2.62 -6.00 -12.86
N GLY A 1 29.97 21.61 -14.40
CA GLY A 1 30.07 21.51 -15.88
C GLY A 1 28.71 21.74 -16.56
N PRO A 2 28.69 21.85 -17.90
CA PRO A 2 27.49 22.20 -18.69
C PRO A 2 26.25 21.32 -18.48
N GLY A 3 26.43 20.03 -18.15
CA GLY A 3 25.36 19.04 -17.93
C GLY A 3 25.36 18.37 -16.54
N SER A 4 26.18 18.86 -15.60
CA SER A 4 26.36 18.28 -14.26
C SER A 4 25.07 18.25 -13.41
N GLU A 5 24.63 17.06 -13.02
CA GLU A 5 23.45 16.85 -12.16
C GLU A 5 23.65 15.67 -11.17
N ASN A 6 23.88 14.47 -11.71
CA ASN A 6 24.08 13.22 -10.97
C ASN A 6 25.22 12.36 -11.56
N PHE A 7 25.72 11.41 -10.78
CA PHE A 7 26.89 10.57 -11.09
C PHE A 7 26.69 9.07 -10.80
N SER A 8 25.48 8.66 -10.39
CA SER A 8 25.12 7.26 -10.11
C SER A 8 25.09 6.37 -11.35
N VAL A 9 25.09 5.04 -11.16
CA VAL A 9 25.10 4.02 -12.24
C VAL A 9 23.75 3.81 -12.93
N ALA A 10 22.66 4.27 -12.31
CA ALA A 10 21.28 4.18 -12.81
C ALA A 10 20.42 5.36 -12.36
N THR A 11 19.74 6.03 -13.31
CA THR A 11 18.88 7.21 -13.06
C THR A 11 17.65 6.93 -12.18
N GLU A 12 17.21 5.68 -12.12
CA GLU A 12 16.03 5.25 -11.35
C GLU A 12 16.14 5.41 -9.81
N GLU A 13 17.36 5.56 -9.29
CA GLU A 13 17.65 5.67 -7.85
C GLU A 13 17.18 6.99 -7.19
N SER A 14 16.68 7.95 -7.98
CA SER A 14 16.16 9.25 -7.55
C SER A 14 14.76 9.59 -8.08
N THR A 15 14.11 8.67 -8.80
CA THR A 15 12.79 8.85 -9.47
C THR A 15 11.73 7.82 -9.01
N GLU A 16 11.86 7.33 -7.77
CA GLU A 16 11.02 6.30 -7.15
C GLU A 16 9.50 6.63 -7.17
N PRO A 17 8.60 5.62 -7.27
CA PRO A 17 7.16 5.83 -7.48
C PRO A 17 6.38 6.26 -6.23
N LEU A 18 6.97 6.19 -5.04
CA LEU A 18 6.36 6.49 -3.74
C LEU A 18 7.26 7.40 -2.88
N SER A 19 6.67 8.02 -1.86
CA SER A 19 7.32 8.91 -0.88
C SER A 19 6.75 8.70 0.53
N GLU A 20 7.33 9.37 1.53
CA GLU A 20 6.90 9.32 2.95
C GLU A 20 5.42 9.70 3.14
N ASP A 21 4.92 10.65 2.33
CA ASP A 21 3.53 11.10 2.33
C ASP A 21 2.51 9.98 2.01
N ASP A 22 2.86 9.01 1.17
CA ASP A 22 2.00 7.87 0.84
C ASP A 22 1.83 6.90 2.03
N PHE A 23 2.89 6.70 2.81
CA PHE A 23 2.87 5.88 4.03
C PHE A 23 2.19 6.62 5.19
N ASP A 24 2.44 7.92 5.35
CA ASP A 24 1.73 8.79 6.30
C ASP A 24 0.21 8.79 6.04
N MET A 25 -0.21 8.91 4.78
CA MET A 25 -1.60 8.71 4.33
C MET A 25 -2.13 7.33 4.75
N PHE A 26 -1.42 6.24 4.42
CA PHE A 26 -1.82 4.88 4.78
C PHE A 26 -2.10 4.75 6.29
N TYR A 27 -1.15 5.12 7.15
CA TYR A 27 -1.28 5.05 8.61
C TYR A 27 -2.37 5.97 9.18
N GLU A 28 -2.64 7.14 8.58
CA GLU A 28 -3.74 8.02 8.96
C GLU A 28 -5.12 7.41 8.61
N ILE A 29 -5.32 6.98 7.37
CA ILE A 29 -6.55 6.34 6.89
C ILE A 29 -6.83 5.01 7.62
N TRP A 30 -5.79 4.25 7.98
CA TRP A 30 -5.86 2.96 8.69
C TRP A 30 -6.70 3.00 9.97
N GLU A 31 -6.52 4.03 10.82
CA GLU A 31 -7.22 4.16 12.11
C GLU A 31 -8.75 4.28 11.98
N LYS A 32 -9.28 4.63 10.79
CA LYS A 32 -10.72 4.65 10.50
C LYS A 32 -11.35 3.24 10.42
N PHE A 33 -10.51 2.21 10.25
CA PHE A 33 -10.91 0.79 10.09
C PHE A 33 -10.31 -0.11 11.18
N ASP A 34 -9.28 0.35 11.89
CA ASP A 34 -8.68 -0.25 13.09
C ASP A 34 -8.90 0.66 14.32
N PRO A 35 -10.12 0.69 14.91
CA PRO A 35 -10.42 1.48 16.11
C PRO A 35 -9.77 0.92 17.38
N GLU A 36 -9.34 -0.35 17.35
CA GLU A 36 -8.59 -1.01 18.42
C GLU A 36 -7.09 -0.65 18.43
N ALA A 37 -6.59 0.00 17.37
CA ALA A 37 -5.17 0.21 17.04
C ALA A 37 -4.31 -1.09 17.07
N THR A 38 -4.94 -2.26 16.94
CA THR A 38 -4.32 -3.59 17.09
C THR A 38 -3.39 -4.00 15.93
N GLN A 39 -3.38 -3.24 14.82
CA GLN A 39 -2.62 -3.48 13.58
C GLN A 39 -3.18 -4.63 12.73
N PHE A 40 -4.45 -5.00 12.93
CA PHE A 40 -5.20 -5.98 12.15
C PHE A 40 -6.63 -5.45 11.83
N ILE A 41 -7.15 -5.71 10.62
CA ILE A 41 -8.55 -5.42 10.25
C ILE A 41 -9.24 -6.62 9.58
N GLU A 42 -10.57 -6.66 9.62
CA GLU A 42 -11.39 -7.70 8.98
C GLU A 42 -11.43 -7.53 7.45
N TYR A 43 -11.54 -8.65 6.71
CA TYR A 43 -11.64 -8.63 5.25
C TYR A 43 -12.88 -7.86 4.74
N SER A 44 -13.96 -7.85 5.53
CA SER A 44 -15.20 -7.11 5.32
C SER A 44 -15.08 -5.59 5.39
N VAL A 45 -13.97 -5.05 5.93
CA VAL A 45 -13.66 -3.59 5.96
C VAL A 45 -12.38 -3.23 5.21
N LEU A 46 -11.51 -4.21 4.92
CA LEU A 46 -10.33 -4.06 4.06
C LEU A 46 -10.72 -3.53 2.66
N SER A 47 -11.80 -4.05 2.08
CA SER A 47 -12.34 -3.59 0.80
C SER A 47 -12.81 -2.12 0.79
N ASP A 48 -13.28 -1.59 1.91
CA ASP A 48 -13.63 -0.17 2.06
C ASP A 48 -12.40 0.71 2.36
N PHE A 49 -11.44 0.20 3.16
CA PHE A 49 -10.12 0.80 3.39
C PHE A 49 -9.33 0.98 2.09
N ALA A 50 -9.29 -0.04 1.23
CA ALA A 50 -8.67 -0.02 -0.09
C ALA A 50 -9.19 1.12 -1.01
N ASP A 51 -10.42 1.59 -0.78
CA ASP A 51 -11.07 2.71 -1.48
C ASP A 51 -11.04 4.04 -0.70
N ALA A 52 -10.56 4.06 0.55
CA ALA A 52 -10.45 5.27 1.36
C ALA A 52 -9.12 6.03 1.14
N LEU A 53 -8.12 5.34 0.58
CA LEU A 53 -6.79 5.85 0.21
C LEU A 53 -6.84 6.72 -1.07
N SER A 54 -5.76 7.45 -1.35
CA SER A 54 -5.52 8.09 -2.65
C SER A 54 -4.58 7.24 -3.52
N GLU A 55 -4.52 7.54 -4.81
CA GLU A 55 -3.63 6.88 -5.78
C GLU A 55 -2.14 7.12 -5.42
N PRO A 56 -1.21 6.21 -5.79
CA PRO A 56 -1.44 4.94 -6.49
C PRO A 56 -1.82 3.75 -5.59
N LEU A 57 -1.78 3.89 -4.25
CA LEU A 57 -2.11 2.81 -3.29
C LEU A 57 -3.61 2.42 -3.32
N ARG A 58 -4.49 3.34 -3.71
CA ARG A 58 -5.93 3.17 -3.96
C ARG A 58 -6.25 2.00 -4.90
N ILE A 59 -7.20 1.15 -4.49
CA ILE A 59 -7.89 0.15 -5.33
C ILE A 59 -9.39 0.50 -5.33
N ALA A 60 -9.83 1.28 -6.32
CA ALA A 60 -11.19 1.81 -6.37
C ALA A 60 -12.27 0.72 -6.44
N LYS A 61 -13.37 0.87 -5.67
CA LYS A 61 -14.50 -0.07 -5.67
C LYS A 61 -15.21 -0.14 -7.05
N PRO A 62 -15.80 -1.29 -7.44
CA PRO A 62 -15.73 -2.59 -6.75
C PRO A 62 -14.32 -3.22 -6.89
N ASN A 63 -13.76 -3.67 -5.77
CA ASN A 63 -12.38 -4.18 -5.65
C ASN A 63 -12.28 -5.60 -5.06
N GLN A 64 -13.40 -6.27 -4.79
CA GLN A 64 -13.40 -7.62 -4.22
C GLN A 64 -12.60 -8.63 -5.06
N ILE A 65 -12.71 -8.57 -6.39
CA ILE A 65 -11.95 -9.42 -7.32
C ILE A 65 -10.46 -9.04 -7.33
N SER A 66 -10.17 -7.75 -7.35
CA SER A 66 -8.81 -7.17 -7.24
C SER A 66 -8.08 -7.66 -5.98
N LEU A 67 -8.74 -7.63 -4.82
CA LEU A 67 -8.23 -8.11 -3.53
C LEU A 67 -8.10 -9.64 -3.47
N ILE A 68 -9.04 -10.40 -4.06
CA ILE A 68 -8.92 -11.86 -4.22
C ILE A 68 -7.67 -12.24 -5.03
N ASN A 69 -7.29 -11.44 -6.03
CA ASN A 69 -6.08 -11.63 -6.84
C ASN A 69 -4.75 -11.23 -6.13
N MET A 70 -4.80 -10.54 -4.98
CA MET A 70 -3.62 -10.33 -4.10
C MET A 70 -3.32 -11.55 -3.21
N ASP A 71 -2.23 -11.46 -2.44
CA ASP A 71 -1.82 -12.42 -1.41
C ASP A 71 -1.86 -11.76 -0.02
N LEU A 72 -3.04 -11.80 0.61
CA LEU A 72 -3.35 -11.13 1.89
C LEU A 72 -3.46 -12.16 3.04
N PRO A 73 -2.51 -12.19 3.99
CA PRO A 73 -2.41 -13.22 5.04
C PRO A 73 -3.49 -13.07 6.11
N MET A 74 -4.52 -13.90 6.06
CA MET A 74 -5.57 -13.99 7.09
C MET A 74 -5.05 -14.65 8.38
N VAL A 75 -4.58 -13.85 9.35
CA VAL A 75 -3.93 -14.30 10.60
C VAL A 75 -4.86 -15.09 11.53
N SER A 76 -6.17 -14.86 11.45
CA SER A 76 -7.24 -15.53 12.23
C SER A 76 -8.17 -16.39 11.37
N GLY A 77 -8.02 -16.33 10.04
CA GLY A 77 -9.00 -16.80 9.05
C GLY A 77 -9.98 -15.72 8.58
N ASP A 78 -10.00 -14.53 9.21
CA ASP A 78 -10.87 -13.41 8.80
C ASP A 78 -10.29 -11.98 9.02
N ARG A 79 -9.17 -11.82 9.75
CA ARG A 79 -8.43 -10.54 9.90
C ARG A 79 -7.03 -10.61 9.29
N ILE A 80 -6.49 -9.47 8.88
CA ILE A 80 -5.28 -9.31 8.06
C ILE A 80 -4.39 -8.20 8.62
N HIS A 81 -3.07 -8.42 8.66
CA HIS A 81 -2.06 -7.53 9.26
C HIS A 81 -1.75 -6.27 8.42
N CYS A 82 -1.63 -5.12 9.10
CA CYS A 82 -1.33 -3.78 8.56
C CYS A 82 -0.17 -3.75 7.53
N MET A 83 1.04 -4.14 7.94
CA MET A 83 2.22 -4.08 7.07
C MET A 83 2.14 -5.03 5.86
N ASP A 84 1.45 -6.16 5.98
CA ASP A 84 1.28 -7.09 4.85
C ASP A 84 0.25 -6.59 3.82
N ILE A 85 -0.78 -5.86 4.26
CA ILE A 85 -1.69 -5.11 3.39
C ILE A 85 -0.91 -4.02 2.64
N LEU A 86 -0.10 -3.21 3.35
CA LEU A 86 0.79 -2.22 2.73
C LEU A 86 1.73 -2.87 1.70
N PHE A 87 2.33 -4.01 2.03
CA PHE A 87 3.20 -4.78 1.14
C PHE A 87 2.46 -5.23 -0.14
N ALA A 88 1.24 -5.77 -0.02
CA ALA A 88 0.41 -6.15 -1.16
C ALA A 88 -0.02 -4.95 -2.05
N PHE A 89 -0.32 -3.79 -1.44
CA PHE A 89 -0.73 -2.56 -2.13
C PHE A 89 0.46 -1.85 -2.81
N THR A 90 1.62 -1.77 -2.15
CA THR A 90 2.87 -1.26 -2.77
C THR A 90 3.36 -2.15 -3.90
N LYS A 91 3.24 -3.49 -3.79
CA LYS A 91 3.45 -4.43 -4.90
C LYS A 91 2.57 -4.14 -6.12
N ARG A 92 1.33 -3.66 -5.91
CA ARG A 92 0.39 -3.20 -6.95
C ARG A 92 0.92 -2.00 -7.74
N VAL A 93 1.63 -1.08 -7.07
CA VAL A 93 2.33 0.07 -7.67
C VAL A 93 3.59 -0.39 -8.42
N LEU A 94 4.44 -1.20 -7.77
CA LEU A 94 5.72 -1.69 -8.29
C LEU A 94 5.60 -2.71 -9.44
N GLY A 95 4.45 -3.36 -9.60
CA GLY A 95 4.21 -4.39 -10.63
C GLY A 95 4.67 -5.80 -10.26
N GLU A 96 4.89 -6.07 -8.95
CA GLU A 96 5.44 -7.29 -8.33
C GLU A 96 6.88 -7.67 -8.76
N SER A 97 7.07 -8.06 -10.04
CA SER A 97 8.34 -8.54 -10.63
C SER A 97 9.49 -7.54 -10.54
N GLY A 1 35.77 25.51 -14.06
CA GLY A 1 37.17 25.02 -14.04
C GLY A 1 37.43 24.01 -15.15
N PRO A 2 38.72 23.80 -15.54
CA PRO A 2 39.10 22.92 -16.66
C PRO A 2 39.05 21.41 -16.33
N GLY A 3 38.91 21.02 -15.05
CA GLY A 3 38.85 19.62 -14.62
C GLY A 3 37.54 18.91 -14.97
N SER A 4 37.54 17.57 -14.88
CA SER A 4 36.40 16.70 -15.20
C SER A 4 35.30 16.62 -14.13
N GLU A 5 35.62 17.06 -12.90
CA GLU A 5 34.73 17.12 -11.74
C GLU A 5 33.70 18.25 -11.86
N ASN A 6 32.42 17.91 -12.07
CA ASN A 6 31.32 18.88 -12.08
C ASN A 6 31.10 19.54 -10.70
N PHE A 7 30.53 20.75 -10.67
CA PHE A 7 30.32 21.56 -9.46
C PHE A 7 29.37 20.90 -8.42
N SER A 8 28.40 20.10 -8.88
CA SER A 8 27.39 19.40 -8.07
C SER A 8 27.14 17.97 -8.56
N VAL A 9 26.57 17.11 -7.71
CA VAL A 9 26.22 15.71 -8.03
C VAL A 9 24.97 15.56 -8.91
N ALA A 10 24.17 16.63 -9.03
CA ALA A 10 23.00 16.81 -9.89
C ALA A 10 21.84 15.79 -9.72
N THR A 11 21.80 15.05 -8.60
CA THR A 11 20.73 14.09 -8.25
C THR A 11 20.41 14.09 -6.75
N GLU A 12 19.27 13.53 -6.37
CA GLU A 12 18.88 13.16 -5.01
C GLU A 12 19.09 11.65 -4.72
N GLU A 13 19.55 10.88 -5.71
CA GLU A 13 19.83 9.43 -5.65
C GLU A 13 18.58 8.56 -5.35
N SER A 14 17.37 9.10 -5.58
CA SER A 14 16.07 8.45 -5.36
C SER A 14 15.11 8.69 -6.53
N THR A 15 14.64 7.61 -7.16
CA THR A 15 13.78 7.63 -8.37
C THR A 15 12.55 6.72 -8.27
N GLU A 16 12.27 6.20 -7.07
CA GLU A 16 11.16 5.28 -6.79
C GLU A 16 9.77 5.94 -6.99
N PRO A 17 8.70 5.15 -7.29
CA PRO A 17 7.34 5.67 -7.50
C PRO A 17 6.59 6.02 -6.19
N LEU A 18 7.18 5.72 -5.03
CA LEU A 18 6.60 5.90 -3.68
C LEU A 18 7.56 6.64 -2.73
N SER A 19 7.01 7.22 -1.67
CA SER A 19 7.75 7.91 -0.59
C SER A 19 7.14 7.68 0.80
N GLU A 20 7.76 8.26 1.83
CA GLU A 20 7.23 8.29 3.20
C GLU A 20 5.82 8.91 3.29
N ASP A 21 5.47 9.83 2.39
CA ASP A 21 4.13 10.45 2.32
C ASP A 21 3.01 9.44 1.99
N ASP A 22 3.29 8.42 1.16
CA ASP A 22 2.35 7.33 0.88
C ASP A 22 2.11 6.42 2.10
N PHE A 23 3.15 6.16 2.90
CA PHE A 23 3.06 5.43 4.16
C PHE A 23 2.31 6.23 5.23
N ASP A 24 2.60 7.53 5.36
CA ASP A 24 1.87 8.46 6.23
C ASP A 24 0.37 8.52 5.90
N MET A 25 0.02 8.61 4.60
CA MET A 25 -1.36 8.48 4.11
C MET A 25 -1.99 7.14 4.55
N PHE A 26 -1.34 6.01 4.27
CA PHE A 26 -1.83 4.67 4.65
C PHE A 26 -2.18 4.60 6.14
N TYR A 27 -1.21 4.86 7.03
CA TYR A 27 -1.40 4.75 8.48
C TYR A 27 -2.31 5.84 9.10
N GLU A 28 -2.52 6.98 8.43
CA GLU A 28 -3.56 7.95 8.79
C GLU A 28 -4.97 7.40 8.50
N ILE A 29 -5.23 6.93 7.28
CA ILE A 29 -6.53 6.34 6.88
C ILE A 29 -6.83 5.03 7.63
N TRP A 30 -5.79 4.25 7.99
CA TRP A 30 -5.89 2.99 8.73
C TRP A 30 -6.68 3.11 10.05
N GLU A 31 -6.50 4.20 10.81
CA GLU A 31 -7.17 4.43 12.10
C GLU A 31 -8.71 4.52 12.00
N LYS A 32 -9.25 4.81 10.81
CA LYS A 32 -10.70 4.82 10.54
C LYS A 32 -11.32 3.41 10.55
N PHE A 33 -10.50 2.37 10.38
CA PHE A 33 -10.88 0.96 10.31
C PHE A 33 -10.29 0.12 11.46
N ASP A 34 -9.22 0.59 12.09
CA ASP A 34 -8.60 0.05 13.31
C ASP A 34 -8.51 1.12 14.42
N PRO A 35 -9.65 1.52 15.02
CA PRO A 35 -9.68 2.49 16.13
C PRO A 35 -9.14 1.89 17.45
N GLU A 36 -9.11 0.56 17.55
CA GLU A 36 -8.50 -0.20 18.67
C GLU A 36 -6.96 -0.28 18.58
N ALA A 37 -6.37 0.17 17.46
CA ALA A 37 -4.94 0.16 17.13
C ALA A 37 -4.24 -1.21 17.24
N THR A 38 -4.97 -2.32 17.12
CA THR A 38 -4.44 -3.70 17.24
C THR A 38 -3.53 -4.12 16.08
N GLN A 39 -3.48 -3.35 14.99
CA GLN A 39 -2.72 -3.56 13.76
C GLN A 39 -3.37 -4.60 12.81
N PHE A 40 -4.64 -4.97 13.03
CA PHE A 40 -5.42 -5.85 12.15
C PHE A 40 -6.81 -5.25 11.81
N ILE A 41 -7.39 -5.65 10.67
CA ILE A 41 -8.81 -5.43 10.31
C ILE A 41 -9.43 -6.68 9.68
N GLU A 42 -10.76 -6.78 9.64
CA GLU A 42 -11.49 -7.87 8.97
C GLU A 42 -11.49 -7.69 7.44
N TYR A 43 -11.53 -8.80 6.70
CA TYR A 43 -11.62 -8.80 5.23
C TYR A 43 -12.84 -8.03 4.70
N SER A 44 -13.96 -8.09 5.46
CA SER A 44 -15.23 -7.39 5.19
C SER A 44 -15.16 -5.86 5.24
N VAL A 45 -14.07 -5.28 5.79
CA VAL A 45 -13.81 -3.83 5.81
C VAL A 45 -12.50 -3.43 5.11
N LEU A 46 -11.61 -4.37 4.82
CA LEU A 46 -10.43 -4.18 3.97
C LEU A 46 -10.80 -3.64 2.57
N SER A 47 -11.89 -4.15 1.98
CA SER A 47 -12.44 -3.65 0.71
C SER A 47 -12.88 -2.18 0.77
N ASP A 48 -13.45 -1.73 1.89
CA ASP A 48 -13.81 -0.31 2.08
C ASP A 48 -12.58 0.57 2.37
N PHE A 49 -11.61 0.06 3.15
CA PHE A 49 -10.31 0.71 3.38
C PHE A 49 -9.50 0.91 2.08
N ALA A 50 -9.45 -0.11 1.20
CA ALA A 50 -8.84 -0.05 -0.12
C ALA A 50 -9.43 1.07 -1.01
N ASP A 51 -10.71 1.42 -0.80
CA ASP A 51 -11.42 2.53 -1.46
C ASP A 51 -11.39 3.87 -0.67
N ALA A 52 -10.81 3.91 0.54
CA ALA A 52 -10.75 5.11 1.39
C ALA A 52 -9.47 5.95 1.18
N LEU A 53 -8.43 5.33 0.61
CA LEU A 53 -7.12 5.93 0.29
C LEU A 53 -7.19 6.84 -0.95
N SER A 54 -6.08 7.54 -1.24
CA SER A 54 -5.84 8.17 -2.54
C SER A 54 -4.89 7.34 -3.41
N GLU A 55 -4.84 7.63 -4.71
CA GLU A 55 -3.94 6.99 -5.67
C GLU A 55 -2.45 7.22 -5.31
N PRO A 56 -1.52 6.30 -5.69
CA PRO A 56 -1.75 5.07 -6.44
C PRO A 56 -2.15 3.84 -5.58
N LEU A 57 -2.07 3.92 -4.24
CA LEU A 57 -2.44 2.82 -3.32
C LEU A 57 -3.95 2.48 -3.38
N ARG A 58 -4.81 3.46 -3.65
CA ARG A 58 -6.26 3.32 -3.88
C ARG A 58 -6.58 2.23 -4.91
N ILE A 59 -7.44 1.28 -4.51
CA ILE A 59 -8.11 0.32 -5.39
C ILE A 59 -9.61 0.64 -5.41
N ALA A 60 -10.03 1.47 -6.36
CA ALA A 60 -11.39 2.00 -6.45
C ALA A 60 -12.47 0.90 -6.51
N LYS A 61 -13.50 1.04 -5.66
CA LYS A 61 -14.61 0.09 -5.48
C LYS A 61 -15.43 -0.11 -6.79
N PRO A 62 -15.90 -1.35 -7.10
CA PRO A 62 -15.65 -2.61 -6.41
C PRO A 62 -14.23 -3.14 -6.63
N ASN A 63 -13.66 -3.76 -5.60
CA ASN A 63 -12.27 -4.26 -5.56
C ASN A 63 -12.13 -5.70 -5.03
N GLN A 64 -13.23 -6.42 -4.75
CA GLN A 64 -13.18 -7.80 -4.22
C GLN A 64 -12.35 -8.76 -5.11
N ILE A 65 -12.47 -8.64 -6.44
CA ILE A 65 -11.69 -9.41 -7.42
C ILE A 65 -10.20 -9.01 -7.37
N SER A 66 -9.91 -7.71 -7.26
CA SER A 66 -8.58 -7.15 -7.12
C SER A 66 -7.85 -7.69 -5.88
N LEU A 67 -8.53 -7.75 -4.73
CA LEU A 67 -8.05 -8.32 -3.47
C LEU A 67 -7.87 -9.85 -3.54
N ILE A 68 -8.76 -10.58 -4.22
CA ILE A 68 -8.62 -12.03 -4.48
C ILE A 68 -7.35 -12.32 -5.31
N ASN A 69 -6.96 -11.41 -6.22
CA ASN A 69 -5.72 -11.52 -7.00
C ASN A 69 -4.44 -11.10 -6.25
N MET A 70 -4.55 -10.43 -5.09
CA MET A 70 -3.43 -10.18 -4.16
C MET A 70 -3.14 -11.41 -3.28
N ASP A 71 -2.00 -11.40 -2.59
CA ASP A 71 -1.52 -12.47 -1.70
C ASP A 71 -1.70 -12.10 -0.21
N LEU A 72 -2.91 -11.69 0.16
CA LEU A 72 -3.31 -11.31 1.52
C LEU A 72 -3.47 -12.56 2.43
N PRO A 73 -2.70 -12.70 3.53
CA PRO A 73 -2.88 -13.77 4.52
C PRO A 73 -4.10 -13.52 5.42
N MET A 74 -4.42 -14.47 6.32
CA MET A 74 -5.38 -14.25 7.42
C MET A 74 -4.83 -14.79 8.76
N VAL A 75 -4.63 -13.90 9.74
CA VAL A 75 -3.93 -14.18 11.02
C VAL A 75 -4.73 -15.06 11.98
N SER A 76 -6.06 -15.01 11.92
CA SER A 76 -7.00 -15.78 12.76
C SER A 76 -8.17 -16.40 11.99
N GLY A 77 -8.16 -16.32 10.65
CA GLY A 77 -9.15 -16.89 9.74
C GLY A 77 -10.13 -15.88 9.14
N ASP A 78 -10.15 -14.62 9.62
CA ASP A 78 -11.00 -13.53 9.12
C ASP A 78 -10.32 -12.14 9.06
N ARG A 79 -9.12 -11.98 9.66
CA ARG A 79 -8.43 -10.69 9.86
C ARG A 79 -7.03 -10.66 9.26
N ILE A 80 -6.54 -9.47 8.91
CA ILE A 80 -5.35 -9.24 8.08
C ILE A 80 -4.51 -8.07 8.66
N HIS A 81 -3.19 -8.27 8.75
CA HIS A 81 -2.21 -7.35 9.33
C HIS A 81 -1.90 -6.13 8.44
N CYS A 82 -1.75 -4.95 9.06
CA CYS A 82 -1.54 -3.65 8.40
C CYS A 82 -0.39 -3.62 7.38
N MET A 83 0.80 -4.10 7.75
CA MET A 83 2.00 -4.04 6.91
C MET A 83 1.87 -4.96 5.68
N ASP A 84 1.25 -6.13 5.83
CA ASP A 84 0.98 -7.07 4.73
C ASP A 84 -0.01 -6.49 3.71
N ILE A 85 -0.97 -5.69 4.17
CA ILE A 85 -1.91 -4.95 3.29
C ILE A 85 -1.17 -3.82 2.55
N LEU A 86 -0.35 -3.02 3.26
CA LEU A 86 0.50 -1.99 2.67
C LEU A 86 1.42 -2.58 1.57
N PHE A 87 2.08 -3.69 1.87
CA PHE A 87 2.87 -4.48 0.91
C PHE A 87 2.03 -4.87 -0.31
N ALA A 88 0.88 -5.54 -0.13
CA ALA A 88 0.00 -5.95 -1.22
C ALA A 88 -0.46 -4.77 -2.13
N PHE A 89 -0.77 -3.61 -1.54
CA PHE A 89 -1.16 -2.41 -2.29
C PHE A 89 0.02 -1.78 -3.05
N THR A 90 1.20 -1.65 -2.43
CA THR A 90 2.40 -1.04 -3.05
C THR A 90 3.09 -1.95 -4.07
N LYS A 91 2.97 -3.28 -3.94
CA LYS A 91 3.42 -4.31 -4.89
C LYS A 91 2.92 -4.06 -6.32
N ARG A 92 1.66 -3.64 -6.48
CA ARG A 92 1.07 -3.17 -7.75
C ARG A 92 1.83 -1.97 -8.33
N VAL A 93 2.01 -0.92 -7.52
CA VAL A 93 2.68 0.35 -7.88
C VAL A 93 4.13 0.13 -8.30
N LEU A 94 4.85 -0.71 -7.57
CA LEU A 94 6.25 -1.09 -7.81
C LEU A 94 6.44 -2.03 -9.03
N GLY A 95 5.36 -2.59 -9.58
CA GLY A 95 5.39 -3.58 -10.67
C GLY A 95 5.84 -4.98 -10.23
N GLU A 96 5.83 -5.25 -8.93
CA GLU A 96 6.26 -6.51 -8.30
C GLU A 96 5.17 -7.59 -8.28
N SER A 97 3.95 -7.29 -8.73
CA SER A 97 2.82 -8.23 -8.92
C SER A 97 3.13 -9.32 -9.96
N GLY A 1 27.72 9.46 -22.47
CA GLY A 1 29.14 9.38 -22.89
C GLY A 1 30.01 10.43 -22.22
N PRO A 2 31.34 10.45 -22.50
CA PRO A 2 32.27 11.45 -21.98
C PRO A 2 31.87 12.91 -22.22
N GLY A 3 32.35 13.82 -21.37
CA GLY A 3 32.06 15.26 -21.41
C GLY A 3 30.70 15.61 -20.80
N SER A 4 29.61 15.03 -21.32
CA SER A 4 28.23 15.21 -20.85
C SER A 4 27.97 14.75 -19.40
N GLU A 5 28.90 13.99 -18.83
CA GLU A 5 28.98 13.57 -17.42
C GLU A 5 28.96 14.73 -16.40
N ASN A 6 29.27 15.96 -16.85
CA ASN A 6 29.27 17.19 -16.03
C ASN A 6 27.91 17.53 -15.36
N PHE A 7 26.80 16.93 -15.80
CA PHE A 7 25.48 17.05 -15.17
C PHE A 7 24.70 15.72 -15.18
N SER A 8 23.70 15.58 -14.30
CA SER A 8 22.81 14.42 -14.13
C SER A 8 21.74 14.29 -15.23
N VAL A 9 22.17 14.32 -16.51
CA VAL A 9 21.31 14.30 -17.71
C VAL A 9 20.43 13.06 -17.88
N ALA A 10 20.74 11.98 -17.16
CA ALA A 10 20.10 10.67 -17.29
C ALA A 10 18.71 10.54 -16.64
N THR A 11 18.33 11.50 -15.78
CA THR A 11 17.06 11.54 -15.03
C THR A 11 16.55 12.97 -14.89
N GLU A 12 15.61 13.36 -15.76
CA GLU A 12 15.10 14.74 -15.84
C GLU A 12 13.87 15.05 -14.94
N GLU A 13 13.19 14.02 -14.40
CA GLU A 13 11.86 14.16 -13.75
C GLU A 13 11.72 13.39 -12.41
N SER A 14 12.78 12.74 -11.90
CA SER A 14 12.80 11.92 -10.68
C SER A 14 11.64 10.91 -10.63
N THR A 15 11.68 9.94 -11.55
CA THR A 15 10.57 9.05 -11.95
C THR A 15 10.26 7.88 -10.99
N GLU A 16 10.63 7.97 -9.70
CA GLU A 16 10.33 6.96 -8.68
C GLU A 16 8.82 6.66 -8.54
N PRO A 17 8.43 5.43 -8.17
CA PRO A 17 7.01 5.03 -8.08
C PRO A 17 6.28 5.61 -6.85
N LEU A 18 7.01 5.94 -5.77
CA LEU A 18 6.46 6.32 -4.46
C LEU A 18 7.23 7.50 -3.82
N SER A 19 6.59 8.12 -2.82
CA SER A 19 7.13 9.18 -1.96
C SER A 19 6.80 8.92 -0.47
N GLU A 20 7.43 9.68 0.44
CA GLU A 20 7.22 9.57 1.90
C GLU A 20 5.74 9.76 2.32
N ASP A 21 5.02 10.63 1.61
CA ASP A 21 3.60 10.95 1.84
C ASP A 21 2.65 9.75 1.64
N ASP A 22 3.02 8.78 0.78
CA ASP A 22 2.19 7.59 0.49
C ASP A 22 2.06 6.68 1.72
N PHE A 23 3.18 6.44 2.41
CA PHE A 23 3.23 5.66 3.64
C PHE A 23 2.48 6.34 4.80
N ASP A 24 2.62 7.66 4.94
CA ASP A 24 1.89 8.47 5.92
C ASP A 24 0.37 8.43 5.66
N MET A 25 -0.05 8.59 4.41
CA MET A 25 -1.44 8.48 3.96
C MET A 25 -2.05 7.10 4.30
N PHE A 26 -1.32 6.00 4.10
CA PHE A 26 -1.77 4.66 4.50
C PHE A 26 -2.14 4.60 5.99
N TYR A 27 -1.21 4.95 6.88
CA TYR A 27 -1.44 4.90 8.33
C TYR A 27 -2.47 5.93 8.83
N GLU A 28 -2.62 7.08 8.17
CA GLU A 28 -3.69 8.06 8.45
C GLU A 28 -5.09 7.46 8.20
N ILE A 29 -5.30 6.84 7.04
CA ILE A 29 -6.58 6.18 6.69
C ILE A 29 -6.80 4.87 7.45
N TRP A 30 -5.74 4.13 7.82
CA TRP A 30 -5.81 2.90 8.62
C TRP A 30 -6.58 3.09 9.93
N GLU A 31 -6.35 4.21 10.63
CA GLU A 31 -6.95 4.51 11.93
C GLU A 31 -8.48 4.61 11.88
N LYS A 32 -9.06 4.89 10.69
CA LYS A 32 -10.51 4.97 10.45
C LYS A 32 -11.21 3.59 10.51
N PHE A 33 -10.44 2.50 10.37
CA PHE A 33 -10.89 1.09 10.40
C PHE A 33 -10.30 0.29 11.56
N ASP A 34 -9.18 0.75 12.12
CA ASP A 34 -8.51 0.25 13.32
C ASP A 34 -8.28 1.41 14.32
N PRO A 35 -9.34 1.94 14.97
CA PRO A 35 -9.22 2.99 15.98
C PRO A 35 -8.61 2.49 17.31
N GLU A 36 -8.63 1.17 17.54
CA GLU A 36 -7.96 0.49 18.65
C GLU A 36 -6.43 0.35 18.44
N ALA A 37 -5.93 0.63 17.23
CA ALA A 37 -4.53 0.57 16.81
C ALA A 37 -3.85 -0.80 16.99
N THR A 38 -4.62 -1.90 17.06
CA THR A 38 -4.12 -3.28 17.25
C THR A 38 -3.35 -3.86 16.06
N GLN A 39 -3.37 -3.18 14.91
CA GLN A 39 -2.72 -3.53 13.65
C GLN A 39 -3.40 -4.70 12.90
N PHE A 40 -4.69 -4.95 13.15
CA PHE A 40 -5.51 -5.92 12.39
C PHE A 40 -6.90 -5.34 12.02
N ILE A 41 -7.47 -5.79 10.89
CA ILE A 41 -8.88 -5.58 10.50
C ILE A 41 -9.51 -6.84 9.90
N GLU A 42 -10.85 -6.90 9.85
CA GLU A 42 -11.60 -7.97 9.18
C GLU A 42 -11.64 -7.78 7.65
N TYR A 43 -11.75 -8.88 6.89
CA TYR A 43 -11.88 -8.80 5.42
C TYR A 43 -13.13 -8.02 4.97
N SER A 44 -14.20 -8.07 5.77
CA SER A 44 -15.47 -7.36 5.58
C SER A 44 -15.35 -5.82 5.61
N VAL A 45 -14.24 -5.27 6.14
CA VAL A 45 -13.91 -3.82 6.08
C VAL A 45 -12.62 -3.50 5.34
N LEU A 46 -11.81 -4.51 4.99
CA LEU A 46 -10.61 -4.34 4.16
C LEU A 46 -10.98 -3.78 2.77
N SER A 47 -12.06 -4.27 2.16
CA SER A 47 -12.60 -3.73 0.90
C SER A 47 -13.08 -2.28 0.98
N ASP A 48 -13.57 -1.84 2.13
CA ASP A 48 -13.95 -0.44 2.37
C ASP A 48 -12.72 0.46 2.66
N PHE A 49 -11.73 -0.05 3.39
CA PHE A 49 -10.41 0.56 3.59
C PHE A 49 -9.67 0.78 2.26
N ALA A 50 -9.59 -0.26 1.41
CA ALA A 50 -9.01 -0.24 0.08
C ALA A 50 -9.55 0.90 -0.80
N ASP A 51 -10.86 1.15 -0.76
CA ASP A 51 -11.53 2.24 -1.48
C ASP A 51 -11.29 3.65 -0.87
N ALA A 52 -10.97 3.75 0.42
CA ALA A 52 -10.92 5.00 1.18
C ALA A 52 -9.55 5.72 1.15
N LEU A 53 -8.51 5.06 0.64
CA LEU A 53 -7.16 5.61 0.49
C LEU A 53 -7.08 6.59 -0.69
N SER A 54 -5.95 7.30 -0.83
CA SER A 54 -5.59 8.03 -2.05
C SER A 54 -4.82 7.12 -3.03
N GLU A 55 -4.78 7.51 -4.31
CA GLU A 55 -3.88 6.90 -5.29
C GLU A 55 -2.39 7.18 -4.92
N PRO A 56 -1.43 6.33 -5.32
CA PRO A 56 -1.60 5.08 -6.09
C PRO A 56 -2.02 3.84 -5.25
N LEU A 57 -1.97 3.91 -3.91
CA LEU A 57 -2.17 2.73 -3.06
C LEU A 57 -3.63 2.21 -3.04
N ARG A 58 -4.64 3.07 -3.19
CA ARG A 58 -6.06 2.69 -3.16
C ARG A 58 -6.47 1.70 -4.26
N ILE A 59 -7.64 1.08 -4.09
CA ILE A 59 -8.34 0.22 -5.06
C ILE A 59 -9.83 0.60 -5.04
N ALA A 60 -10.27 1.41 -6.01
CA ALA A 60 -11.65 1.87 -6.10
C ALA A 60 -12.65 0.72 -6.34
N LYS A 61 -13.83 0.79 -5.71
CA LYS A 61 -14.92 -0.19 -5.87
C LYS A 61 -15.43 -0.29 -7.33
N PRO A 62 -15.93 -1.47 -7.75
CA PRO A 62 -15.88 -2.76 -7.05
C PRO A 62 -14.45 -3.33 -7.05
N ASN A 63 -13.94 -3.72 -5.87
CA ASN A 63 -12.55 -4.12 -5.64
C ASN A 63 -12.37 -5.54 -5.09
N GLN A 64 -13.45 -6.27 -4.76
CA GLN A 64 -13.37 -7.62 -4.20
C GLN A 64 -12.57 -8.60 -5.07
N ILE A 65 -12.75 -8.56 -6.39
CA ILE A 65 -12.02 -9.39 -7.38
C ILE A 65 -10.52 -9.05 -7.36
N SER A 66 -10.18 -7.75 -7.34
CA SER A 66 -8.79 -7.26 -7.25
C SER A 66 -8.11 -7.79 -5.98
N LEU A 67 -8.76 -7.64 -4.82
CA LEU A 67 -8.30 -8.11 -3.52
C LEU A 67 -8.14 -9.64 -3.45
N ILE A 68 -9.06 -10.41 -4.02
CA ILE A 68 -8.97 -11.88 -4.17
C ILE A 68 -7.74 -12.29 -4.99
N ASN A 69 -7.40 -11.53 -6.04
CA ASN A 69 -6.20 -11.77 -6.87
C ASN A 69 -4.86 -11.37 -6.22
N MET A 70 -4.86 -10.65 -5.08
CA MET A 70 -3.64 -10.33 -4.32
C MET A 70 -3.15 -11.53 -3.48
N ASP A 71 -1.95 -11.42 -2.93
CA ASP A 71 -1.31 -12.38 -2.02
C ASP A 71 -1.75 -12.22 -0.54
N LEU A 72 -2.75 -11.37 -0.26
CA LEU A 72 -3.25 -11.01 1.09
C LEU A 72 -3.54 -12.26 1.97
N PRO A 73 -2.83 -12.44 3.10
CA PRO A 73 -3.04 -13.56 4.03
C PRO A 73 -4.28 -13.36 4.93
N MET A 74 -4.56 -14.33 5.81
CA MET A 74 -5.44 -14.19 6.98
C MET A 74 -4.79 -14.82 8.22
N VAL A 75 -4.83 -14.13 9.35
CA VAL A 75 -4.23 -14.58 10.64
C VAL A 75 -5.17 -15.47 11.46
N SER A 76 -6.48 -15.43 11.17
CA SER A 76 -7.56 -16.12 11.90
C SER A 76 -8.51 -16.92 11.00
N GLY A 77 -8.39 -16.75 9.67
CA GLY A 77 -9.42 -17.13 8.69
C GLY A 77 -10.47 -16.03 8.41
N ASP A 78 -10.39 -14.86 9.05
CA ASP A 78 -11.26 -13.69 8.80
C ASP A 78 -10.62 -12.30 8.98
N ARG A 79 -9.43 -12.20 9.63
CA ARG A 79 -8.69 -10.96 9.88
C ARG A 79 -7.30 -10.95 9.24
N ILE A 80 -6.77 -9.76 9.00
CA ILE A 80 -5.57 -9.48 8.18
C ILE A 80 -4.70 -8.41 8.84
N HIS A 81 -3.39 -8.64 8.90
CA HIS A 81 -2.39 -7.76 9.51
C HIS A 81 -2.06 -6.52 8.66
N CYS A 82 -1.91 -5.36 9.31
CA CYS A 82 -1.61 -4.04 8.75
C CYS A 82 -0.45 -4.04 7.74
N MET A 83 0.75 -4.47 8.16
CA MET A 83 1.96 -4.37 7.32
C MET A 83 1.87 -5.23 6.06
N ASP A 84 1.23 -6.41 6.13
CA ASP A 84 1.03 -7.28 4.97
C ASP A 84 0.10 -6.66 3.92
N ILE A 85 -0.90 -5.87 4.35
CA ILE A 85 -1.77 -5.09 3.45
C ILE A 85 -0.99 -3.95 2.80
N LEU A 86 -0.21 -3.18 3.58
CA LEU A 86 0.72 -2.16 3.07
C LEU A 86 1.67 -2.74 2.00
N PHE A 87 2.35 -3.84 2.31
CA PHE A 87 3.23 -4.60 1.41
C PHE A 87 2.54 -4.97 0.10
N ALA A 88 1.36 -5.60 0.15
CA ALA A 88 0.58 -5.93 -1.04
C ALA A 88 0.23 -4.69 -1.89
N PHE A 89 -0.21 -3.60 -1.25
CA PHE A 89 -0.62 -2.37 -1.93
C PHE A 89 0.56 -1.60 -2.56
N THR A 90 1.74 -1.56 -1.93
CA THR A 90 2.95 -0.94 -2.53
C THR A 90 3.53 -1.78 -3.68
N LYS A 91 3.54 -3.12 -3.58
CA LYS A 91 4.10 -4.04 -4.61
C LYS A 91 3.56 -3.79 -6.02
N ARG A 92 2.26 -3.51 -6.14
CA ARG A 92 1.58 -3.04 -7.36
C ARG A 92 2.35 -1.90 -8.04
N VAL A 93 2.49 -0.78 -7.32
CA VAL A 93 3.15 0.46 -7.76
C VAL A 93 4.65 0.25 -8.03
N LEU A 94 5.33 -0.55 -7.18
CA LEU A 94 6.75 -0.90 -7.30
C LEU A 94 7.07 -1.75 -8.56
N GLY A 95 6.07 -2.37 -9.19
CA GLY A 95 6.18 -2.98 -10.53
C GLY A 95 5.41 -4.29 -10.75
N GLU A 96 4.71 -4.84 -9.75
CA GLU A 96 3.94 -6.08 -9.91
C GLU A 96 2.65 -5.93 -10.77
N SER A 97 2.13 -4.71 -10.92
CA SER A 97 1.03 -4.37 -11.87
C SER A 97 1.49 -4.40 -13.34
N GLY A 1 30.40 20.58 -8.12
CA GLY A 1 30.67 19.75 -6.93
C GLY A 1 32.02 20.06 -6.31
N PRO A 2 32.22 19.76 -5.00
CA PRO A 2 33.46 20.09 -4.26
C PRO A 2 34.66 19.19 -4.62
N GLY A 3 34.43 18.00 -5.21
CA GLY A 3 35.47 17.06 -5.62
C GLY A 3 36.03 16.16 -4.51
N SER A 4 35.52 16.27 -3.28
CA SER A 4 36.01 15.58 -2.06
C SER A 4 34.91 14.86 -1.27
N GLU A 5 33.71 14.77 -1.83
CA GLU A 5 32.49 14.23 -1.21
C GLU A 5 31.63 13.46 -2.22
N ASN A 6 30.58 12.78 -1.75
CA ASN A 6 29.62 12.01 -2.55
C ASN A 6 28.64 12.91 -3.37
N PHE A 7 29.18 13.74 -4.26
CA PHE A 7 28.43 14.59 -5.20
C PHE A 7 27.66 13.79 -6.27
N SER A 8 28.00 12.51 -6.48
CA SER A 8 27.44 11.62 -7.51
C SER A 8 25.94 11.35 -7.40
N VAL A 9 25.32 11.70 -6.27
CA VAL A 9 23.86 11.69 -6.05
C VAL A 9 23.08 12.59 -7.01
N ALA A 10 23.77 13.53 -7.66
CA ALA A 10 23.27 14.35 -8.77
C ALA A 10 23.06 13.60 -10.10
N THR A 11 23.54 12.35 -10.19
CA THR A 11 23.53 11.50 -11.39
C THR A 11 22.97 10.09 -11.10
N GLU A 12 23.34 9.49 -9.96
CA GLU A 12 22.85 8.20 -9.47
C GLU A 12 21.33 8.22 -9.15
N GLU A 13 20.67 7.06 -9.21
CA GLU A 13 19.24 6.89 -8.91
C GLU A 13 18.91 7.28 -7.46
N SER A 14 18.16 8.36 -7.27
CA SER A 14 17.83 8.98 -5.97
C SER A 14 16.31 9.21 -5.77
N THR A 15 15.46 8.66 -6.65
CA THR A 15 14.00 8.78 -6.65
C THR A 15 13.30 7.41 -6.74
N GLU A 16 12.04 7.35 -6.34
CA GLU A 16 11.21 6.13 -6.24
C GLU A 16 9.74 6.40 -6.67
N PRO A 17 8.95 5.36 -7.03
CA PRO A 17 7.53 5.52 -7.40
C PRO A 17 6.59 5.76 -6.20
N LEU A 18 7.09 5.60 -4.96
CA LEU A 18 6.41 5.85 -3.69
C LEU A 18 7.30 6.69 -2.76
N SER A 19 6.69 7.36 -1.78
CA SER A 19 7.37 8.17 -0.76
C SER A 19 6.71 7.99 0.62
N GLU A 20 7.32 8.55 1.66
CA GLU A 20 6.79 8.55 3.03
C GLU A 20 5.42 9.26 3.14
N ASP A 21 5.09 10.15 2.21
CA ASP A 21 3.76 10.77 2.09
C ASP A 21 2.65 9.74 1.80
N ASP A 22 2.92 8.74 0.97
CA ASP A 22 1.98 7.64 0.67
C ASP A 22 1.79 6.72 1.88
N PHE A 23 2.85 6.45 2.64
CA PHE A 23 2.80 5.65 3.87
C PHE A 23 2.08 6.40 5.00
N ASP A 24 2.35 7.69 5.18
CA ASP A 24 1.63 8.57 6.10
C ASP A 24 0.12 8.63 5.79
N MET A 25 -0.26 8.77 4.51
CA MET A 25 -1.64 8.61 4.04
C MET A 25 -2.23 7.25 4.45
N PHE A 26 -1.54 6.15 4.17
CA PHE A 26 -1.97 4.79 4.54
C PHE A 26 -2.28 4.70 6.04
N TYR A 27 -1.33 5.08 6.92
CA TYR A 27 -1.50 5.02 8.38
C TYR A 27 -2.56 6.00 8.93
N GLU A 28 -2.76 7.16 8.30
CA GLU A 28 -3.84 8.11 8.63
C GLU A 28 -5.23 7.50 8.35
N ILE A 29 -5.44 6.98 7.14
CA ILE A 29 -6.69 6.31 6.75
C ILE A 29 -6.93 5.00 7.52
N TRP A 30 -5.88 4.26 7.84
CA TRP A 30 -5.91 2.99 8.61
C TRP A 30 -6.67 3.11 9.94
N GLU A 31 -6.43 4.20 10.69
CA GLU A 31 -7.02 4.45 12.01
C GLU A 31 -8.56 4.47 12.01
N LYS A 32 -9.19 4.80 10.87
CA LYS A 32 -10.65 4.80 10.66
C LYS A 32 -11.26 3.38 10.66
N PHE A 33 -10.44 2.36 10.45
CA PHE A 33 -10.83 0.93 10.36
C PHE A 33 -10.19 0.05 11.45
N ASP A 34 -9.15 0.55 12.10
CA ASP A 34 -8.50 -0.04 13.28
C ASP A 34 -8.56 0.93 14.48
N PRO A 35 -9.76 1.23 15.03
CA PRO A 35 -9.90 2.04 16.26
C PRO A 35 -9.38 1.29 17.50
N GLU A 36 -9.24 -0.02 17.41
CA GLU A 36 -8.60 -0.89 18.42
C GLU A 36 -7.06 -0.73 18.48
N ALA A 37 -6.46 -0.06 17.48
CA ALA A 37 -5.01 0.12 17.28
C ALA A 37 -4.17 -1.17 17.25
N THR A 38 -4.78 -2.35 17.02
CA THR A 38 -4.12 -3.66 17.05
C THR A 38 -3.15 -3.92 15.88
N GLN A 39 -3.19 -3.09 14.84
CA GLN A 39 -2.51 -3.27 13.55
C GLN A 39 -3.03 -4.47 12.74
N PHE A 40 -4.28 -4.89 12.97
CA PHE A 40 -5.06 -5.78 12.08
C PHE A 40 -6.45 -5.19 11.77
N ILE A 41 -7.05 -5.59 10.65
CA ILE A 41 -8.47 -5.35 10.31
C ILE A 41 -9.13 -6.61 9.75
N GLU A 42 -10.47 -6.65 9.71
CA GLU A 42 -11.26 -7.75 9.16
C GLU A 42 -11.46 -7.59 7.64
N TYR A 43 -11.57 -8.70 6.90
CA TYR A 43 -11.72 -8.66 5.43
C TYR A 43 -12.98 -7.89 4.97
N SER A 44 -14.04 -7.92 5.77
CA SER A 44 -15.30 -7.19 5.58
C SER A 44 -15.19 -5.66 5.61
N VAL A 45 -14.07 -5.11 6.13
CA VAL A 45 -13.76 -3.67 6.12
C VAL A 45 -12.48 -3.32 5.35
N LEU A 46 -11.63 -4.30 5.02
CA LEU A 46 -10.47 -4.14 4.13
C LEU A 46 -10.89 -3.58 2.76
N SER A 47 -11.98 -4.07 2.18
CA SER A 47 -12.56 -3.56 0.93
C SER A 47 -13.06 -2.12 0.99
N ASP A 48 -13.48 -1.63 2.16
CA ASP A 48 -13.86 -0.23 2.38
C ASP A 48 -12.64 0.67 2.66
N PHE A 49 -11.65 0.16 3.39
CA PHE A 49 -10.32 0.76 3.59
C PHE A 49 -9.59 0.98 2.26
N ALA A 50 -9.56 -0.05 1.40
CA ALA A 50 -8.97 -0.02 0.06
C ALA A 50 -9.55 1.11 -0.83
N ASP A 51 -10.81 1.50 -0.61
CA ASP A 51 -11.50 2.59 -1.31
C ASP A 51 -11.46 3.95 -0.58
N ALA A 52 -10.90 4.02 0.63
CA ALA A 52 -10.81 5.26 1.42
C ALA A 52 -9.49 6.04 1.19
N LEU A 53 -8.50 5.38 0.58
CA LEU A 53 -7.18 5.91 0.21
C LEU A 53 -7.25 6.79 -1.07
N SER A 54 -6.11 7.41 -1.42
CA SER A 54 -5.89 8.00 -2.75
C SER A 54 -4.90 7.14 -3.57
N GLU A 55 -4.86 7.37 -4.88
CA GLU A 55 -3.95 6.64 -5.78
C GLU A 55 -2.46 6.91 -5.43
N PRO A 56 -1.53 5.96 -5.71
CA PRO A 56 -1.77 4.64 -6.31
C PRO A 56 -2.23 3.54 -5.34
N LEU A 57 -2.16 3.76 -4.01
CA LEU A 57 -2.50 2.75 -3.00
C LEU A 57 -4.00 2.39 -2.97
N ARG A 58 -4.87 3.32 -3.40
CA ARG A 58 -6.30 3.13 -3.68
C ARG A 58 -6.58 1.94 -4.63
N ILE A 59 -7.61 1.16 -4.31
CA ILE A 59 -8.28 0.19 -5.20
C ILE A 59 -9.77 0.55 -5.24
N ALA A 60 -10.17 1.36 -6.22
CA ALA A 60 -11.53 1.88 -6.34
C ALA A 60 -12.58 0.77 -6.55
N LYS A 61 -13.76 0.92 -5.93
CA LYS A 61 -14.88 -0.04 -6.01
C LYS A 61 -15.45 -0.18 -7.44
N PRO A 62 -16.08 -1.34 -7.77
CA PRO A 62 -16.01 -2.63 -7.07
C PRO A 62 -14.59 -3.20 -7.04
N ASN A 63 -14.12 -3.62 -5.85
CA ASN A 63 -12.73 -4.07 -5.61
C ASN A 63 -12.61 -5.47 -4.99
N GLN A 64 -13.70 -6.20 -4.74
CA GLN A 64 -13.64 -7.55 -4.16
C GLN A 64 -12.81 -8.52 -5.01
N ILE A 65 -12.96 -8.49 -6.34
CA ILE A 65 -12.19 -9.30 -7.30
C ILE A 65 -10.72 -8.87 -7.29
N SER A 66 -10.47 -7.56 -7.34
CA SER A 66 -9.13 -6.94 -7.27
C SER A 66 -8.35 -7.36 -6.03
N LEU A 67 -8.99 -7.37 -4.86
CA LEU A 67 -8.42 -7.81 -3.58
C LEU A 67 -8.24 -9.34 -3.50
N ILE A 68 -9.18 -10.14 -4.02
CA ILE A 68 -9.05 -11.61 -4.13
C ILE A 68 -7.82 -12.02 -4.96
N ASN A 69 -7.48 -11.24 -5.99
CA ASN A 69 -6.28 -11.45 -6.83
C ASN A 69 -4.93 -11.11 -6.13
N MET A 70 -4.94 -10.46 -4.95
CA MET A 70 -3.72 -10.17 -4.18
C MET A 70 -3.25 -11.38 -3.34
N ASP A 71 -2.04 -11.26 -2.78
CA ASP A 71 -1.39 -12.23 -1.89
C ASP A 71 -1.81 -12.10 -0.41
N LEU A 72 -2.84 -11.30 -0.11
CA LEU A 72 -3.35 -10.99 1.24
C LEU A 72 -3.56 -12.25 2.11
N PRO A 73 -2.87 -12.39 3.26
CA PRO A 73 -3.03 -13.51 4.20
C PRO A 73 -4.30 -13.37 5.06
N MET A 74 -4.55 -14.33 5.95
CA MET A 74 -5.52 -14.25 7.06
C MET A 74 -4.90 -14.84 8.34
N VAL A 75 -4.50 -13.98 9.28
CA VAL A 75 -3.78 -14.35 10.52
C VAL A 75 -4.61 -15.14 11.54
N SER A 76 -5.95 -14.99 11.50
CA SER A 76 -6.91 -15.61 12.43
C SER A 76 -8.10 -16.27 11.71
N GLY A 77 -8.09 -16.30 10.37
CA GLY A 77 -9.17 -16.83 9.51
C GLY A 77 -10.18 -15.76 9.02
N ASP A 78 -10.13 -14.54 9.59
CA ASP A 78 -10.95 -13.40 9.18
C ASP A 78 -10.23 -12.04 9.22
N ARG A 79 -9.09 -11.92 9.92
CA ARG A 79 -8.29 -10.68 10.05
C ARG A 79 -6.96 -10.75 9.31
N ILE A 80 -6.43 -9.57 8.96
CA ILE A 80 -5.28 -9.35 8.09
C ILE A 80 -4.42 -8.20 8.65
N HIS A 81 -3.10 -8.40 8.66
CA HIS A 81 -2.09 -7.51 9.26
C HIS A 81 -1.78 -6.25 8.41
N CYS A 82 -1.63 -5.10 9.08
CA CYS A 82 -1.32 -3.77 8.51
C CYS A 82 -0.19 -3.79 7.47
N MET A 83 1.01 -4.25 7.86
CA MET A 83 2.18 -4.24 6.98
C MET A 83 2.01 -5.15 5.76
N ASP A 84 1.30 -6.29 5.90
CA ASP A 84 1.05 -7.22 4.79
C ASP A 84 0.05 -6.65 3.79
N ILE A 85 -0.96 -5.88 4.24
CA ILE A 85 -1.88 -5.12 3.38
C ILE A 85 -1.11 -4.03 2.63
N LEU A 86 -0.28 -3.24 3.34
CA LEU A 86 0.59 -2.24 2.72
C LEU A 86 1.48 -2.87 1.64
N PHE A 87 2.20 -3.95 1.96
CA PHE A 87 3.06 -4.69 1.04
C PHE A 87 2.31 -5.21 -0.21
N ALA A 88 1.12 -5.79 -0.04
CA ALA A 88 0.27 -6.20 -1.17
C ALA A 88 -0.12 -5.00 -2.07
N PHE A 89 -0.44 -3.84 -1.48
CA PHE A 89 -0.79 -2.61 -2.22
C PHE A 89 0.42 -1.95 -2.90
N THR A 90 1.63 -2.02 -2.32
CA THR A 90 2.86 -1.41 -2.88
C THR A 90 3.54 -2.27 -3.94
N LYS A 91 3.52 -3.62 -3.85
CA LYS A 91 4.16 -4.55 -4.82
C LYS A 91 3.83 -4.22 -6.28
N ARG A 92 2.54 -4.03 -6.60
CA ARG A 92 2.02 -3.65 -7.92
C ARG A 92 2.49 -2.27 -8.43
N VAL A 93 2.82 -1.35 -7.52
CA VAL A 93 3.38 -0.01 -7.82
C VAL A 93 4.90 -0.08 -8.03
N LEU A 94 5.60 -0.82 -7.18
CA LEU A 94 7.05 -1.10 -7.22
C LEU A 94 7.46 -1.97 -8.42
N GLY A 95 6.53 -2.70 -9.04
CA GLY A 95 6.78 -3.59 -10.18
C GLY A 95 7.29 -4.99 -9.79
N GLU A 96 7.03 -5.43 -8.56
CA GLU A 96 7.44 -6.75 -8.04
C GLU A 96 6.67 -7.90 -8.74
N SER A 97 7.41 -8.84 -9.34
CA SER A 97 6.90 -10.01 -10.08
C SER A 97 7.69 -11.28 -9.77
N GLY A 1 21.88 31.90 -6.94
CA GLY A 1 22.11 31.06 -8.13
C GLY A 1 21.80 29.59 -7.87
N PRO A 2 22.36 28.67 -8.70
CA PRO A 2 22.22 27.21 -8.54
C PRO A 2 22.69 26.67 -7.16
N GLY A 3 22.37 25.40 -6.88
CA GLY A 3 22.82 24.67 -5.69
C GLY A 3 22.03 24.97 -4.42
N SER A 4 20.75 25.34 -4.55
CA SER A 4 19.85 25.79 -3.46
C SER A 4 19.66 24.80 -2.30
N GLU A 5 19.89 23.50 -2.53
CA GLU A 5 19.96 22.45 -1.50
C GLU A 5 21.05 21.41 -1.81
N ASN A 6 21.06 20.87 -3.03
CA ASN A 6 22.07 19.94 -3.55
C ASN A 6 22.86 20.60 -4.70
N PHE A 7 24.18 20.75 -4.53
CA PHE A 7 25.08 21.36 -5.51
C PHE A 7 25.22 20.55 -6.82
N SER A 8 24.90 19.25 -6.82
CA SER A 8 24.90 18.37 -8.00
C SER A 8 23.63 18.56 -8.85
N VAL A 9 23.36 19.79 -9.30
CA VAL A 9 22.15 20.18 -10.05
C VAL A 9 21.95 19.47 -11.39
N ALA A 10 23.00 18.83 -11.92
CA ALA A 10 23.01 18.02 -13.14
C ALA A 10 22.44 16.59 -12.98
N THR A 11 22.04 16.20 -11.76
CA THR A 11 21.48 14.86 -11.44
C THR A 11 20.17 14.55 -12.17
N GLU A 12 19.86 13.26 -12.33
CA GLU A 12 18.67 12.75 -13.04
C GLU A 12 17.41 12.75 -12.16
N GLU A 13 16.23 12.75 -12.80
CA GLU A 13 14.89 12.76 -12.15
C GLU A 13 14.49 11.42 -11.47
N SER A 14 15.19 10.33 -11.81
CA SER A 14 14.91 8.94 -11.40
C SER A 14 14.93 8.73 -9.87
N THR A 15 13.77 8.42 -9.30
CA THR A 15 13.53 8.02 -7.90
C THR A 15 12.52 6.87 -7.88
N GLU A 16 12.30 6.28 -6.70
CA GLU A 16 11.26 5.25 -6.47
C GLU A 16 9.82 5.78 -6.71
N PRO A 17 8.84 4.90 -7.03
CA PRO A 17 7.44 5.30 -7.28
C PRO A 17 6.64 5.62 -6.00
N LEU A 18 7.22 5.40 -4.82
CA LEU A 18 6.62 5.63 -3.49
C LEU A 18 7.57 6.42 -2.58
N SER A 19 7.00 7.12 -1.61
CA SER A 19 7.71 7.95 -0.62
C SER A 19 7.02 7.89 0.75
N GLU A 20 7.59 8.58 1.75
CA GLU A 20 7.06 8.69 3.12
C GLU A 20 5.62 9.22 3.16
N ASP A 21 5.26 10.13 2.26
CA ASP A 21 3.91 10.69 2.12
C ASP A 21 2.83 9.64 1.83
N ASP A 22 3.15 8.59 1.06
CA ASP A 22 2.24 7.48 0.75
C ASP A 22 1.96 6.62 1.99
N PHE A 23 3.00 6.32 2.77
CA PHE A 23 2.88 5.56 4.02
C PHE A 23 2.18 6.38 5.12
N ASP A 24 2.44 7.68 5.22
CA ASP A 24 1.72 8.61 6.08
C ASP A 24 0.22 8.66 5.75
N MET A 25 -0.14 8.78 4.46
CA MET A 25 -1.52 8.67 3.98
C MET A 25 -2.16 7.31 4.33
N PHE A 26 -1.46 6.19 4.15
CA PHE A 26 -1.93 4.87 4.56
C PHE A 26 -2.30 4.83 6.05
N TYR A 27 -1.36 5.18 6.95
CA TYR A 27 -1.59 5.12 8.39
C TYR A 27 -2.55 6.20 8.93
N GLU A 28 -2.70 7.35 8.26
CA GLU A 28 -3.76 8.34 8.55
C GLU A 28 -5.17 7.75 8.34
N ILE A 29 -5.41 7.17 7.16
CA ILE A 29 -6.68 6.49 6.82
C ILE A 29 -6.90 5.22 7.67
N TRP A 30 -5.84 4.49 8.00
CA TRP A 30 -5.88 3.22 8.76
C TRP A 30 -6.66 3.32 10.08
N GLU A 31 -6.42 4.33 10.90
CA GLU A 31 -7.03 4.50 12.23
C GLU A 31 -8.57 4.69 12.20
N LYS A 32 -9.15 5.02 11.03
CA LYS A 32 -10.61 5.04 10.80
C LYS A 32 -11.23 3.63 10.86
N PHE A 33 -10.44 2.59 10.56
CA PHE A 33 -10.80 1.18 10.56
C PHE A 33 -10.18 0.39 11.73
N ASP A 34 -9.15 0.94 12.37
CA ASP A 34 -8.48 0.44 13.57
C ASP A 34 -8.49 1.48 14.71
N PRO A 35 -9.67 1.74 15.33
CA PRO A 35 -9.77 2.62 16.50
C PRO A 35 -9.17 2.00 17.78
N GLU A 36 -8.96 0.68 17.80
CA GLU A 36 -8.34 -0.07 18.89
C GLU A 36 -6.80 0.03 18.89
N ALA A 37 -6.18 0.53 17.80
CA ALA A 37 -4.74 0.47 17.52
C ALA A 37 -4.16 -0.96 17.60
N THR A 38 -4.98 -1.99 17.34
CA THR A 38 -4.60 -3.41 17.35
C THR A 38 -3.74 -3.82 16.14
N GLN A 39 -3.67 -2.98 15.10
CA GLN A 39 -2.93 -3.17 13.84
C GLN A 39 -3.43 -4.35 12.98
N PHE A 40 -4.70 -4.75 13.18
CA PHE A 40 -5.44 -5.71 12.36
C PHE A 40 -6.81 -5.13 11.95
N ILE A 41 -7.33 -5.55 10.79
CA ILE A 41 -8.73 -5.35 10.36
C ILE A 41 -9.30 -6.64 9.76
N GLU A 42 -10.64 -6.74 9.68
CA GLU A 42 -11.35 -7.85 9.01
C GLU A 42 -11.30 -7.71 7.49
N TYR A 43 -11.28 -8.84 6.77
CA TYR A 43 -11.40 -8.86 5.30
C TYR A 43 -12.75 -8.26 4.82
N SER A 44 -13.78 -8.33 5.67
CA SER A 44 -15.11 -7.70 5.49
C SER A 44 -15.12 -6.16 5.46
N VAL A 45 -14.04 -5.50 5.93
CA VAL A 45 -13.87 -4.02 5.85
C VAL A 45 -12.62 -3.60 5.05
N LEU A 46 -11.74 -4.53 4.69
CA LEU A 46 -10.58 -4.32 3.82
C LEU A 46 -10.97 -3.66 2.48
N SER A 47 -12.09 -4.07 1.88
CA SER A 47 -12.64 -3.50 0.64
C SER A 47 -13.08 -2.03 0.75
N ASP A 48 -13.53 -1.60 1.93
CA ASP A 48 -13.87 -0.21 2.21
C ASP A 48 -12.61 0.64 2.53
N PHE A 49 -11.66 0.08 3.29
CA PHE A 49 -10.33 0.67 3.50
C PHE A 49 -9.56 0.88 2.18
N ALA A 50 -9.52 -0.14 1.31
CA ALA A 50 -8.92 -0.10 -0.01
C ALA A 50 -9.45 1.06 -0.90
N ASP A 51 -10.71 1.46 -0.70
CA ASP A 51 -11.36 2.56 -1.41
C ASP A 51 -11.31 3.92 -0.67
N ALA A 52 -10.82 3.96 0.58
CA ALA A 52 -10.73 5.19 1.39
C ALA A 52 -9.40 5.95 1.21
N LEU A 53 -8.38 5.25 0.69
CA LEU A 53 -7.03 5.77 0.43
C LEU A 53 -6.99 6.73 -0.78
N SER A 54 -5.89 7.47 -0.91
CA SER A 54 -5.50 8.15 -2.13
C SER A 54 -4.72 7.22 -3.07
N GLU A 55 -4.68 7.55 -4.36
CA GLU A 55 -3.79 6.88 -5.33
C GLU A 55 -2.30 7.08 -4.92
N PRO A 56 -1.38 6.15 -5.27
CA PRO A 56 -1.59 4.90 -5.99
C PRO A 56 -2.08 3.71 -5.13
N LEU A 57 -2.09 3.84 -3.80
CA LEU A 57 -2.46 2.73 -2.88
C LEU A 57 -3.96 2.37 -2.96
N ARG A 58 -4.81 3.32 -3.37
CA ARG A 58 -6.23 3.17 -3.70
C ARG A 58 -6.51 2.03 -4.68
N ILE A 59 -7.46 1.17 -4.35
CA ILE A 59 -8.10 0.20 -5.24
C ILE A 59 -9.60 0.56 -5.31
N ALA A 60 -10.00 1.33 -6.34
CA ALA A 60 -11.36 1.82 -6.50
C ALA A 60 -12.40 0.68 -6.66
N LYS A 61 -13.57 0.83 -6.01
CA LYS A 61 -14.68 -0.13 -6.07
C LYS A 61 -15.26 -0.33 -7.50
N PRO A 62 -15.84 -1.51 -7.82
CA PRO A 62 -15.81 -2.73 -7.03
C PRO A 62 -14.41 -3.37 -7.01
N ASN A 63 -13.90 -3.71 -5.82
CA ASN A 63 -12.51 -4.15 -5.58
C ASN A 63 -12.37 -5.53 -4.93
N GLN A 64 -13.46 -6.23 -4.60
CA GLN A 64 -13.38 -7.57 -3.97
C GLN A 64 -12.59 -8.58 -4.83
N ILE A 65 -12.77 -8.56 -6.16
CA ILE A 65 -12.02 -9.39 -7.11
C ILE A 65 -10.54 -8.96 -7.17
N SER A 66 -10.31 -7.64 -7.19
CA SER A 66 -8.97 -7.03 -7.16
C SER A 66 -8.15 -7.44 -5.93
N LEU A 67 -8.78 -7.52 -4.75
CA LEU A 67 -8.21 -8.01 -3.50
C LEU A 67 -7.94 -9.53 -3.55
N ILE A 68 -8.92 -10.33 -4.01
CA ILE A 68 -8.79 -11.80 -4.16
C ILE A 68 -7.59 -12.19 -5.04
N ASN A 69 -7.26 -11.37 -6.06
CA ASN A 69 -6.10 -11.54 -6.93
C ASN A 69 -4.75 -11.15 -6.31
N MET A 70 -4.70 -10.55 -5.10
CA MET A 70 -3.45 -10.26 -4.38
C MET A 70 -2.91 -11.49 -3.63
N ASP A 71 -1.70 -11.36 -3.08
CA ASP A 71 -1.01 -12.32 -2.20
C ASP A 71 -1.42 -12.19 -0.70
N LEU A 72 -2.50 -11.47 -0.39
CA LEU A 72 -3.02 -11.19 0.96
C LEU A 72 -3.14 -12.45 1.85
N PRO A 73 -2.46 -12.52 3.01
CA PRO A 73 -2.65 -13.58 4.00
C PRO A 73 -3.94 -13.39 4.81
N MET A 74 -4.21 -14.32 5.73
CA MET A 74 -5.23 -14.20 6.77
C MET A 74 -4.67 -14.70 8.11
N VAL A 75 -4.45 -13.79 9.08
CA VAL A 75 -3.80 -14.09 10.38
C VAL A 75 -4.63 -15.01 11.29
N SER A 76 -5.96 -15.00 11.14
CA SER A 76 -6.94 -15.78 11.92
C SER A 76 -8.00 -16.49 11.06
N GLY A 77 -7.89 -16.43 9.73
CA GLY A 77 -8.84 -16.95 8.74
C GLY A 77 -9.89 -15.93 8.28
N ASP A 78 -9.90 -14.72 8.86
CA ASP A 78 -10.87 -13.64 8.57
C ASP A 78 -10.31 -12.21 8.73
N ARG A 79 -9.04 -12.04 9.15
CA ARG A 79 -8.38 -10.75 9.45
C ARG A 79 -6.99 -10.67 8.83
N ILE A 80 -6.46 -9.46 8.67
CA ILE A 80 -5.14 -9.17 8.07
C ILE A 80 -4.42 -8.06 8.84
N HIS A 81 -3.10 -8.15 8.93
CA HIS A 81 -2.19 -7.19 9.58
C HIS A 81 -1.88 -5.97 8.67
N CYS A 82 -1.71 -4.78 9.26
CA CYS A 82 -1.51 -3.51 8.55
C CYS A 82 -0.36 -3.52 7.53
N MET A 83 0.82 -4.01 7.92
CA MET A 83 2.01 -4.05 7.05
C MET A 83 1.85 -5.06 5.91
N ASP A 84 1.14 -6.17 6.12
CA ASP A 84 0.90 -7.19 5.11
C ASP A 84 -0.10 -6.72 4.06
N ILE A 85 -1.09 -5.92 4.46
CA ILE A 85 -1.97 -5.16 3.56
C ILE A 85 -1.15 -4.16 2.73
N LEU A 86 -0.35 -3.30 3.39
CA LEU A 86 0.51 -2.31 2.71
C LEU A 86 1.44 -2.97 1.68
N PHE A 87 2.11 -4.07 2.05
CA PHE A 87 2.91 -4.89 1.14
C PHE A 87 2.12 -5.37 -0.10
N ALA A 88 0.95 -6.00 0.10
CA ALA A 88 0.09 -6.47 -0.98
C ALA A 88 -0.41 -5.35 -1.92
N PHE A 89 -0.69 -4.17 -1.37
CA PHE A 89 -1.13 -2.98 -2.12
C PHE A 89 0.04 -2.37 -2.93
N THR A 90 1.18 -2.10 -2.29
CA THR A 90 2.39 -1.57 -2.94
C THR A 90 3.02 -2.52 -3.97
N LYS A 91 2.75 -3.83 -3.89
CA LYS A 91 3.22 -4.86 -4.84
C LYS A 91 2.99 -4.48 -6.31
N ARG A 92 1.77 -4.04 -6.64
CA ARG A 92 1.33 -3.60 -7.98
C ARG A 92 1.94 -2.27 -8.41
N VAL A 93 2.13 -1.33 -7.46
CA VAL A 93 2.77 -0.03 -7.67
C VAL A 93 4.26 -0.20 -8.03
N LEU A 94 4.96 -1.08 -7.31
CA LEU A 94 6.36 -1.47 -7.53
C LEU A 94 6.57 -2.37 -8.78
N GLY A 95 5.49 -2.98 -9.31
CA GLY A 95 5.53 -3.90 -10.46
C GLY A 95 6.01 -5.32 -10.10
N GLU A 96 5.96 -5.69 -8.82
CA GLU A 96 6.49 -6.95 -8.27
C GLU A 96 5.47 -8.10 -8.23
N SER A 97 4.23 -7.87 -8.69
CA SER A 97 3.14 -8.86 -8.77
C SER A 97 3.40 -9.98 -9.80
N GLY A 1 39.12 -4.99 1.41
CA GLY A 1 37.91 -5.76 1.74
C GLY A 1 36.63 -4.98 1.45
N PRO A 2 35.50 -5.32 2.10
CA PRO A 2 34.21 -4.61 2.01
C PRO A 2 34.27 -3.11 2.37
N GLY A 3 33.17 -2.40 2.10
CA GLY A 3 33.02 -0.97 2.33
C GLY A 3 33.50 -0.08 1.17
N SER A 4 33.49 1.24 1.38
CA SER A 4 33.94 2.26 0.42
C SER A 4 34.71 3.40 1.10
N GLU A 5 35.35 4.26 0.31
CA GLU A 5 36.11 5.44 0.76
C GLU A 5 35.21 6.61 1.19
N ASN A 6 35.81 7.68 1.75
CA ASN A 6 35.15 8.89 2.23
C ASN A 6 34.26 9.59 1.18
N PHE A 7 34.62 9.51 -0.11
CA PHE A 7 33.88 10.07 -1.24
C PHE A 7 32.62 9.28 -1.64
N SER A 8 32.41 8.09 -1.07
CA SER A 8 31.24 7.19 -1.19
C SER A 8 30.57 7.20 -2.58
N VAL A 9 31.30 6.71 -3.59
CA VAL A 9 30.93 6.73 -5.02
C VAL A 9 29.76 5.81 -5.43
N ALA A 10 29.29 4.96 -4.52
CA ALA A 10 28.17 4.04 -4.70
C ALA A 10 26.81 4.75 -4.92
N THR A 11 25.79 3.98 -5.33
CA THR A 11 24.41 4.44 -5.60
C THR A 11 23.64 4.73 -4.30
N GLU A 12 23.93 5.87 -3.68
CA GLU A 12 23.35 6.35 -2.42
C GLU A 12 21.89 6.83 -2.54
N GLU A 13 21.45 7.23 -3.74
CA GLU A 13 20.11 7.76 -4.05
C GLU A 13 19.45 7.03 -5.23
N SER A 14 18.11 7.02 -5.26
CA SER A 14 17.29 6.25 -6.22
C SER A 14 16.05 7.04 -6.70
N THR A 15 15.32 6.49 -7.67
CA THR A 15 14.18 7.09 -8.40
C THR A 15 12.84 6.41 -8.09
N GLU A 16 12.69 5.86 -6.88
CA GLU A 16 11.55 5.05 -6.42
C GLU A 16 10.18 5.76 -6.57
N PRO A 17 9.09 5.01 -6.85
CA PRO A 17 7.76 5.57 -7.17
C PRO A 17 6.94 6.02 -5.93
N LEU A 18 7.45 5.80 -4.71
CA LEU A 18 6.78 6.09 -3.44
C LEU A 18 7.64 7.00 -2.53
N SER A 19 7.01 7.73 -1.62
CA SER A 19 7.62 8.63 -0.65
C SER A 19 6.91 8.60 0.72
N GLU A 20 7.44 9.32 1.70
CA GLU A 20 6.93 9.37 3.08
C GLU A 20 5.44 9.78 3.17
N ASP A 21 4.98 10.66 2.28
CA ASP A 21 3.58 11.10 2.20
C ASP A 21 2.59 9.97 1.88
N ASP A 22 2.99 8.95 1.11
CA ASP A 22 2.16 7.79 0.77
C ASP A 22 1.92 6.90 2.00
N PHE A 23 2.97 6.63 2.77
CA PHE A 23 2.90 5.87 4.03
C PHE A 23 2.14 6.64 5.12
N ASP A 24 2.36 7.96 5.24
CA ASP A 24 1.60 8.84 6.14
C ASP A 24 0.09 8.85 5.81
N MET A 25 -0.27 8.93 4.52
CA MET A 25 -1.64 8.77 4.03
C MET A 25 -2.23 7.39 4.39
N PHE A 26 -1.48 6.30 4.17
CA PHE A 26 -1.88 4.95 4.59
C PHE A 26 -2.20 4.89 6.10
N TYR A 27 -1.29 5.34 6.97
CA TYR A 27 -1.49 5.36 8.43
C TYR A 27 -2.68 6.24 8.88
N GLU A 28 -2.85 7.42 8.29
CA GLU A 28 -3.97 8.33 8.59
C GLU A 28 -5.34 7.69 8.31
N ILE A 29 -5.48 7.02 7.16
CA ILE A 29 -6.71 6.30 6.77
C ILE A 29 -6.87 4.99 7.55
N TRP A 30 -5.78 4.28 7.90
CA TRP A 30 -5.80 3.02 8.66
C TRP A 30 -6.57 3.14 9.99
N GLU A 31 -6.34 4.20 10.76
CA GLU A 31 -6.99 4.45 12.05
C GLU A 31 -8.53 4.56 11.96
N LYS A 32 -9.10 4.85 10.78
CA LYS A 32 -10.56 4.92 10.55
C LYS A 32 -11.22 3.52 10.55
N PHE A 33 -10.44 2.47 10.30
CA PHE A 33 -10.87 1.06 10.28
C PHE A 33 -10.25 0.22 11.41
N ASP A 34 -9.16 0.71 12.02
CA ASP A 34 -8.53 0.16 13.23
C ASP A 34 -8.47 1.23 14.34
N PRO A 35 -9.61 1.58 14.97
CA PRO A 35 -9.65 2.50 16.12
C PRO A 35 -9.06 1.87 17.40
N GLU A 36 -8.92 0.54 17.45
CA GLU A 36 -8.24 -0.21 18.52
C GLU A 36 -6.70 -0.10 18.46
N ALA A 37 -6.14 0.39 17.34
CA ALA A 37 -4.72 0.37 16.99
C ALA A 37 -4.08 -1.03 17.08
N THR A 38 -4.88 -2.10 16.94
CA THR A 38 -4.46 -3.51 17.09
C THR A 38 -3.55 -4.01 15.96
N GLN A 39 -3.41 -3.25 14.86
CA GLN A 39 -2.63 -3.55 13.66
C GLN A 39 -3.25 -4.64 12.76
N PHE A 40 -4.54 -4.94 12.97
CA PHE A 40 -5.34 -5.88 12.17
C PHE A 40 -6.71 -5.25 11.81
N ILE A 41 -7.26 -5.63 10.65
CA ILE A 41 -8.67 -5.39 10.26
C ILE A 41 -9.31 -6.66 9.68
N GLU A 42 -10.64 -6.68 9.55
CA GLU A 42 -11.39 -7.81 8.96
C GLU A 42 -11.47 -7.70 7.43
N TYR A 43 -11.58 -8.83 6.72
CA TYR A 43 -11.74 -8.83 5.25
C TYR A 43 -13.00 -8.07 4.79
N SER A 44 -14.05 -8.08 5.62
CA SER A 44 -15.32 -7.35 5.45
C SER A 44 -15.18 -5.82 5.45
N VAL A 45 -14.05 -5.27 5.92
CA VAL A 45 -13.74 -3.82 5.91
C VAL A 45 -12.44 -3.46 5.18
N LEU A 46 -11.62 -4.44 4.77
CA LEU A 46 -10.46 -4.22 3.88
C LEU A 46 -10.90 -3.60 2.53
N SER A 47 -12.05 -4.00 1.99
CA SER A 47 -12.61 -3.46 0.73
C SER A 47 -13.07 -2.00 0.87
N ASP A 48 -13.50 -1.59 2.06
CA ASP A 48 -13.77 -0.20 2.40
C ASP A 48 -12.48 0.61 2.60
N PHE A 49 -11.51 0.06 3.35
CA PHE A 49 -10.18 0.66 3.55
C PHE A 49 -9.45 0.91 2.21
N ALA A 50 -9.41 -0.10 1.33
CA ALA A 50 -8.84 -0.05 -0.01
C ALA A 50 -9.42 1.09 -0.89
N ASP A 51 -10.67 1.48 -0.65
CA ASP A 51 -11.37 2.58 -1.35
C ASP A 51 -11.38 3.91 -0.58
N ALA A 52 -10.84 3.97 0.64
CA ALA A 52 -10.75 5.19 1.44
C ALA A 52 -9.41 5.95 1.24
N LEU A 53 -8.40 5.26 0.71
CA LEU A 53 -7.05 5.78 0.43
C LEU A 53 -7.01 6.71 -0.79
N SER A 54 -5.91 7.47 -0.91
CA SER A 54 -5.52 8.16 -2.15
C SER A 54 -4.72 7.22 -3.06
N GLU A 55 -4.66 7.53 -4.36
CA GLU A 55 -3.75 6.88 -5.30
C GLU A 55 -2.27 7.10 -4.90
N PRO A 56 -1.34 6.20 -5.25
CA PRO A 56 -1.54 4.96 -6.00
C PRO A 56 -1.99 3.74 -5.16
N LEU A 57 -2.01 3.84 -3.83
CA LEU A 57 -2.36 2.73 -2.92
C LEU A 57 -3.86 2.35 -2.99
N ARG A 58 -4.72 3.29 -3.38
CA ARG A 58 -6.15 3.14 -3.69
C ARG A 58 -6.45 1.99 -4.66
N ILE A 59 -7.43 1.15 -4.34
CA ILE A 59 -8.10 0.22 -5.25
C ILE A 59 -9.60 0.59 -5.28
N ALA A 60 -9.98 1.41 -6.25
CA ALA A 60 -11.35 1.94 -6.37
C ALA A 60 -12.38 0.82 -6.59
N LYS A 61 -13.57 0.94 -5.97
CA LYS A 61 -14.65 -0.06 -6.08
C LYS A 61 -15.22 -0.20 -7.52
N PRO A 62 -15.77 -1.38 -7.89
CA PRO A 62 -15.77 -2.63 -7.13
C PRO A 62 -14.37 -3.27 -7.08
N ASN A 63 -13.88 -3.57 -5.87
CA ASN A 63 -12.49 -3.98 -5.60
C ASN A 63 -12.32 -5.38 -4.99
N GLN A 64 -13.40 -6.09 -4.65
CA GLN A 64 -13.38 -7.44 -4.08
C GLN A 64 -12.55 -8.43 -4.90
N ILE A 65 -12.80 -8.53 -6.21
CA ILE A 65 -12.10 -9.45 -7.12
C ILE A 65 -10.60 -9.07 -7.21
N SER A 66 -10.30 -7.78 -7.04
CA SER A 66 -8.94 -7.25 -7.06
C SER A 66 -8.15 -7.62 -5.80
N LEU A 67 -8.80 -7.60 -4.62
CA LEU A 67 -8.26 -8.14 -3.37
C LEU A 67 -8.08 -9.67 -3.42
N ILE A 68 -9.02 -10.41 -4.01
CA ILE A 68 -8.92 -11.87 -4.21
C ILE A 68 -7.71 -12.24 -5.09
N ASN A 69 -7.34 -11.39 -6.05
CA ASN A 69 -6.12 -11.53 -6.87
C ASN A 69 -4.79 -11.20 -6.13
N MET A 70 -4.82 -10.62 -4.93
CA MET A 70 -3.63 -10.43 -4.08
C MET A 70 -3.26 -11.71 -3.30
N ASP A 71 -2.09 -11.69 -2.66
CA ASP A 71 -1.53 -12.76 -1.82
C ASP A 71 -1.87 -12.58 -0.32
N LEU A 72 -2.87 -11.76 0.00
CA LEU A 72 -3.28 -11.39 1.37
C LEU A 72 -3.51 -12.61 2.29
N PRO A 73 -2.80 -12.71 3.44
CA PRO A 73 -3.00 -13.80 4.41
C PRO A 73 -4.28 -13.59 5.25
N MET A 74 -4.62 -14.56 6.09
CA MET A 74 -5.60 -14.45 7.18
C MET A 74 -5.04 -15.06 8.48
N VAL A 75 -4.73 -14.20 9.46
CA VAL A 75 -3.87 -14.51 10.63
C VAL A 75 -4.51 -15.43 11.67
N SER A 76 -5.85 -15.56 11.64
CA SER A 76 -6.65 -16.38 12.58
C SER A 76 -7.84 -17.07 11.90
N GLY A 77 -8.56 -16.36 11.01
CA GLY A 77 -9.62 -16.92 10.17
C GLY A 77 -10.25 -15.92 9.18
N ASP A 78 -10.40 -14.66 9.57
CA ASP A 78 -11.06 -13.59 8.77
C ASP A 78 -10.35 -12.22 8.83
N ARG A 79 -9.17 -12.15 9.48
CA ARG A 79 -8.48 -10.89 9.83
C ARG A 79 -7.05 -10.83 9.27
N ILE A 80 -6.58 -9.61 8.96
CA ILE A 80 -5.42 -9.36 8.10
C ILE A 80 -4.58 -8.21 8.68
N HIS A 81 -3.26 -8.41 8.72
CA HIS A 81 -2.25 -7.52 9.30
C HIS A 81 -1.92 -6.30 8.41
N CYS A 82 -1.70 -5.13 9.03
CA CYS A 82 -1.44 -3.85 8.37
C CYS A 82 -0.28 -3.88 7.34
N MET A 83 0.88 -4.42 7.72
CA MET A 83 2.07 -4.46 6.85
C MET A 83 1.90 -5.42 5.66
N ASP A 84 1.13 -6.49 5.81
CA ASP A 84 0.85 -7.43 4.72
C ASP A 84 -0.12 -6.83 3.68
N ILE A 85 -1.09 -6.02 4.14
CA ILE A 85 -1.95 -5.20 3.27
C ILE A 85 -1.11 -4.16 2.52
N LEU A 86 -0.29 -3.38 3.24
CA LEU A 86 0.64 -2.39 2.67
C LEU A 86 1.58 -3.02 1.62
N PHE A 87 2.18 -4.18 1.92
CA PHE A 87 3.03 -4.94 1.01
C PHE A 87 2.29 -5.35 -0.29
N ALA A 88 1.12 -5.96 -0.17
CA ALA A 88 0.27 -6.33 -1.30
C ALA A 88 -0.09 -5.14 -2.20
N PHE A 89 -0.41 -3.98 -1.61
CA PHE A 89 -0.71 -2.75 -2.33
C PHE A 89 0.54 -2.17 -3.03
N THR A 90 1.64 -1.96 -2.30
CA THR A 90 2.88 -1.34 -2.81
C THR A 90 3.59 -2.15 -3.88
N LYS A 91 3.49 -3.49 -3.88
CA LYS A 91 3.97 -4.37 -4.96
C LYS A 91 3.45 -3.95 -6.34
N ARG A 92 2.15 -3.63 -6.46
CA ARG A 92 1.53 -3.17 -7.72
C ARG A 92 2.11 -1.84 -8.22
N VAL A 93 2.42 -0.92 -7.30
CA VAL A 93 3.07 0.37 -7.60
C VAL A 93 4.51 0.16 -8.09
N LEU A 94 5.25 -0.77 -7.45
CA LEU A 94 6.61 -1.18 -7.79
C LEU A 94 6.71 -2.06 -9.06
N GLY A 95 5.58 -2.52 -9.60
CA GLY A 95 5.51 -3.35 -10.83
C GLY A 95 5.71 -4.87 -10.59
N GLU A 96 5.66 -5.32 -9.34
CA GLU A 96 5.87 -6.70 -8.89
C GLU A 96 4.59 -7.58 -8.94
N SER A 97 3.54 -7.10 -9.62
CA SER A 97 2.25 -7.77 -9.87
C SER A 97 2.37 -9.21 -10.41
N GLY A 1 30.19 22.83 -7.09
CA GLY A 1 29.20 23.52 -7.94
C GLY A 1 29.20 25.01 -7.68
N PRO A 2 29.02 25.85 -8.73
CA PRO A 2 29.09 27.31 -8.61
C PRO A 2 27.88 27.95 -7.89
N GLY A 3 26.74 27.26 -7.81
CA GLY A 3 25.51 27.72 -7.13
C GLY A 3 24.69 28.77 -7.89
N SER A 4 25.14 29.22 -9.06
CA SER A 4 24.43 30.14 -9.97
C SER A 4 23.14 29.52 -10.53
N GLU A 5 23.26 28.37 -11.19
CA GLU A 5 22.16 27.57 -11.78
C GLU A 5 22.25 26.06 -11.46
N ASN A 6 23.30 25.64 -10.74
CA ASN A 6 23.63 24.23 -10.44
C ASN A 6 22.69 23.56 -9.39
N PHE A 7 21.90 24.35 -8.66
CA PHE A 7 20.94 23.91 -7.63
C PHE A 7 19.57 24.59 -7.78
N SER A 8 18.59 24.16 -6.98
CA SER A 8 17.28 24.82 -6.78
C SER A 8 16.81 24.68 -5.34
N VAL A 9 15.65 25.28 -5.00
CA VAL A 9 15.03 25.22 -3.66
C VAL A 9 14.42 23.85 -3.31
N ALA A 10 14.24 22.96 -4.29
CA ALA A 10 13.68 21.63 -4.12
C ALA A 10 14.76 20.57 -3.77
N THR A 11 14.40 19.61 -2.92
CA THR A 11 15.19 18.40 -2.64
C THR A 11 15.22 17.47 -3.87
N GLU A 12 16.32 16.74 -4.09
CA GLU A 12 16.45 15.75 -5.16
C GLU A 12 15.48 14.55 -4.99
N GLU A 13 15.31 13.76 -6.06
CA GLU A 13 14.35 12.65 -6.16
C GLU A 13 14.97 11.42 -6.86
N SER A 14 14.29 10.27 -6.79
CA SER A 14 14.72 8.98 -7.38
C SER A 14 13.65 8.39 -8.33
N THR A 15 13.94 7.26 -8.95
CA THR A 15 13.09 6.57 -9.96
C THR A 15 11.89 5.81 -9.39
N GLU A 16 11.75 5.79 -8.07
CA GLU A 16 10.64 5.15 -7.32
C GLU A 16 9.28 5.85 -7.56
N PRO A 17 8.18 5.11 -7.84
CA PRO A 17 6.85 5.68 -8.06
C PRO A 17 6.10 6.09 -6.76
N LEU A 18 6.64 5.73 -5.59
CA LEU A 18 6.10 6.06 -4.26
C LEU A 18 7.05 6.99 -3.48
N SER A 19 6.49 7.71 -2.51
CA SER A 19 7.17 8.68 -1.63
C SER A 19 6.74 8.51 -0.17
N GLU A 20 7.42 9.18 0.77
CA GLU A 20 7.17 9.14 2.22
C GLU A 20 5.71 9.47 2.59
N ASP A 21 5.09 10.40 1.85
CA ASP A 21 3.69 10.82 2.02
C ASP A 21 2.68 9.68 1.79
N ASP A 22 2.98 8.69 0.94
CA ASP A 22 2.09 7.55 0.67
C ASP A 22 1.99 6.61 1.87
N PHE A 23 3.10 6.35 2.57
CA PHE A 23 3.13 5.57 3.81
C PHE A 23 2.38 6.30 4.94
N ASP A 24 2.63 7.61 5.11
CA ASP A 24 1.89 8.45 6.06
C ASP A 24 0.37 8.46 5.79
N MET A 25 -0.04 8.58 4.52
CA MET A 25 -1.44 8.48 4.09
C MET A 25 -2.06 7.11 4.42
N PHE A 26 -1.34 6.00 4.18
CA PHE A 26 -1.77 4.67 4.62
C PHE A 26 -2.04 4.62 6.13
N TYR A 27 -1.07 5.03 6.96
CA TYR A 27 -1.20 5.02 8.43
C TYR A 27 -2.30 5.96 8.96
N GLU A 28 -2.53 7.10 8.32
CA GLU A 28 -3.64 8.02 8.65
C GLU A 28 -5.02 7.38 8.38
N ILE A 29 -5.22 6.83 7.18
CA ILE A 29 -6.47 6.16 6.79
C ILE A 29 -6.69 4.85 7.56
N TRP A 30 -5.62 4.14 7.95
CA TRP A 30 -5.68 2.92 8.77
C TRP A 30 -6.47 3.10 10.08
N GLU A 31 -6.28 4.22 10.78
CA GLU A 31 -6.90 4.55 12.06
C GLU A 31 -8.45 4.57 12.00
N LYS A 32 -9.02 4.83 10.81
CA LYS A 32 -10.46 4.89 10.55
C LYS A 32 -11.12 3.49 10.57
N PHE A 33 -10.35 2.43 10.33
CA PHE A 33 -10.76 1.02 10.32
C PHE A 33 -10.19 0.20 11.49
N ASP A 34 -9.10 0.67 12.12
CA ASP A 34 -8.49 0.10 13.33
C ASP A 34 -8.53 1.12 14.50
N PRO A 35 -9.71 1.33 15.13
CA PRO A 35 -9.84 2.17 16.32
C PRO A 35 -9.24 1.52 17.58
N GLU A 36 -9.02 0.19 17.56
CA GLU A 36 -8.33 -0.56 18.62
C GLU A 36 -6.81 -0.34 18.65
N ALA A 37 -6.24 0.26 17.59
CA ALA A 37 -4.80 0.27 17.28
C ALA A 37 -4.15 -1.12 17.33
N THR A 38 -4.92 -2.19 17.08
CA THR A 38 -4.51 -3.59 17.23
C THR A 38 -3.54 -4.08 16.13
N GLN A 39 -3.37 -3.31 15.06
CA GLN A 39 -2.54 -3.58 13.87
C GLN A 39 -3.16 -4.61 12.91
N PHE A 40 -4.46 -4.88 13.06
CA PHE A 40 -5.28 -5.74 12.21
C PHE A 40 -6.62 -5.08 11.82
N ILE A 41 -7.21 -5.48 10.69
CA ILE A 41 -8.62 -5.22 10.31
C ILE A 41 -9.29 -6.49 9.77
N GLU A 42 -10.62 -6.50 9.71
CA GLU A 42 -11.42 -7.60 9.15
C GLU A 42 -11.45 -7.57 7.61
N TYR A 43 -11.58 -8.73 6.95
CA TYR A 43 -11.72 -8.82 5.49
C TYR A 43 -13.01 -8.18 4.97
N SER A 44 -14.05 -8.13 5.83
CA SER A 44 -15.35 -7.47 5.58
C SER A 44 -15.28 -5.94 5.48
N VAL A 45 -14.19 -5.32 5.94
CA VAL A 45 -13.93 -3.86 5.83
C VAL A 45 -12.68 -3.51 5.02
N LEU A 46 -11.81 -4.47 4.72
CA LEU A 46 -10.62 -4.26 3.90
C LEU A 46 -10.95 -3.73 2.50
N SER A 47 -12.05 -4.20 1.88
CA SER A 47 -12.56 -3.71 0.60
C SER A 47 -13.07 -2.26 0.63
N ASP A 48 -13.40 -1.72 1.81
CA ASP A 48 -13.73 -0.31 1.99
C ASP A 48 -12.49 0.53 2.38
N PHE A 49 -11.54 -0.03 3.15
CA PHE A 49 -10.21 0.55 3.39
C PHE A 49 -9.43 0.76 2.07
N ALA A 50 -9.41 -0.25 1.20
CA ALA A 50 -8.85 -0.19 -0.15
C ALA A 50 -9.41 0.97 -0.99
N ASP A 51 -10.66 1.37 -0.73
CA ASP A 51 -11.39 2.48 -1.38
C ASP A 51 -11.42 3.79 -0.53
N ALA A 52 -10.75 3.82 0.63
CA ALA A 52 -10.66 5.01 1.49
C ALA A 52 -9.32 5.76 1.33
N LEU A 53 -8.29 5.07 0.83
CA LEU A 53 -6.96 5.61 0.52
C LEU A 53 -7.00 6.63 -0.63
N SER A 54 -5.94 7.44 -0.73
CA SER A 54 -5.64 8.23 -1.94
C SER A 54 -4.86 7.40 -2.96
N GLU A 55 -4.91 7.80 -4.23
CA GLU A 55 -4.04 7.24 -5.28
C GLU A 55 -2.54 7.47 -4.94
N PRO A 56 -1.62 6.59 -5.37
CA PRO A 56 -1.84 5.39 -6.17
C PRO A 56 -2.22 4.12 -5.37
N LEU A 57 -2.11 4.13 -4.02
CA LEU A 57 -2.41 2.95 -3.18
C LEU A 57 -3.89 2.54 -3.21
N ARG A 58 -4.80 3.51 -3.46
CA ARG A 58 -6.23 3.34 -3.75
C ARG A 58 -6.52 2.22 -4.77
N ILE A 59 -7.36 1.27 -4.39
CA ILE A 59 -8.03 0.30 -5.27
C ILE A 59 -9.53 0.58 -5.21
N ALA A 60 -10.01 1.46 -6.09
CA ALA A 60 -11.41 1.91 -6.10
C ALA A 60 -12.39 0.77 -6.44
N LYS A 61 -13.62 0.86 -5.91
CA LYS A 61 -14.66 -0.18 -6.12
C LYS A 61 -15.12 -0.27 -7.61
N PRO A 62 -15.58 -1.46 -8.06
CA PRO A 62 -15.48 -2.75 -7.39
C PRO A 62 -14.03 -3.28 -7.37
N ASN A 63 -13.57 -3.70 -6.19
CA ASN A 63 -12.21 -4.19 -5.94
C ASN A 63 -12.13 -5.64 -5.44
N GLN A 64 -13.27 -6.35 -5.29
CA GLN A 64 -13.28 -7.73 -4.81
C GLN A 64 -12.39 -8.67 -5.64
N ILE A 65 -12.38 -8.54 -6.97
CA ILE A 65 -11.52 -9.33 -7.87
C ILE A 65 -10.05 -8.94 -7.71
N SER A 66 -9.75 -7.64 -7.62
CA SER A 66 -8.42 -7.07 -7.36
C SER A 66 -7.80 -7.64 -6.08
N LEU A 67 -8.56 -7.66 -4.98
CA LEU A 67 -8.16 -8.20 -3.68
C LEU A 67 -8.03 -9.73 -3.67
N ILE A 68 -8.92 -10.47 -4.36
CA ILE A 68 -8.81 -11.93 -4.55
C ILE A 68 -7.50 -12.31 -5.28
N ASN A 69 -7.03 -11.48 -6.22
CA ASN A 69 -5.75 -11.67 -6.92
C ASN A 69 -4.50 -11.32 -6.08
N MET A 70 -4.63 -10.65 -4.92
CA MET A 70 -3.53 -10.41 -3.97
C MET A 70 -3.27 -11.64 -3.06
N ASP A 71 -2.17 -11.60 -2.32
CA ASP A 71 -1.68 -12.66 -1.43
C ASP A 71 -2.12 -12.50 0.05
N LEU A 72 -3.10 -11.61 0.32
CA LEU A 72 -3.59 -11.20 1.65
C LEU A 72 -3.89 -12.40 2.59
N PRO A 73 -3.17 -12.57 3.72
CA PRO A 73 -3.36 -13.68 4.65
C PRO A 73 -4.63 -13.53 5.52
N MET A 74 -4.89 -14.53 6.38
CA MET A 74 -5.93 -14.49 7.42
C MET A 74 -5.35 -14.99 8.75
N VAL A 75 -5.01 -14.05 9.65
CA VAL A 75 -4.30 -14.32 10.92
C VAL A 75 -5.17 -15.04 11.97
N SER A 76 -6.49 -14.87 11.90
CA SER A 76 -7.51 -15.40 12.82
C SER A 76 -8.54 -16.34 12.18
N GLY A 77 -8.44 -16.54 10.86
CA GLY A 77 -9.51 -17.05 10.00
C GLY A 77 -10.32 -15.95 9.30
N ASP A 78 -10.05 -14.67 9.59
CA ASP A 78 -10.61 -13.51 8.86
C ASP A 78 -9.66 -12.30 8.79
N ARG A 79 -9.11 -11.86 9.94
CA ARG A 79 -8.33 -10.61 10.04
C ARG A 79 -7.03 -10.62 9.24
N ILE A 80 -6.54 -9.44 8.85
CA ILE A 80 -5.32 -9.23 8.06
C ILE A 80 -4.43 -8.16 8.73
N HIS A 81 -3.13 -8.44 8.84
CA HIS A 81 -2.11 -7.55 9.42
C HIS A 81 -1.76 -6.35 8.54
N CYS A 82 -1.63 -5.16 9.15
CA CYS A 82 -1.37 -3.87 8.50
C CYS A 82 -0.25 -3.90 7.44
N MET A 83 0.96 -4.34 7.79
CA MET A 83 2.13 -4.31 6.90
C MET A 83 2.03 -5.29 5.73
N ASP A 84 1.31 -6.40 5.87
CA ASP A 84 1.08 -7.37 4.79
C ASP A 84 0.10 -6.80 3.74
N ILE A 85 -0.91 -6.05 4.18
CA ILE A 85 -1.80 -5.27 3.29
C ILE A 85 -1.00 -4.18 2.57
N LEU A 86 -0.21 -3.40 3.31
CA LEU A 86 0.67 -2.36 2.78
C LEU A 86 1.60 -2.92 1.70
N PHE A 87 2.28 -4.04 1.97
CA PHE A 87 3.16 -4.75 1.05
C PHE A 87 2.45 -5.12 -0.27
N ALA A 88 1.27 -5.73 -0.20
CA ALA A 88 0.44 -6.04 -1.39
C ALA A 88 0.05 -4.76 -2.17
N PHE A 89 -0.44 -3.72 -1.49
CA PHE A 89 -0.92 -2.47 -2.08
C PHE A 89 0.23 -1.66 -2.72
N THR A 90 1.43 -1.65 -2.14
CA THR A 90 2.63 -0.99 -2.69
C THR A 90 3.23 -1.77 -3.87
N LYS A 91 3.34 -3.11 -3.80
CA LYS A 91 3.85 -3.96 -4.91
C LYS A 91 3.10 -3.74 -6.23
N ARG A 92 1.77 -3.57 -6.16
CA ARG A 92 0.90 -3.17 -7.28
C ARG A 92 1.37 -1.90 -8.00
N VAL A 93 1.72 -0.86 -7.24
CA VAL A 93 2.25 0.42 -7.76
C VAL A 93 3.70 0.27 -8.26
N LEU A 94 4.54 -0.43 -7.50
CA LEU A 94 5.96 -0.71 -7.81
C LEU A 94 6.17 -1.63 -9.03
N GLY A 95 5.12 -2.32 -9.50
CA GLY A 95 5.16 -3.25 -10.63
C GLY A 95 5.72 -4.64 -10.27
N GLU A 96 5.72 -5.01 -9.00
CA GLU A 96 6.32 -6.24 -8.47
C GLU A 96 5.32 -7.39 -8.22
N SER A 97 4.04 -7.18 -8.55
CA SER A 97 2.97 -8.19 -8.50
C SER A 97 3.30 -9.46 -9.32
N GLY A 1 30.15 12.18 -10.42
CA GLY A 1 30.74 12.68 -11.68
C GLY A 1 30.00 13.88 -12.24
N PRO A 2 30.49 14.46 -13.36
CA PRO A 2 29.87 15.60 -14.04
C PRO A 2 28.57 15.22 -14.78
N GLY A 3 27.89 16.23 -15.33
CA GLY A 3 26.67 16.10 -16.12
C GLY A 3 26.47 17.23 -17.14
N SER A 4 25.34 17.18 -17.87
CA SER A 4 24.94 18.14 -18.91
C SER A 4 23.43 18.42 -18.87
N GLU A 5 22.99 19.50 -19.53
CA GLU A 5 21.60 19.94 -19.72
C GLU A 5 20.72 19.87 -18.45
N ASN A 6 20.85 20.90 -17.59
CA ASN A 6 20.02 21.14 -16.40
C ASN A 6 20.04 20.01 -15.33
N PHE A 7 21.10 19.19 -15.29
CA PHE A 7 21.30 18.09 -14.33
C PHE A 7 21.33 18.51 -12.84
N SER A 8 21.47 19.80 -12.54
CA SER A 8 21.36 20.40 -11.20
C SER A 8 19.91 20.42 -10.68
N VAL A 9 19.35 19.24 -10.38
CA VAL A 9 17.95 19.03 -9.97
C VAL A 9 17.60 19.53 -8.55
N ALA A 10 18.59 19.96 -7.77
CA ALA A 10 18.46 20.47 -6.40
C ALA A 10 17.73 19.52 -5.39
N THR A 11 17.75 18.22 -5.66
CA THR A 11 17.17 17.13 -4.86
C THR A 11 18.05 15.86 -4.91
N GLU A 12 17.59 14.75 -4.32
CA GLU A 12 18.28 13.45 -4.29
C GLU A 12 18.60 12.90 -5.69
N GLU A 13 19.67 12.09 -5.78
CA GLU A 13 20.17 11.52 -7.04
C GLU A 13 19.31 10.36 -7.64
N SER A 14 18.31 9.89 -6.90
CA SER A 14 17.35 8.84 -7.29
C SER A 14 15.93 9.20 -6.82
N THR A 15 14.93 8.64 -7.51
CA THR A 15 13.50 8.96 -7.30
C THR A 15 12.64 7.68 -7.33
N GLU A 16 12.36 7.10 -6.16
CA GLU A 16 11.44 5.97 -6.01
C GLU A 16 9.97 6.38 -6.28
N PRO A 17 9.08 5.44 -6.68
CA PRO A 17 7.69 5.74 -7.01
C PRO A 17 6.78 5.95 -5.76
N LEU A 18 7.30 5.71 -4.56
CA LEU A 18 6.65 5.90 -3.26
C LEU A 18 7.55 6.69 -2.31
N SER A 19 6.93 7.33 -1.31
CA SER A 19 7.58 8.19 -0.30
C SER A 19 6.93 8.06 1.08
N GLU A 20 7.51 8.73 2.08
CA GLU A 20 6.94 8.81 3.44
C GLU A 20 5.55 9.47 3.49
N ASP A 21 5.20 10.32 2.52
CA ASP A 21 3.86 10.91 2.38
C ASP A 21 2.78 9.87 2.03
N ASP A 22 3.12 8.88 1.19
CA ASP A 22 2.23 7.75 0.84
C ASP A 22 2.01 6.83 2.05
N PHE A 23 3.07 6.56 2.83
CA PHE A 23 2.97 5.76 4.06
C PHE A 23 2.18 6.50 5.16
N ASP A 24 2.42 7.81 5.35
CA ASP A 24 1.65 8.66 6.27
C ASP A 24 0.14 8.69 5.92
N MET A 25 -0.19 8.78 4.62
CA MET A 25 -1.58 8.62 4.13
C MET A 25 -2.16 7.27 4.53
N PHE A 26 -1.45 6.16 4.28
CA PHE A 26 -1.88 4.83 4.71
C PHE A 26 -2.16 4.77 6.23
N TYR A 27 -1.23 5.21 7.08
CA TYR A 27 -1.41 5.23 8.54
C TYR A 27 -2.58 6.10 9.01
N GLU A 28 -2.81 7.26 8.38
CA GLU A 28 -3.94 8.15 8.68
C GLU A 28 -5.29 7.49 8.36
N ILE A 29 -5.46 6.95 7.15
CA ILE A 29 -6.69 6.27 6.71
C ILE A 29 -6.89 4.93 7.43
N TRP A 30 -5.83 4.24 7.85
CA TRP A 30 -5.88 2.99 8.62
C TRP A 30 -6.63 3.16 9.96
N GLU A 31 -6.39 4.25 10.68
CA GLU A 31 -6.99 4.54 11.99
C GLU A 31 -8.54 4.62 11.96
N LYS A 32 -9.11 4.93 10.79
CA LYS A 32 -10.55 4.97 10.51
C LYS A 32 -11.23 3.58 10.59
N PHE A 33 -10.46 2.51 10.38
CA PHE A 33 -10.89 1.10 10.44
C PHE A 33 -10.28 0.33 11.62
N ASP A 34 -9.18 0.83 12.19
CA ASP A 34 -8.51 0.33 13.39
C ASP A 34 -8.36 1.45 14.45
N PRO A 35 -9.45 1.82 15.15
CA PRO A 35 -9.41 2.77 16.26
C PRO A 35 -8.80 2.16 17.53
N GLU A 36 -8.68 0.83 17.59
CA GLU A 36 -8.03 0.07 18.67
C GLU A 36 -6.49 0.10 18.60
N ALA A 37 -5.91 0.53 17.47
CA ALA A 37 -4.48 0.40 17.13
C ALA A 37 -3.96 -1.05 17.20
N THR A 38 -4.84 -2.05 17.05
CA THR A 38 -4.52 -3.49 17.14
C THR A 38 -3.66 -3.99 15.97
N GLN A 39 -3.50 -3.19 14.89
CA GLN A 39 -2.73 -3.47 13.67
C GLN A 39 -3.31 -4.60 12.80
N PHE A 40 -4.58 -4.92 13.02
CA PHE A 40 -5.41 -5.86 12.24
C PHE A 40 -6.76 -5.25 11.86
N ILE A 41 -7.34 -5.68 10.72
CA ILE A 41 -8.75 -5.45 10.34
C ILE A 41 -9.36 -6.72 9.72
N GLU A 42 -10.70 -6.81 9.65
CA GLU A 42 -11.41 -7.90 8.96
C GLU A 42 -11.40 -7.74 7.43
N TYR A 43 -11.47 -8.86 6.70
CA TYR A 43 -11.55 -8.87 5.23
C TYR A 43 -12.76 -8.08 4.69
N SER A 44 -13.89 -8.12 5.41
CA SER A 44 -15.15 -7.42 5.10
C SER A 44 -15.04 -5.88 5.13
N VAL A 45 -14.01 -5.32 5.79
CA VAL A 45 -13.74 -3.86 5.82
C VAL A 45 -12.42 -3.48 5.16
N LEU A 46 -11.54 -4.43 4.85
CA LEU A 46 -10.38 -4.25 3.96
C LEU A 46 -10.83 -3.70 2.60
N SER A 47 -11.93 -4.21 2.04
CA SER A 47 -12.55 -3.72 0.80
C SER A 47 -12.91 -2.22 0.85
N ASP A 48 -13.47 -1.75 1.97
CA ASP A 48 -13.84 -0.35 2.15
C ASP A 48 -12.61 0.54 2.46
N PHE A 49 -11.65 0.04 3.23
CA PHE A 49 -10.33 0.66 3.45
C PHE A 49 -9.54 0.89 2.15
N ALA A 50 -9.49 -0.13 1.28
CA ALA A 50 -8.87 -0.05 -0.05
C ALA A 50 -9.46 1.06 -0.93
N ASP A 51 -10.72 1.42 -0.73
CA ASP A 51 -11.42 2.53 -1.41
C ASP A 51 -11.37 3.87 -0.65
N ALA A 52 -10.86 3.90 0.58
CA ALA A 52 -10.79 5.12 1.42
C ALA A 52 -9.49 5.93 1.20
N LEU A 53 -8.46 5.29 0.65
CA LEU A 53 -7.16 5.86 0.31
C LEU A 53 -7.23 6.74 -0.96
N SER A 54 -6.14 7.45 -1.26
CA SER A 54 -5.89 8.02 -2.59
C SER A 54 -4.89 7.17 -3.38
N GLU A 55 -4.80 7.40 -4.68
CA GLU A 55 -3.83 6.71 -5.55
C GLU A 55 -2.37 7.06 -5.13
N PRO A 56 -1.37 6.20 -5.44
CA PRO A 56 -1.48 4.85 -6.03
C PRO A 56 -2.10 3.77 -5.15
N LEU A 57 -2.10 3.93 -3.81
CA LEU A 57 -2.46 2.85 -2.87
C LEU A 57 -3.94 2.45 -2.91
N ARG A 58 -4.81 3.36 -3.33
CA ARG A 58 -6.23 3.17 -3.67
C ARG A 58 -6.47 2.00 -4.66
N ILE A 59 -7.50 1.21 -4.38
CA ILE A 59 -8.15 0.27 -5.30
C ILE A 59 -9.65 0.60 -5.34
N ALA A 60 -10.07 1.39 -6.33
CA ALA A 60 -11.46 1.86 -6.46
C ALA A 60 -12.46 0.70 -6.62
N LYS A 61 -13.67 0.86 -6.06
CA LYS A 61 -14.76 -0.14 -6.11
C LYS A 61 -15.29 -0.38 -7.55
N PRO A 62 -15.87 -1.56 -7.85
CA PRO A 62 -15.88 -2.77 -7.01
C PRO A 62 -14.48 -3.42 -6.96
N ASN A 63 -14.02 -3.75 -5.74
CA ASN A 63 -12.67 -4.25 -5.46
C ASN A 63 -12.62 -5.60 -4.72
N GLN A 64 -13.76 -6.24 -4.42
CA GLN A 64 -13.79 -7.58 -3.82
C GLN A 64 -13.05 -8.63 -4.68
N ILE A 65 -13.13 -8.51 -6.01
CA ILE A 65 -12.41 -9.35 -6.98
C ILE A 65 -10.91 -9.04 -6.97
N SER A 66 -10.53 -7.76 -6.83
CA SER A 66 -9.16 -7.30 -6.67
C SER A 66 -8.48 -7.93 -5.45
N LEU A 67 -9.15 -7.94 -4.28
CA LEU A 67 -8.62 -8.60 -3.06
C LEU A 67 -8.38 -10.10 -3.26
N ILE A 68 -9.30 -10.79 -3.95
CA ILE A 68 -9.20 -12.23 -4.28
C ILE A 68 -8.01 -12.51 -5.22
N ASN A 69 -7.65 -11.57 -6.09
CA ASN A 69 -6.48 -11.67 -6.98
C ASN A 69 -5.14 -11.30 -6.30
N MET A 70 -5.15 -10.59 -5.17
CA MET A 70 -3.96 -10.33 -4.34
C MET A 70 -3.55 -11.57 -3.51
N ASP A 71 -2.34 -11.51 -2.94
CA ASP A 71 -1.71 -12.54 -2.10
C ASP A 71 -2.04 -12.39 -0.59
N LEU A 72 -3.04 -11.56 -0.24
CA LEU A 72 -3.44 -11.19 1.13
C LEU A 72 -3.63 -12.43 2.05
N PRO A 73 -2.86 -12.54 3.16
CA PRO A 73 -2.98 -13.64 4.13
C PRO A 73 -4.21 -13.45 5.05
N MET A 74 -4.41 -14.39 5.98
CA MET A 74 -5.33 -14.25 7.13
C MET A 74 -4.66 -14.78 8.41
N VAL A 75 -4.53 -13.94 9.43
CA VAL A 75 -3.87 -14.29 10.71
C VAL A 75 -4.74 -15.16 11.64
N SER A 76 -6.06 -15.15 11.43
CA SER A 76 -7.09 -15.82 12.25
C SER A 76 -8.08 -16.68 11.45
N GLY A 77 -8.03 -16.59 10.10
CA GLY A 77 -9.09 -17.05 9.19
C GLY A 77 -10.16 -15.96 8.86
N ASP A 78 -10.05 -14.76 9.43
CA ASP A 78 -10.94 -13.61 9.14
C ASP A 78 -10.30 -12.21 9.17
N ARG A 79 -9.12 -12.03 9.79
CA ARG A 79 -8.39 -10.76 9.94
C ARG A 79 -7.03 -10.78 9.25
N ILE A 80 -6.51 -9.59 8.93
CA ILE A 80 -5.33 -9.35 8.10
C ILE A 80 -4.49 -8.19 8.68
N HIS A 81 -3.18 -8.37 8.75
CA HIS A 81 -2.19 -7.47 9.34
C HIS A 81 -1.84 -6.25 8.46
N CYS A 82 -1.70 -5.07 9.08
CA CYS A 82 -1.47 -3.78 8.42
C CYS A 82 -0.31 -3.76 7.40
N MET A 83 0.86 -4.28 7.78
CA MET A 83 2.05 -4.30 6.92
C MET A 83 1.87 -5.18 5.68
N ASP A 84 1.19 -6.33 5.83
CA ASP A 84 0.91 -7.27 4.72
C ASP A 84 -0.09 -6.69 3.71
N ILE A 85 -1.07 -5.92 4.18
CA ILE A 85 -2.01 -5.15 3.34
C ILE A 85 -1.26 -4.07 2.57
N LEU A 86 -0.45 -3.24 3.24
CA LEU A 86 0.41 -2.24 2.59
C LEU A 86 1.30 -2.89 1.52
N PHE A 87 2.02 -3.96 1.88
CA PHE A 87 2.90 -4.71 0.98
C PHE A 87 2.18 -5.20 -0.29
N ALA A 88 1.00 -5.78 -0.17
CA ALA A 88 0.15 -6.17 -1.31
C ALA A 88 -0.22 -4.97 -2.21
N PHE A 89 -0.54 -3.81 -1.61
CA PHE A 89 -0.87 -2.58 -2.35
C PHE A 89 0.37 -1.94 -3.03
N THR A 90 1.57 -1.99 -2.43
CA THR A 90 2.79 -1.36 -2.94
C THR A 90 3.50 -2.16 -4.04
N LYS A 91 3.42 -3.50 -4.05
CA LYS A 91 4.09 -4.35 -5.08
C LYS A 91 3.77 -3.94 -6.52
N ARG A 92 2.50 -3.70 -6.84
CA ARG A 92 2.03 -3.22 -8.15
C ARG A 92 2.50 -1.81 -8.52
N VAL A 93 2.84 -0.96 -7.55
CA VAL A 93 3.43 0.37 -7.73
C VAL A 93 4.95 0.27 -7.97
N LEU A 94 5.62 -0.59 -7.21
CA LEU A 94 7.05 -0.88 -7.29
C LEU A 94 7.46 -1.72 -8.52
N GLY A 95 6.51 -2.38 -9.19
CA GLY A 95 6.74 -3.27 -10.34
C GLY A 95 7.07 -4.72 -9.96
N GLU A 96 6.87 -5.11 -8.71
CA GLU A 96 7.19 -6.43 -8.14
C GLU A 96 5.98 -7.41 -8.12
N SER A 97 4.79 -6.95 -8.54
CA SER A 97 3.56 -7.74 -8.69
C SER A 97 3.69 -8.95 -9.64
#